data_2MSX
#
_entry.id   2MSX
#
_entity_poly.entity_id   1
_entity_poly.type   'polypeptide(L)'
_entity_poly.pdbx_seq_one_letter_code
;GADCLNSFTAGVPGFVLDTQASVSNGATFLESPTVRRGWDCVRACCTTQNCNLALVELQPDRGEDAIAACFLINCLYEQN
FVCKFAPREGFINYLTREVYRSYRQLVDHHHHHH
;
_entity_poly.pdbx_strand_id   A
#
# COMPACT_ATOMS: atom_id res chain seq x y z
N GLY A 1 -3.34 -24.72 5.96
CA GLY A 1 -1.93 -24.83 5.56
C GLY A 1 -1.22 -23.55 5.78
N ALA A 2 -0.12 -23.29 5.08
CA ALA A 2 0.61 -22.03 5.20
C ALA A 2 -0.19 -20.79 4.63
N ASP A 3 0.10 -19.59 5.14
CA ASP A 3 -0.59 -18.36 4.70
C ASP A 3 0.32 -17.10 4.62
N CYS A 4 0.30 -16.43 3.48
CA CYS A 4 1.12 -15.23 3.22
C CYS A 4 0.57 -13.85 3.67
N LEU A 5 -0.65 -13.77 4.17
CA LEU A 5 -1.21 -12.49 4.67
C LEU A 5 -0.43 -11.93 5.89
N ASN A 6 0.25 -12.82 6.60
CA ASN A 6 1.13 -12.47 7.72
C ASN A 6 2.50 -11.83 7.30
N SER A 7 2.71 -11.70 5.99
CA SER A 7 3.92 -11.03 5.43
C SER A 7 3.68 -9.54 5.07
N PHE A 8 2.48 -9.06 5.37
CA PHE A 8 2.08 -7.65 5.13
C PHE A 8 1.67 -6.87 6.39
N THR A 9 1.93 -5.57 6.36
CA THR A 9 1.53 -4.64 7.45
C THR A 9 0.94 -3.34 6.92
N ALA A 10 -0.22 -2.94 7.42
CA ALA A 10 -0.86 -1.70 6.98
C ALA A 10 -0.09 -0.42 7.42
N GLY A 11 -0.01 0.57 6.53
CA GLY A 11 0.61 1.86 6.86
C GLY A 11 -0.29 2.75 7.71
N VAL A 12 0.28 3.74 8.39
CA VAL A 12 -0.53 4.63 9.27
C VAL A 12 -1.60 5.42 8.49
N PRO A 13 -2.81 5.55 9.07
CA PRO A 13 -3.83 6.30 8.31
C PRO A 13 -3.56 7.82 8.30
N GLY A 14 -4.14 8.50 7.32
CA GLY A 14 -3.92 9.93 7.12
C GLY A 14 -3.02 10.22 5.92
N PHE A 15 -2.10 9.32 5.62
CA PHE A 15 -1.21 9.41 4.44
C PHE A 15 -1.22 8.15 3.54
N VAL A 16 -1.52 8.35 2.26
CA VAL A 16 -1.51 7.25 1.23
C VAL A 16 -0.81 7.56 -0.09
N LEU A 17 -0.60 6.50 -0.86
CA LEU A 17 -0.04 6.59 -2.23
C LEU A 17 -0.97 7.38 -3.21
N ASP A 18 -0.38 8.32 -3.93
CA ASP A 18 -1.10 9.10 -4.97
C ASP A 18 -1.13 8.39 -6.36
N THR A 19 -0.38 7.30 -6.43
CA THR A 19 -0.13 6.44 -7.62
C THR A 19 0.47 7.11 -8.86
N GLN A 20 -0.22 8.08 -9.44
CA GLN A 20 0.23 8.76 -10.66
C GLN A 20 1.58 9.53 -10.54
N ALA A 21 1.90 10.08 -9.38
CA ALA A 21 3.17 10.78 -9.20
C ALA A 21 4.32 9.77 -9.02
N SER A 22 4.04 8.64 -8.39
CA SER A 22 5.07 7.60 -8.20
C SER A 22 5.38 6.83 -9.47
N VAL A 23 4.35 6.56 -10.27
CA VAL A 23 4.55 5.86 -11.59
C VAL A 23 5.24 6.75 -12.60
N SER A 24 5.13 8.06 -12.41
CA SER A 24 5.90 9.05 -13.18
C SER A 24 7.34 9.24 -12.65
N ASN A 25 7.61 8.65 -11.49
CA ASN A 25 8.93 8.68 -10.84
C ASN A 25 9.66 7.30 -10.92
N GLY A 26 8.93 6.31 -11.44
CA GLY A 26 9.46 4.96 -11.64
C GLY A 26 8.65 3.74 -11.20
N ALA A 27 7.61 3.93 -10.39
CA ALA A 27 6.72 2.84 -9.95
C ALA A 27 5.87 2.24 -11.08
N THR A 28 5.35 1.06 -10.82
CA THR A 28 4.47 0.38 -11.80
C THR A 28 3.15 -0.10 -11.24
N PHE A 29 2.08 0.33 -11.89
CA PHE A 29 0.73 -0.17 -11.59
C PHE A 29 0.56 -1.54 -12.31
N LEU A 30 0.51 -2.62 -11.54
CA LEU A 30 0.48 -3.99 -12.11
C LEU A 30 -0.88 -4.71 -12.08
N GLU A 31 -1.50 -4.74 -10.91
CA GLU A 31 -2.84 -5.35 -10.76
C GLU A 31 -3.89 -4.40 -10.11
N SER A 32 -5.13 -4.52 -10.55
CA SER A 32 -6.22 -3.65 -10.03
C SER A 32 -7.56 -4.37 -9.71
N PRO A 33 -7.58 -5.23 -8.66
CA PRO A 33 -8.79 -5.98 -8.31
C PRO A 33 -10.02 -5.17 -7.90
N THR A 34 -11.18 -5.76 -8.16
CA THR A 34 -12.51 -5.20 -7.78
C THR A 34 -13.09 -5.91 -6.54
N VAL A 35 -12.18 -6.41 -5.71
CA VAL A 35 -12.54 -7.06 -4.42
C VAL A 35 -13.15 -6.08 -3.44
N ARG A 36 -13.90 -6.61 -2.49
CA ARG A 36 -14.66 -5.81 -1.51
C ARG A 36 -14.25 -5.92 -0.03
N ARG A 37 -13.06 -6.47 0.21
CA ARG A 37 -12.44 -6.50 1.58
C ARG A 37 -10.94 -6.24 1.57
N GLY A 38 -10.44 -5.56 2.61
CA GLY A 38 -9.01 -5.25 2.69
C GLY A 38 -8.07 -6.45 2.61
N TRP A 39 -8.37 -7.54 3.31
CA TRP A 39 -7.58 -8.79 3.20
C TRP A 39 -7.72 -9.53 1.85
N ASP A 40 -8.79 -9.27 1.11
CA ASP A 40 -8.94 -9.80 -0.26
C ASP A 40 -8.03 -9.02 -1.26
N CYS A 41 -7.70 -7.78 -0.90
CA CYS A 41 -6.74 -6.95 -1.66
C CYS A 41 -5.27 -7.35 -1.34
N VAL A 42 -5.00 -7.64 -0.07
CA VAL A 42 -3.65 -8.09 0.37
C VAL A 42 -3.25 -9.46 -0.22
N ARG A 43 -4.19 -10.41 -0.25
CA ARG A 43 -3.92 -11.75 -0.86
C ARG A 43 -3.62 -11.66 -2.38
N ALA A 44 -4.12 -10.62 -3.02
CA ALA A 44 -3.78 -10.37 -4.43
C ALA A 44 -2.30 -9.87 -4.59
N CYS A 45 -1.82 -9.07 -3.65
CA CYS A 45 -0.41 -8.60 -3.69
C CYS A 45 0.59 -9.73 -3.34
N CYS A 46 0.08 -10.75 -2.67
CA CYS A 46 0.85 -11.99 -2.41
C CYS A 46 1.04 -12.87 -3.68
N THR A 47 0.06 -12.87 -4.57
CA THR A 47 0.15 -13.64 -5.85
C THR A 47 0.74 -12.87 -7.02
N THR A 48 0.67 -11.54 -6.96
CA THR A 48 1.36 -10.67 -7.94
C THR A 48 2.82 -10.46 -7.54
N GLN A 49 3.72 -11.19 -8.19
CA GLN A 49 5.15 -11.23 -7.79
C GLN A 49 5.92 -9.91 -7.60
N ASN A 50 5.66 -8.92 -8.43
CA ASN A 50 6.32 -7.61 -8.32
C ASN A 50 5.49 -6.54 -7.54
N CYS A 51 4.48 -6.99 -6.82
CA CYS A 51 3.67 -6.08 -5.97
C CYS A 51 4.25 -5.86 -4.54
N ASN A 52 4.52 -4.60 -4.21
CA ASN A 52 5.06 -4.24 -2.88
C ASN A 52 4.09 -3.34 -2.05
N LEU A 53 3.16 -2.71 -2.76
CA LEU A 53 2.14 -1.83 -2.17
C LEU A 53 0.70 -2.22 -2.61
N ALA A 54 -0.20 -2.31 -1.65
CA ALA A 54 -1.63 -2.60 -1.90
C ALA A 54 -2.59 -1.53 -1.31
N LEU A 55 -2.99 -0.60 -2.16
CA LEU A 55 -3.85 0.55 -1.83
C LEU A 55 -5.37 0.24 -1.92
N VAL A 56 -6.14 0.69 -0.95
CA VAL A 56 -7.62 0.49 -0.95
C VAL A 56 -8.47 1.70 -0.63
N GLU A 57 -9.68 1.69 -1.18
CA GLU A 57 -10.71 2.72 -0.94
C GLU A 57 -11.78 2.20 0.04
N LEU A 58 -12.03 2.90 1.15
CA LEU A 58 -12.99 2.43 2.18
C LEU A 58 -14.45 2.96 2.00
N GLN A 59 -15.31 2.63 2.96
CA GLN A 59 -16.73 3.12 3.03
C GLN A 59 -17.73 2.69 1.90
N PRO A 60 -17.62 1.44 1.39
CA PRO A 60 -18.63 1.01 0.39
C PRO A 60 -20.05 0.78 0.93
N ASP A 61 -20.16 0.02 2.01
CA ASP A 61 -21.44 -0.29 2.69
C ASP A 61 -21.27 -0.52 4.22
N ARG A 62 -20.23 -1.27 4.57
CA ARG A 62 -19.83 -1.59 5.97
C ARG A 62 -18.87 -0.62 6.65
N GLY A 63 -18.37 0.33 5.89
CA GLY A 63 -17.36 1.26 6.41
C GLY A 63 -15.90 0.78 6.39
N GLU A 64 -15.57 -0.12 7.31
CA GLU A 64 -14.19 -0.66 7.44
C GLU A 64 -14.09 -2.20 7.37
N ASP A 65 -15.20 -2.92 7.53
CA ASP A 65 -15.19 -4.38 7.28
C ASP A 65 -14.97 -4.66 5.77
N ALA A 66 -15.28 -3.64 4.97
CA ALA A 66 -15.29 -3.72 3.52
C ALA A 66 -14.61 -2.52 2.80
N ILE A 67 -14.26 -2.74 1.54
CA ILE A 67 -13.64 -1.71 0.68
C ILE A 67 -14.36 -1.58 -0.67
N ALA A 68 -14.26 -0.41 -1.28
CA ALA A 68 -14.88 -0.12 -2.58
C ALA A 68 -14.01 -0.58 -3.79
N ALA A 69 -12.70 -0.42 -3.65
CA ALA A 69 -11.76 -0.80 -4.72
C ALA A 69 -10.31 -1.15 -4.22
N CYS A 70 -9.57 -1.88 -5.04
CA CYS A 70 -8.18 -2.30 -4.72
C CYS A 70 -7.13 -2.03 -5.85
N PHE A 71 -6.01 -1.40 -5.49
CA PHE A 71 -4.93 -1.03 -6.45
C PHE A 71 -3.52 -1.45 -6.01
N LEU A 72 -2.89 -2.31 -6.79
CA LEU A 72 -1.55 -2.82 -6.48
C LEU A 72 -0.43 -2.14 -7.29
N ILE A 73 0.57 -1.64 -6.57
CA ILE A 73 1.70 -0.90 -7.17
C ILE A 73 3.09 -1.40 -6.70
N ASN A 74 4.03 -1.49 -7.63
CA ASN A 74 5.41 -1.91 -7.32
C ASN A 74 6.21 -0.90 -6.43
N CYS A 75 6.03 0.39 -6.70
CA CYS A 75 6.65 1.50 -5.94
C CYS A 75 8.20 1.55 -5.83
N LEU A 76 8.86 0.75 -6.66
CA LEU A 76 10.32 0.67 -6.74
C LEU A 76 10.85 0.94 -8.16
N TYR A 77 12.04 1.51 -8.22
CA TYR A 77 12.73 1.80 -9.49
C TYR A 77 14.24 1.74 -9.33
N GLU A 78 14.89 0.87 -10.09
CA GLU A 78 16.33 0.57 -9.95
C GLU A 78 16.68 0.18 -8.48
N GLN A 79 15.75 -0.59 -7.89
CA GLN A 79 15.78 -1.04 -6.47
C GLN A 79 15.57 0.08 -5.41
N ASN A 80 15.28 1.29 -5.85
CA ASN A 80 15.02 2.42 -4.92
C ASN A 80 13.52 2.66 -4.64
N PHE A 81 13.26 3.21 -3.48
CA PHE A 81 11.87 3.50 -3.04
C PHE A 81 11.35 4.84 -3.60
N VAL A 82 10.76 4.78 -4.79
CA VAL A 82 10.24 5.98 -5.52
C VAL A 82 8.76 6.25 -5.26
N CYS A 83 8.24 5.58 -4.26
CA CYS A 83 6.84 5.71 -3.81
C CYS A 83 6.48 7.14 -3.31
N LYS A 84 5.42 7.72 -3.87
CA LYS A 84 4.98 9.11 -3.53
C LYS A 84 3.67 9.14 -2.74
N PHE A 85 3.56 10.10 -1.84
CA PHE A 85 2.42 10.18 -0.91
C PHE A 85 1.74 11.55 -0.71
N ALA A 86 0.49 11.50 -0.29
CA ALA A 86 -0.29 12.70 -0.01
C ALA A 86 -1.31 12.51 1.16
N PRO A 87 -1.72 13.63 1.83
CA PRO A 87 -2.76 13.46 2.86
C PRO A 87 -4.13 13.11 2.25
N ARG A 88 -4.91 12.33 2.97
CA ARG A 88 -6.22 11.83 2.44
C ARG A 88 -7.41 11.68 3.41
N GLU A 89 -8.56 11.34 2.86
CA GLU A 89 -9.78 11.03 3.64
C GLU A 89 -10.24 9.53 3.60
N GLY A 90 -10.63 9.04 2.42
CA GLY A 90 -11.15 7.67 2.27
C GLY A 90 -10.25 6.48 1.88
N PHE A 91 -8.94 6.54 2.10
CA PHE A 91 -8.01 5.44 1.69
C PHE A 91 -6.96 4.91 2.72
N ILE A 92 -6.49 3.69 2.50
CA ILE A 92 -5.25 3.16 3.17
C ILE A 92 -4.43 2.22 2.29
N ASN A 93 -3.16 2.03 2.62
CA ASN A 93 -2.32 1.05 1.92
C ASN A 93 -1.50 0.08 2.78
N TYR A 94 -1.56 -1.19 2.39
CA TYR A 94 -0.75 -2.26 2.98
C TYR A 94 0.65 -2.34 2.32
N LEU A 95 1.66 -2.56 3.15
CA LEU A 95 3.06 -2.69 2.71
C LEU A 95 3.58 -4.10 2.98
N THR A 96 4.60 -4.53 2.25
CA THR A 96 5.22 -5.86 2.55
C THR A 96 6.26 -5.71 3.63
N ARG A 97 6.64 -6.82 4.25
CA ARG A 97 7.72 -6.82 5.29
C ARG A 97 9.08 -6.28 4.80
N GLU A 98 9.26 -6.28 3.48
CA GLU A 98 10.43 -5.69 2.81
C GLU A 98 10.38 -4.13 2.63
N VAL A 99 9.20 -3.57 2.40
CA VAL A 99 9.04 -2.08 2.24
C VAL A 99 8.41 -1.33 3.41
N TYR A 100 7.75 -2.02 4.33
CA TYR A 100 7.17 -1.36 5.52
C TYR A 100 8.24 -0.70 6.42
N ARG A 101 9.43 -1.30 6.46
CA ARG A 101 10.60 -0.73 7.18
C ARG A 101 11.06 0.64 6.63
N SER A 102 10.74 0.92 5.38
CA SER A 102 10.98 2.26 4.76
C SER A 102 9.80 3.22 4.94
N TYR A 103 8.59 2.68 4.89
CA TYR A 103 7.35 3.47 5.07
C TYR A 103 7.25 4.15 6.44
N ARG A 104 7.81 3.51 7.45
CA ARG A 104 7.87 4.09 8.82
C ARG A 104 8.87 5.24 8.95
N GLN A 105 9.96 5.18 8.21
CA GLN A 105 11.01 6.23 8.24
C GLN A 105 10.56 7.60 7.68
N LEU A 106 9.46 7.61 6.91
CA LEU A 106 8.91 8.83 6.32
C LEU A 106 7.59 9.34 6.97
N VAL A 107 7.10 8.58 7.96
CA VAL A 107 5.91 9.01 8.77
C VAL A 107 6.16 9.20 10.28
N ASP A 108 7.21 8.57 10.81
CA ASP A 108 7.59 8.74 12.24
C ASP A 108 8.30 10.08 12.55
N HIS A 109 8.70 10.78 11.49
CA HIS A 109 9.40 12.07 11.60
C HIS A 109 8.77 13.19 10.74
N HIS A 110 8.80 14.42 11.23
CA HIS A 110 8.18 15.55 10.50
C HIS A 110 9.12 16.73 10.16
N HIS A 111 9.02 17.22 8.94
CA HIS A 111 9.86 18.36 8.46
C HIS A 111 9.55 19.73 9.11
N HIS A 112 8.27 20.04 9.28
CA HIS A 112 7.84 21.31 9.90
C HIS A 112 7.84 21.34 11.45
N HIS A 113 8.28 22.45 12.03
CA HIS A 113 8.22 22.63 13.50
C HIS A 113 6.78 22.93 14.03
N HIS A 114 5.87 23.25 13.12
CA HIS A 114 4.45 23.54 13.43
C HIS A 114 3.50 23.25 12.24
N GLY A 1 6.90 -20.50 -1.07
CA GLY A 1 7.37 -19.13 -0.82
C GLY A 1 6.93 -18.68 0.53
N ALA A 2 7.25 -17.46 0.94
CA ALA A 2 6.80 -16.94 2.24
C ALA A 2 5.24 -16.76 2.35
N ASP A 3 4.70 -16.91 3.55
CA ASP A 3 3.25 -16.82 3.77
C ASP A 3 2.56 -15.44 3.50
N CYS A 4 1.41 -15.50 2.84
CA CYS A 4 0.62 -14.28 2.56
C CYS A 4 0.09 -13.60 3.84
N LEU A 5 -0.01 -12.28 3.80
CA LEU A 5 -0.41 -11.42 4.96
C LEU A 5 0.58 -11.41 6.17
N ASN A 6 1.19 -12.55 6.49
CA ASN A 6 2.28 -12.61 7.48
C ASN A 6 3.53 -11.83 6.96
N SER A 7 3.71 -11.85 5.64
CA SER A 7 4.78 -11.07 4.94
C SER A 7 4.42 -9.58 4.72
N PHE A 8 3.26 -9.16 5.23
CA PHE A 8 2.75 -7.77 5.06
C PHE A 8 2.35 -7.05 6.37
N THR A 9 2.43 -5.72 6.34
CA THR A 9 1.95 -4.86 7.46
C THR A 9 1.27 -3.59 6.94
N ALA A 10 0.13 -3.24 7.51
CA ALA A 10 -0.60 -2.03 7.10
C ALA A 10 0.12 -0.70 7.47
N GLY A 11 0.05 0.29 6.58
CA GLY A 11 0.61 1.62 6.85
C GLY A 11 -0.33 2.49 7.67
N VAL A 12 0.19 3.57 8.25
CA VAL A 12 -0.65 4.47 9.09
C VAL A 12 -1.75 5.20 8.29
N PRO A 13 -2.95 5.38 8.90
CA PRO A 13 -3.99 6.11 8.16
C PRO A 13 -3.69 7.62 8.08
N GLY A 14 -4.39 8.32 7.19
CA GLY A 14 -4.14 9.75 6.99
C GLY A 14 -3.14 10.05 5.87
N PHE A 15 -2.22 9.14 5.61
CA PHE A 15 -1.23 9.26 4.50
C PHE A 15 -1.22 8.04 3.56
N VAL A 16 -1.52 8.27 2.29
CA VAL A 16 -1.50 7.18 1.25
C VAL A 16 -0.88 7.52 -0.09
N LEU A 17 -0.67 6.47 -0.88
CA LEU A 17 -0.15 6.57 -2.26
C LEU A 17 -1.04 7.40 -3.24
N ASP A 18 -0.41 8.30 -4.00
CA ASP A 18 -1.12 9.06 -5.07
C ASP A 18 -1.15 8.35 -6.45
N THR A 19 -0.40 7.26 -6.52
CA THR A 19 -0.14 6.40 -7.73
C THR A 19 0.44 7.08 -8.97
N GLN A 20 -0.23 8.08 -9.52
CA GLN A 20 0.23 8.76 -10.75
C GLN A 20 1.57 9.54 -10.66
N ALA A 21 1.91 10.06 -9.50
CA ALA A 21 3.18 10.79 -9.35
C ALA A 21 4.31 9.78 -9.11
N SER A 22 3.94 8.68 -8.47
CA SER A 22 4.83 7.57 -8.18
C SER A 22 5.24 6.82 -9.44
N VAL A 23 4.28 6.56 -10.31
CA VAL A 23 4.53 5.86 -11.60
C VAL A 23 5.28 6.73 -12.60
N SER A 24 5.20 8.03 -12.38
CA SER A 24 5.99 9.01 -13.15
C SER A 24 7.43 9.18 -12.62
N ASN A 25 7.68 8.61 -11.43
CA ASN A 25 9.00 8.63 -10.80
C ASN A 25 9.72 7.25 -10.85
N GLY A 26 8.99 6.26 -11.35
CA GLY A 26 9.52 4.90 -11.55
C GLY A 26 8.69 3.69 -11.09
N ALA A 27 7.64 3.95 -10.32
CA ALA A 27 6.71 2.90 -9.86
C ALA A 27 5.87 2.28 -11.02
N THR A 28 5.29 1.12 -10.75
CA THR A 28 4.46 0.44 -11.76
C THR A 28 3.13 -0.09 -11.25
N PHE A 29 2.07 0.29 -11.94
CA PHE A 29 0.74 -0.28 -11.70
C PHE A 29 0.62 -1.64 -12.41
N LEU A 30 0.48 -2.71 -11.65
CA LEU A 30 0.48 -4.09 -12.21
C LEU A 30 -0.87 -4.84 -12.16
N GLU A 31 -1.53 -4.79 -11.02
CA GLU A 31 -2.85 -5.42 -10.84
C GLU A 31 -3.96 -4.46 -10.32
N SER A 32 -5.18 -4.67 -10.77
CA SER A 32 -6.34 -3.80 -10.39
C SER A 32 -7.66 -4.52 -9.97
N PRO A 33 -7.61 -5.27 -8.85
CA PRO A 33 -8.81 -5.98 -8.37
C PRO A 33 -10.02 -5.14 -7.95
N THR A 34 -11.19 -5.73 -8.10
CA THR A 34 -12.49 -5.11 -7.65
C THR A 34 -13.02 -5.76 -6.36
N VAL A 35 -12.09 -6.31 -5.60
CA VAL A 35 -12.41 -6.98 -4.30
C VAL A 35 -13.03 -6.08 -3.24
N ARG A 36 -13.86 -6.72 -2.43
CA ARG A 36 -14.70 -6.06 -1.40
C ARG A 36 -14.18 -5.99 0.06
N ARG A 37 -12.99 -6.53 0.29
CA ARG A 37 -12.33 -6.51 1.64
C ARG A 37 -10.89 -5.99 1.62
N GLY A 38 -10.50 -5.26 2.66
CA GLY A 38 -9.11 -4.77 2.74
C GLY A 38 -8.10 -5.90 2.70
N TRP A 39 -8.42 -6.99 3.39
CA TRP A 39 -7.60 -8.21 3.36
C TRP A 39 -7.60 -8.99 2.01
N ASP A 40 -8.67 -8.87 1.23
CA ASP A 40 -8.71 -9.47 -0.13
C ASP A 40 -7.76 -8.71 -1.11
N CYS A 41 -7.54 -7.43 -0.85
CA CYS A 41 -6.63 -6.61 -1.66
C CYS A 41 -5.13 -6.95 -1.42
N VAL A 42 -4.76 -7.03 -0.14
CA VAL A 42 -3.36 -7.39 0.22
C VAL A 42 -2.98 -8.86 -0.05
N ARG A 43 -3.94 -9.78 0.08
CA ARG A 43 -3.69 -11.20 -0.35
C ARG A 43 -3.47 -11.33 -1.87
N ALA A 44 -4.04 -10.40 -2.65
CA ALA A 44 -3.77 -10.35 -4.09
C ALA A 44 -2.30 -9.88 -4.38
N CYS A 45 -1.81 -8.93 -3.59
CA CYS A 45 -0.41 -8.45 -3.71
C CYS A 45 0.63 -9.55 -3.36
N CYS A 46 0.20 -10.55 -2.60
CA CYS A 46 1.01 -11.75 -2.34
C CYS A 46 1.17 -12.64 -3.62
N THR A 47 0.08 -12.79 -4.38
CA THR A 47 0.10 -13.59 -5.63
C THR A 47 0.73 -12.89 -6.84
N THR A 48 0.69 -11.56 -6.85
CA THR A 48 1.38 -10.75 -7.89
C THR A 48 2.83 -10.51 -7.46
N GLN A 49 3.75 -11.28 -8.03
CA GLN A 49 5.16 -11.28 -7.59
C GLN A 49 5.90 -9.94 -7.47
N ASN A 50 5.65 -9.04 -8.41
CA ASN A 50 6.28 -7.73 -8.41
C ASN A 50 5.53 -6.60 -7.64
N CYS A 51 4.45 -6.99 -6.98
CA CYS A 51 3.66 -6.05 -6.15
C CYS A 51 4.23 -5.88 -4.71
N ASN A 52 4.44 -4.64 -4.30
CA ASN A 52 4.91 -4.34 -2.93
C ASN A 52 4.00 -3.37 -2.12
N LEU A 53 2.97 -2.85 -2.80
CA LEU A 53 1.97 -1.94 -2.20
C LEU A 53 0.52 -2.35 -2.61
N ALA A 54 -0.36 -2.41 -1.61
CA ALA A 54 -1.77 -2.76 -1.84
C ALA A 54 -2.74 -1.65 -1.34
N LEU A 55 -3.01 -0.71 -2.24
CA LEU A 55 -3.84 0.48 -1.96
C LEU A 55 -5.36 0.19 -1.99
N VAL A 56 -6.08 0.70 -1.00
CA VAL A 56 -7.57 0.54 -0.95
C VAL A 56 -8.40 1.79 -0.65
N GLU A 57 -9.61 1.76 -1.16
CA GLU A 57 -10.65 2.81 -0.92
C GLU A 57 -11.74 2.25 0.02
N LEU A 58 -11.99 2.93 1.14
CA LEU A 58 -12.94 2.42 2.16
C LEU A 58 -14.42 2.91 2.01
N GLN A 59 -15.22 2.69 3.06
CA GLN A 59 -16.65 3.13 3.19
C GLN A 59 -17.73 2.51 2.23
N PRO A 60 -17.61 1.20 1.87
CA PRO A 60 -18.64 0.61 1.00
C PRO A 60 -19.98 0.22 1.68
N ASP A 61 -19.88 -0.21 2.94
CA ASP A 61 -21.03 -0.70 3.74
C ASP A 61 -20.68 -0.84 5.26
N ARG A 62 -19.47 -1.36 5.54
CA ARG A 62 -19.04 -1.69 6.93
C ARG A 62 -17.97 -0.84 7.59
N GLY A 63 -17.53 0.16 6.85
CA GLY A 63 -16.50 1.10 7.30
C GLY A 63 -15.13 0.92 6.66
N GLU A 64 -14.27 0.17 7.33
CA GLU A 64 -12.87 -0.05 6.87
C GLU A 64 -12.47 -1.52 6.64
N ASP A 65 -13.10 -2.43 7.38
CA ASP A 65 -12.86 -3.88 7.22
C ASP A 65 -13.30 -4.38 5.80
N ALA A 66 -14.25 -3.64 5.22
CA ALA A 66 -14.71 -3.83 3.85
C ALA A 66 -14.28 -2.61 3.00
N ILE A 67 -14.06 -2.83 1.71
CA ILE A 67 -13.59 -1.75 0.79
C ILE A 67 -14.39 -1.61 -0.52
N ALA A 68 -14.29 -0.43 -1.12
CA ALA A 68 -14.94 -0.10 -2.39
C ALA A 68 -14.11 -0.56 -3.64
N ALA A 69 -12.79 -0.40 -3.54
CA ALA A 69 -11.88 -0.74 -4.64
C ALA A 69 -10.40 -1.07 -4.20
N CYS A 70 -9.67 -1.78 -5.05
CA CYS A 70 -8.27 -2.18 -4.77
C CYS A 70 -7.24 -1.90 -5.92
N PHE A 71 -6.11 -1.29 -5.55
CA PHE A 71 -5.04 -0.90 -6.51
C PHE A 71 -3.62 -1.36 -6.12
N LEU A 72 -3.01 -2.21 -6.93
CA LEU A 72 -1.66 -2.75 -6.63
C LEU A 72 -0.52 -2.07 -7.40
N ILE A 73 0.50 -1.65 -6.65
CA ILE A 73 1.66 -0.93 -7.19
C ILE A 73 3.05 -1.47 -6.72
N ASN A 74 4.01 -1.51 -7.64
CA ASN A 74 5.39 -1.93 -7.34
C ASN A 74 6.14 -0.93 -6.38
N CYS A 75 6.07 0.35 -6.71
CA CYS A 75 6.70 1.47 -5.96
C CYS A 75 8.24 1.46 -5.80
N LEU A 76 8.89 0.58 -6.54
CA LEU A 76 10.35 0.49 -6.59
C LEU A 76 10.94 0.69 -8.00
N TYR A 77 12.06 1.38 -8.04
CA TYR A 77 12.81 1.66 -9.28
C TYR A 77 14.31 1.70 -8.99
N GLU A 78 15.06 0.87 -9.70
CA GLU A 78 16.50 0.62 -9.44
C GLU A 78 16.73 0.22 -7.96
N GLN A 79 15.77 -0.57 -7.45
CA GLN A 79 15.66 -1.04 -6.04
C GLN A 79 15.35 0.06 -4.99
N ASN A 80 15.14 1.29 -5.45
CA ASN A 80 14.82 2.41 -4.55
C ASN A 80 13.32 2.71 -4.40
N PHE A 81 12.98 3.27 -3.26
CA PHE A 81 11.56 3.57 -2.91
C PHE A 81 11.06 4.92 -3.48
N VAL A 82 10.82 4.92 -4.78
CA VAL A 82 10.36 6.13 -5.56
C VAL A 82 8.88 6.49 -5.36
N CYS A 83 8.26 5.82 -4.41
CA CYS A 83 6.85 6.00 -4.03
C CYS A 83 6.49 7.42 -3.52
N LYS A 84 5.36 7.96 -3.99
CA LYS A 84 4.88 9.33 -3.63
C LYS A 84 3.55 9.31 -2.87
N PHE A 85 3.40 10.25 -1.94
CA PHE A 85 2.24 10.27 -1.03
C PHE A 85 1.50 11.62 -0.83
N ALA A 86 0.26 11.51 -0.39
CA ALA A 86 -0.59 12.67 -0.12
C ALA A 86 -1.57 12.43 1.09
N PRO A 87 -2.02 13.52 1.76
CA PRO A 87 -2.98 13.30 2.87
C PRO A 87 -4.35 12.83 2.39
N ARG A 88 -5.01 11.99 3.19
CA ARG A 88 -6.31 11.39 2.82
C ARG A 88 -7.23 10.89 3.96
N GLU A 89 -8.53 10.97 3.72
CA GLU A 89 -9.56 10.50 4.70
C GLU A 89 -10.25 9.15 4.37
N GLY A 90 -10.36 8.83 3.08
CA GLY A 90 -11.04 7.59 2.64
C GLY A 90 -10.18 6.45 2.10
N PHE A 91 -8.88 6.48 2.35
CA PHE A 91 -7.93 5.46 1.84
C PHE A 91 -6.85 4.95 2.83
N ILE A 92 -6.45 3.69 2.61
CA ILE A 92 -5.24 3.10 3.24
C ILE A 92 -4.46 2.18 2.32
N ASN A 93 -3.30 1.77 2.76
CA ASN A 93 -2.50 0.77 2.03
C ASN A 93 -1.59 -0.20 2.84
N TYR A 94 -1.59 -1.48 2.48
CA TYR A 94 -0.67 -2.46 3.06
C TYR A 94 0.71 -2.48 2.35
N LEU A 95 1.76 -2.75 3.11
CA LEU A 95 3.15 -2.80 2.63
C LEU A 95 3.79 -4.17 2.89
N THR A 96 4.81 -4.54 2.13
CA THR A 96 5.53 -5.84 2.39
C THR A 96 6.67 -5.67 3.39
N ARG A 97 7.16 -6.79 3.92
CA ARG A 97 8.34 -6.77 4.85
C ARG A 97 9.60 -6.12 4.26
N GLU A 98 9.65 -6.02 2.93
CA GLU A 98 10.75 -5.35 2.20
C GLU A 98 10.62 -3.80 2.07
N VAL A 99 9.38 -3.31 1.92
CA VAL A 99 9.12 -1.84 1.79
C VAL A 99 8.51 -1.13 3.00
N TYR A 100 7.96 -1.89 3.94
CA TYR A 100 7.41 -1.32 5.20
C TYR A 100 8.48 -0.60 6.04
N ARG A 101 9.72 -1.09 5.96
CA ARG A 101 10.87 -0.47 6.66
C ARG A 101 11.19 0.95 6.19
N SER A 102 10.78 1.28 4.96
CA SER A 102 10.93 2.65 4.39
C SER A 102 9.70 3.52 4.63
N TYR A 103 8.51 2.91 4.53
CA TYR A 103 7.23 3.61 4.74
C TYR A 103 7.08 4.22 6.14
N ARG A 104 7.65 3.54 7.13
CA ARG A 104 7.65 4.04 8.52
C ARG A 104 8.65 5.17 8.78
N GLN A 105 9.76 5.16 8.04
CA GLN A 105 10.83 6.19 8.17
C GLN A 105 10.48 7.57 7.54
N LEU A 106 9.45 7.60 6.69
CA LEU A 106 8.99 8.85 6.05
C LEU A 106 7.71 9.44 6.70
N VAL A 107 7.20 8.74 7.71
CA VAL A 107 6.05 9.23 8.53
C VAL A 107 6.35 9.48 10.02
N ASP A 108 7.45 8.92 10.51
CA ASP A 108 7.92 9.17 11.89
C ASP A 108 8.61 10.54 12.10
N HIS A 109 8.54 11.00 13.34
CA HIS A 109 9.17 12.26 13.78
C HIS A 109 9.58 12.21 15.27
N HIS A 110 10.46 13.11 15.69
CA HIS A 110 10.91 13.16 17.11
C HIS A 110 10.25 14.26 17.97
N HIS A 111 9.57 15.19 17.32
CA HIS A 111 8.85 16.29 17.99
C HIS A 111 7.70 16.89 17.17
N HIS A 112 6.61 17.24 17.84
CA HIS A 112 5.48 17.95 17.20
C HIS A 112 4.80 18.91 18.21
N HIS A 113 4.51 20.13 17.77
CA HIS A 113 3.89 21.15 18.64
C HIS A 113 2.41 20.88 19.01
N HIS A 114 2.03 21.29 20.21
CA HIS A 114 0.65 21.12 20.74
C HIS A 114 0.12 22.33 21.54
N GLY A 1 -4.63 -18.59 9.84
CA GLY A 1 -4.94 -18.28 8.44
C GLY A 1 -3.74 -18.50 7.59
N ALA A 2 -3.81 -18.22 6.29
CA ALA A 2 -2.63 -18.37 5.41
C ALA A 2 -1.45 -17.43 5.81
N ASP A 3 -0.24 -17.97 5.79
CA ASP A 3 0.98 -17.24 6.24
C ASP A 3 1.40 -16.01 5.39
N CYS A 4 1.08 -16.01 4.11
CA CYS A 4 1.43 -14.86 3.25
C CYS A 4 0.76 -13.54 3.67
N LEU A 5 -0.40 -13.62 4.33
CA LEU A 5 -1.08 -12.42 4.88
C LEU A 5 -0.41 -11.87 6.16
N ASN A 6 0.43 -12.67 6.78
CA ASN A 6 1.27 -12.23 7.91
C ASN A 6 2.63 -11.65 7.42
N SER A 7 2.86 -11.72 6.10
CA SER A 7 4.05 -11.11 5.45
C SER A 7 3.82 -9.61 5.09
N PHE A 8 2.63 -9.11 5.42
CA PHE A 8 2.23 -7.71 5.20
C PHE A 8 1.85 -6.93 6.49
N THR A 9 2.11 -5.64 6.46
CA THR A 9 1.76 -4.71 7.56
C THR A 9 1.10 -3.43 7.06
N ALA A 10 -0.03 -3.05 7.63
CA ALA A 10 -0.74 -1.83 7.23
C ALA A 10 0.01 -0.50 7.59
N GLY A 11 -0.06 0.48 6.70
CA GLY A 11 0.52 1.79 6.96
C GLY A 11 -0.36 2.69 7.81
N VAL A 12 0.22 3.75 8.38
CA VAL A 12 -0.56 4.68 9.25
C VAL A 12 -1.64 5.46 8.49
N PRO A 13 -2.84 5.65 9.09
CA PRO A 13 -3.84 6.40 8.33
C PRO A 13 -3.53 7.90 8.26
N GLY A 14 -4.13 8.57 7.28
CA GLY A 14 -3.88 10.00 7.04
C GLY A 14 -2.99 10.27 5.83
N PHE A 15 -2.09 9.34 5.53
CA PHE A 15 -1.19 9.44 4.35
C PHE A 15 -1.24 8.23 3.40
N VAL A 16 -1.59 8.46 2.14
CA VAL A 16 -1.60 7.38 1.10
C VAL A 16 -0.93 7.70 -0.23
N LEU A 17 -0.69 6.63 -0.99
CA LEU A 17 -0.14 6.71 -2.34
C LEU A 17 -1.02 7.50 -3.34
N ASP A 18 -0.41 8.43 -4.07
CA ASP A 18 -1.11 9.21 -5.14
C ASP A 18 -1.11 8.50 -6.53
N THR A 19 -0.40 7.38 -6.56
CA THR A 19 -0.13 6.51 -7.74
C THR A 19 0.47 7.15 -9.00
N GLN A 20 -0.22 8.10 -9.62
CA GLN A 20 0.24 8.73 -10.86
C GLN A 20 1.58 9.52 -10.76
N ALA A 21 1.86 10.12 -9.61
CA ALA A 21 3.13 10.82 -9.41
C ALA A 21 4.30 9.84 -9.19
N SER A 22 4.01 8.72 -8.52
CA SER A 22 5.04 7.69 -8.29
C SER A 22 5.37 6.87 -9.54
N VAL A 23 4.36 6.57 -10.35
CA VAL A 23 4.58 5.84 -11.63
C VAL A 23 5.30 6.69 -12.66
N SER A 24 5.18 7.99 -12.50
CA SER A 24 5.96 8.98 -13.29
C SER A 24 7.40 9.15 -12.75
N ASN A 25 7.63 8.65 -11.55
CA ASN A 25 8.94 8.68 -10.89
C ASN A 25 9.65 7.28 -10.91
N GLY A 26 8.93 6.30 -11.44
CA GLY A 26 9.45 4.93 -11.63
C GLY A 26 8.63 3.72 -11.15
N ALA A 27 7.58 3.95 -10.37
CA ALA A 27 6.70 2.88 -9.90
C ALA A 27 5.85 2.23 -11.03
N THR A 28 5.30 1.07 -10.73
CA THR A 28 4.45 0.36 -11.70
C THR A 28 3.11 -0.06 -11.16
N PHE A 29 2.06 0.35 -11.86
CA PHE A 29 0.69 -0.11 -11.56
C PHE A 29 0.45 -1.47 -12.24
N LEU A 30 0.89 -2.52 -11.57
CA LEU A 30 0.87 -3.89 -12.14
C LEU A 30 -0.50 -4.59 -12.12
N GLU A 31 -1.20 -4.51 -11.01
CA GLU A 31 -2.56 -5.10 -10.93
C GLU A 31 -3.68 -4.16 -10.43
N SER A 32 -4.86 -4.36 -11.00
CA SER A 32 -6.08 -3.64 -10.60
C SER A 32 -7.24 -4.66 -10.38
N PRO A 33 -7.14 -5.50 -9.32
CA PRO A 33 -8.10 -6.58 -9.06
C PRO A 33 -9.51 -6.19 -8.59
N THR A 34 -9.69 -4.92 -8.24
CA THR A 34 -11.01 -4.31 -7.83
C THR A 34 -11.91 -5.11 -6.86
N VAL A 35 -11.27 -5.88 -6.01
CA VAL A 35 -11.97 -6.69 -4.96
C VAL A 35 -12.72 -5.85 -3.93
N ARG A 36 -13.67 -6.50 -3.26
CA ARG A 36 -14.59 -5.85 -2.29
C ARG A 36 -14.23 -5.95 -0.79
N ARG A 37 -13.07 -6.54 -0.49
CA ARG A 37 -12.56 -6.63 0.92
C ARG A 37 -11.08 -6.28 1.09
N GLY A 38 -10.73 -5.64 2.20
CA GLY A 38 -9.33 -5.26 2.45
C GLY A 38 -8.32 -6.41 2.43
N TRP A 39 -8.68 -7.51 3.07
CA TRP A 39 -7.84 -8.74 3.03
C TRP A 39 -7.86 -9.51 1.70
N ASP A 40 -8.86 -9.27 0.85
CA ASP A 40 -8.87 -9.79 -0.54
C ASP A 40 -7.89 -8.98 -1.43
N CYS A 41 -7.60 -7.74 -1.04
CA CYS A 41 -6.61 -6.88 -1.72
C CYS A 41 -5.16 -7.27 -1.34
N VAL A 42 -4.95 -7.57 -0.05
CA VAL A 42 -3.62 -8.03 0.45
C VAL A 42 -3.19 -9.38 -0.14
N ARG A 43 -4.13 -10.32 -0.25
CA ARG A 43 -3.83 -11.65 -0.88
C ARG A 43 -3.57 -11.58 -2.38
N ALA A 44 -4.10 -10.55 -3.03
CA ALA A 44 -3.82 -10.31 -4.44
C ALA A 44 -2.34 -9.79 -4.63
N CYS A 45 -1.85 -9.01 -3.69
CA CYS A 45 -0.44 -8.56 -3.71
C CYS A 45 0.55 -9.71 -3.39
N CYS A 46 0.05 -10.77 -2.77
CA CYS A 46 0.83 -12.02 -2.57
C CYS A 46 1.00 -12.82 -3.89
N THR A 47 -0.07 -12.89 -4.68
CA THR A 47 -0.05 -13.62 -6.00
C THR A 47 0.54 -12.82 -7.17
N THR A 48 0.47 -11.50 -7.10
CA THR A 48 1.14 -10.62 -8.10
C THR A 48 2.61 -10.44 -7.72
N GLN A 49 3.48 -11.21 -8.34
CA GLN A 49 4.92 -11.30 -7.97
C GLN A 49 5.74 -10.04 -7.63
N ASN A 50 5.53 -8.96 -8.37
CA ASN A 50 6.29 -7.73 -8.16
C ASN A 50 5.51 -6.65 -7.37
N CYS A 51 4.40 -7.06 -6.78
CA CYS A 51 3.61 -6.14 -5.92
C CYS A 51 4.15 -6.09 -4.47
N ASN A 52 4.39 -4.89 -3.98
CA ASN A 52 4.75 -4.73 -2.55
C ASN A 52 3.92 -3.67 -1.77
N LEU A 53 3.07 -3.00 -2.52
CA LEU A 53 2.06 -2.07 -1.97
C LEU A 53 0.63 -2.36 -2.46
N ALA A 54 -0.29 -2.44 -1.51
CA ALA A 54 -1.71 -2.68 -1.77
C ALA A 54 -2.65 -1.54 -1.23
N LEU A 55 -3.05 -0.65 -2.13
CA LEU A 55 -3.87 0.55 -1.84
C LEU A 55 -5.39 0.27 -1.91
N VAL A 56 -6.14 0.72 -0.89
CA VAL A 56 -7.63 0.50 -0.84
C VAL A 56 -8.51 1.70 -0.51
N GLU A 57 -9.72 1.64 -1.02
CA GLU A 57 -10.79 2.64 -0.78
C GLU A 57 -11.77 2.15 0.32
N LEU A 58 -11.98 2.91 1.38
CA LEU A 58 -12.79 2.44 2.53
C LEU A 58 -14.26 2.96 2.72
N GLN A 59 -14.95 2.30 3.65
CA GLN A 59 -16.34 2.63 4.05
C GLN A 59 -17.44 2.48 2.94
N PRO A 60 -17.43 1.33 2.22
CA PRO A 60 -18.46 1.08 1.18
C PRO A 60 -19.86 0.71 1.72
N ASP A 61 -19.84 0.12 2.90
CA ASP A 61 -21.05 -0.38 3.60
C ASP A 61 -20.77 -0.77 5.08
N ARG A 62 -19.54 -1.25 5.34
CA ARG A 62 -19.16 -1.83 6.66
C ARG A 62 -18.00 -1.23 7.46
N GLY A 63 -17.03 -0.64 6.77
CA GLY A 63 -15.82 -0.11 7.41
C GLY A 63 -14.51 -0.38 6.67
N GLU A 64 -13.71 -1.28 7.22
CA GLU A 64 -12.38 -1.66 6.64
C GLU A 64 -12.31 -3.10 6.13
N ASP A 65 -13.09 -3.99 6.73
CA ASP A 65 -13.22 -5.37 6.25
C ASP A 65 -13.82 -5.42 4.82
N ALA A 66 -14.58 -4.40 4.48
CA ALA A 66 -15.12 -4.21 3.15
C ALA A 66 -14.51 -2.92 2.54
N ILE A 67 -14.22 -2.96 1.25
CA ILE A 67 -13.63 -1.81 0.52
C ILE A 67 -14.35 -1.54 -0.80
N ALA A 68 -14.26 -0.32 -1.31
CA ALA A 68 -14.90 0.03 -2.58
C ALA A 68 -13.99 -0.33 -3.81
N ALA A 69 -12.68 -0.21 -3.61
CA ALA A 69 -11.71 -0.54 -4.67
C ALA A 69 -10.28 -0.95 -4.15
N CYS A 70 -9.56 -1.70 -4.99
CA CYS A 70 -8.18 -2.16 -4.69
C CYS A 70 -7.16 -1.99 -5.84
N PHE A 71 -6.07 -1.29 -5.54
CA PHE A 71 -4.97 -1.04 -6.51
C PHE A 71 -3.58 -1.55 -6.05
N LEU A 72 -2.93 -2.34 -6.87
CA LEU A 72 -1.59 -2.88 -6.55
C LEU A 72 -0.44 -2.18 -7.28
N ILE A 73 0.55 -1.72 -6.52
CA ILE A 73 1.70 -0.94 -7.06
C ILE A 73 3.10 -1.43 -6.59
N ASN A 74 4.05 -1.48 -7.52
CA ASN A 74 5.45 -1.87 -7.23
C ASN A 74 6.22 -0.82 -6.36
N CYS A 75 5.97 0.45 -6.61
CA CYS A 75 6.61 1.61 -5.90
C CYS A 75 8.16 1.64 -5.82
N LEU A 76 8.79 0.78 -6.62
CA LEU A 76 10.25 0.65 -6.73
C LEU A 76 10.78 0.88 -8.16
N TYR A 77 11.95 1.50 -8.22
CA TYR A 77 12.67 1.78 -9.47
C TYR A 77 14.19 1.83 -9.24
N GLU A 78 14.93 1.05 -10.03
CA GLU A 78 16.39 0.88 -9.85
C GLU A 78 16.76 0.44 -8.40
N GLN A 79 15.88 -0.39 -7.85
CA GLN A 79 15.91 -0.90 -6.44
C GLN A 79 15.62 0.17 -5.35
N ASN A 80 15.23 1.36 -5.76
CA ASN A 80 14.90 2.45 -4.82
C ASN A 80 13.39 2.67 -4.57
N PHE A 81 13.07 3.16 -3.40
CA PHE A 81 11.67 3.45 -3.00
C PHE A 81 11.19 4.83 -3.52
N VAL A 82 10.69 4.83 -4.76
CA VAL A 82 10.25 6.07 -5.48
C VAL A 82 8.78 6.40 -5.24
N CYS A 83 8.23 5.77 -4.24
CA CYS A 83 6.85 5.91 -3.84
C CYS A 83 6.45 7.36 -3.38
N LYS A 84 5.40 7.90 -3.97
CA LYS A 84 4.92 9.28 -3.68
C LYS A 84 3.61 9.29 -2.89
N PHE A 85 3.48 10.25 -2.02
CA PHE A 85 2.32 10.33 -1.11
C PHE A 85 1.64 11.70 -0.90
N ALA A 86 0.39 11.65 -0.45
CA ALA A 86 -0.39 12.85 -0.16
C ALA A 86 -1.37 12.64 1.05
N PRO A 87 -1.74 13.74 1.74
CA PRO A 87 -2.73 13.56 2.82
C PRO A 87 -4.12 13.22 2.25
N ARG A 88 -4.89 12.43 2.99
CA ARG A 88 -6.23 11.97 2.49
C ARG A 88 -7.38 11.88 3.52
N GLU A 89 -8.59 11.66 3.01
CA GLU A 89 -9.81 11.52 3.85
C GLU A 89 -10.21 10.10 4.35
N GLY A 90 -10.04 9.05 3.55
CA GLY A 90 -10.40 7.67 3.98
C GLY A 90 -9.50 6.49 3.56
N PHE A 91 -8.85 6.56 2.41
CA PHE A 91 -7.97 5.46 1.91
C PHE A 91 -6.84 4.96 2.83
N ILE A 92 -6.43 3.71 2.62
CA ILE A 92 -5.17 3.17 3.22
C ILE A 92 -4.36 2.26 2.32
N ASN A 93 -3.15 1.97 2.75
CA ASN A 93 -2.28 1.02 2.04
C ASN A 93 -1.47 0.02 2.92
N TYR A 94 -1.49 -1.23 2.51
CA TYR A 94 -0.68 -2.30 3.13
C TYR A 94 0.69 -2.43 2.41
N LEU A 95 1.72 -2.74 3.17
CA LEU A 95 3.08 -2.90 2.64
C LEU A 95 3.68 -4.26 3.04
N THR A 96 4.66 -4.77 2.30
CA THR A 96 5.32 -6.05 2.67
C THR A 96 6.36 -5.89 3.76
N ARG A 97 6.71 -6.98 4.42
CA ARG A 97 7.80 -7.03 5.46
C ARG A 97 9.19 -6.56 4.99
N GLU A 98 9.32 -6.41 3.68
CA GLU A 98 10.57 -5.96 3.03
C GLU A 98 10.53 -4.48 2.65
N VAL A 99 9.35 -3.98 2.28
CA VAL A 99 9.20 -2.55 1.90
C VAL A 99 8.56 -1.61 2.96
N TYR A 100 7.86 -2.18 3.94
CA TYR A 100 7.27 -1.42 5.07
C TYR A 100 8.30 -0.64 5.91
N ARG A 101 9.53 -1.13 5.94
CA ARG A 101 10.65 -0.46 6.64
C ARG A 101 10.96 0.95 6.08
N SER A 102 10.86 1.11 4.77
CA SER A 102 11.04 2.43 4.11
C SER A 102 9.81 3.32 4.21
N TYR A 103 8.64 2.69 4.23
CA TYR A 103 7.38 3.42 4.47
C TYR A 103 7.32 4.03 5.89
N ARG A 104 7.90 3.32 6.86
CA ARG A 104 7.97 3.77 8.26
C ARG A 104 8.97 4.89 8.54
N GLN A 105 10.08 4.91 7.83
CA GLN A 105 11.14 5.92 8.06
C GLN A 105 10.81 7.34 7.54
N LEU A 106 9.79 7.43 6.70
CA LEU A 106 9.34 8.72 6.15
C LEU A 106 8.08 9.29 6.87
N VAL A 107 7.39 8.44 7.64
CA VAL A 107 6.22 8.89 8.46
C VAL A 107 6.55 9.15 9.93
N ASP A 108 7.69 8.66 10.39
CA ASP A 108 8.15 8.90 11.77
C ASP A 108 9.11 10.13 11.90
N HIS A 109 9.35 10.79 10.76
CA HIS A 109 10.16 12.03 10.64
C HIS A 109 11.63 11.99 11.14
N HIS A 110 12.23 10.80 11.17
CA HIS A 110 13.67 10.67 11.57
C HIS A 110 14.69 10.92 10.43
N HIS A 111 15.87 11.39 10.82
CA HIS A 111 16.97 11.69 9.88
C HIS A 111 18.36 11.25 10.41
N HIS A 112 19.34 11.17 9.52
CA HIS A 112 20.70 10.75 9.88
C HIS A 112 21.60 11.86 10.49
N HIS A 113 21.95 11.69 11.76
CA HIS A 113 22.85 12.61 12.49
C HIS A 113 23.63 11.91 13.62
N HIS A 114 24.84 12.37 13.90
CA HIS A 114 25.68 11.84 15.00
C HIS A 114 26.37 12.93 15.85
N GLY A 1 -2.78 -21.35 7.43
CA GLY A 1 -2.58 -22.53 6.55
C GLY A 1 -1.56 -22.22 5.51
N ALA A 2 -1.60 -22.90 4.38
CA ALA A 2 -0.66 -22.64 3.25
C ALA A 2 -1.10 -21.42 2.36
N ASP A 3 -1.62 -20.39 3.03
CA ASP A 3 -2.18 -19.20 2.39
C ASP A 3 -1.20 -18.23 1.68
N CYS A 4 -1.62 -17.64 0.57
CA CYS A 4 -0.77 -16.67 -0.16
C CYS A 4 -0.69 -15.27 0.50
N LEU A 5 0.05 -15.16 1.60
CA LEU A 5 0.28 -13.88 2.29
C LEU A 5 1.76 -13.68 2.74
N ASN A 6 2.35 -12.58 2.30
CA ASN A 6 3.76 -12.27 2.59
C ASN A 6 4.03 -11.46 3.89
N SER A 7 3.17 -11.65 4.89
CA SER A 7 3.24 -10.94 6.20
C SER A 7 3.07 -9.41 6.06
N PHE A 8 2.05 -9.06 5.28
CA PHE A 8 1.67 -7.66 5.04
C PHE A 8 1.18 -6.90 6.28
N THR A 9 1.54 -5.62 6.31
CA THR A 9 1.14 -4.69 7.42
C THR A 9 0.65 -3.35 6.90
N ALA A 10 -0.49 -2.89 7.41
CA ALA A 10 -1.06 -1.61 6.98
C ALA A 10 -0.25 -0.35 7.45
N GLY A 11 -0.19 0.66 6.59
CA GLY A 11 0.40 1.94 6.96
C GLY A 11 -0.57 2.82 7.76
N VAL A 12 -0.10 3.93 8.33
CA VAL A 12 -0.99 4.81 9.13
C VAL A 12 -2.10 5.46 8.28
N PRO A 13 -3.30 5.68 8.89
CA PRO A 13 -4.36 6.32 8.09
C PRO A 13 -4.11 7.82 7.87
N GLY A 14 -4.79 8.40 6.89
CA GLY A 14 -4.63 9.83 6.60
C GLY A 14 -3.52 10.17 5.59
N PHE A 15 -2.61 9.24 5.35
CA PHE A 15 -1.54 9.42 4.33
C PHE A 15 -1.41 8.21 3.38
N VAL A 16 -1.69 8.42 2.10
CA VAL A 16 -1.58 7.33 1.08
C VAL A 16 -0.91 7.69 -0.25
N LEU A 17 -0.69 6.64 -1.05
CA LEU A 17 -0.13 6.71 -2.40
C LEU A 17 -0.91 7.59 -3.42
N ASP A 18 -0.18 8.43 -4.14
CA ASP A 18 -0.73 9.26 -5.25
C ASP A 18 -0.77 8.57 -6.65
N THR A 19 -0.27 7.33 -6.67
CA THR A 19 -0.13 6.43 -7.87
C THR A 19 0.44 7.00 -9.16
N GLN A 20 -0.29 7.87 -9.86
CA GLN A 20 0.21 8.51 -11.10
C GLN A 20 1.50 9.32 -10.89
N ALA A 21 1.68 9.88 -9.69
CA ALA A 21 2.90 10.60 -9.34
C ALA A 21 4.12 9.66 -9.13
N SER A 22 3.87 8.47 -8.58
CA SER A 22 4.94 7.49 -8.34
C SER A 22 5.34 6.77 -9.60
N VAL A 23 4.37 6.49 -10.46
CA VAL A 23 4.65 5.78 -11.75
C VAL A 23 5.36 6.67 -12.74
N SER A 24 5.22 7.97 -12.54
CA SER A 24 5.98 8.98 -13.30
C SER A 24 7.40 9.19 -12.72
N ASN A 25 7.63 8.59 -11.56
CA ASN A 25 8.94 8.65 -10.86
C ASN A 25 9.69 7.29 -10.87
N GLY A 26 9.03 6.26 -11.40
CA GLY A 26 9.62 4.92 -11.55
C GLY A 26 8.78 3.69 -11.14
N ALA A 27 7.69 3.89 -10.40
CA ALA A 27 6.78 2.80 -9.98
C ALA A 27 5.96 2.18 -11.13
N THR A 28 5.40 1.02 -10.86
CA THR A 28 4.51 0.34 -11.83
C THR A 28 3.16 -0.06 -11.26
N PHE A 29 2.12 0.40 -11.92
CA PHE A 29 0.72 0.00 -11.61
C PHE A 29 0.39 -1.34 -12.32
N LEU A 30 0.74 -2.43 -11.65
CA LEU A 30 0.62 -3.79 -12.24
C LEU A 30 -0.78 -4.43 -12.23
N GLU A 31 -1.43 -4.43 -11.07
CA GLU A 31 -2.80 -4.99 -10.94
C GLU A 31 -3.82 -4.05 -10.27
N SER A 32 -5.10 -4.22 -10.58
CA SER A 32 -6.17 -3.41 -9.92
C SER A 32 -7.47 -4.20 -9.56
N PRO A 33 -7.40 -5.06 -8.52
CA PRO A 33 -8.57 -5.87 -8.12
C PRO A 33 -9.85 -5.13 -7.67
N THR A 34 -10.98 -5.79 -7.88
CA THR A 34 -12.32 -5.29 -7.46
C THR A 34 -12.86 -6.01 -6.20
N VAL A 35 -11.92 -6.54 -5.42
CA VAL A 35 -12.25 -7.27 -4.15
C VAL A 35 -12.89 -6.38 -3.09
N ARG A 36 -13.70 -7.03 -2.25
CA ARG A 36 -14.48 -6.37 -1.19
C ARG A 36 -13.85 -6.21 0.21
N ARG A 37 -12.63 -6.71 0.42
CA ARG A 37 -11.90 -6.52 1.72
C ARG A 37 -10.42 -6.14 1.62
N GLY A 38 -9.93 -5.40 2.60
CA GLY A 38 -8.50 -5.04 2.64
C GLY A 38 -7.54 -6.23 2.68
N TRP A 39 -7.96 -7.31 3.33
CA TRP A 39 -7.18 -8.58 3.33
C TRP A 39 -7.33 -9.41 2.03
N ASP A 40 -8.41 -9.20 1.29
CA ASP A 40 -8.54 -9.79 -0.06
C ASP A 40 -7.60 -9.06 -1.08
N CYS A 41 -7.30 -7.79 -0.78
CA CYS A 41 -6.40 -6.96 -1.60
C CYS A 41 -4.92 -7.35 -1.45
N VAL A 42 -4.48 -7.63 -0.22
CA VAL A 42 -3.08 -8.05 0.01
C VAL A 42 -2.75 -9.48 -0.40
N ARG A 43 -3.75 -10.38 -0.40
CA ARG A 43 -3.54 -11.75 -0.97
C ARG A 43 -3.43 -11.71 -2.51
N ALA A 44 -4.00 -10.67 -3.11
CA ALA A 44 -3.83 -10.43 -4.55
C ALA A 44 -2.40 -9.88 -4.83
N CYS A 45 -1.86 -9.11 -3.89
CA CYS A 45 -0.46 -8.63 -3.99
C CYS A 45 0.58 -9.77 -3.85
N CYS A 46 0.16 -10.88 -3.25
CA CYS A 46 0.96 -12.12 -3.21
C CYS A 46 0.98 -12.86 -4.57
N THR A 47 -0.17 -12.92 -5.24
CA THR A 47 -0.28 -13.56 -6.58
C THR A 47 0.26 -12.72 -7.73
N THR A 48 0.28 -11.41 -7.54
CA THR A 48 0.94 -10.47 -8.49
C THR A 48 2.42 -10.34 -8.14
N GLN A 49 3.26 -11.08 -8.85
CA GLN A 49 4.71 -11.24 -8.51
C GLN A 49 5.57 -10.04 -8.11
N ASN A 50 5.38 -8.91 -8.75
CA ASN A 50 6.17 -7.71 -8.48
C ASN A 50 5.44 -6.65 -7.63
N CYS A 51 4.37 -7.06 -6.99
CA CYS A 51 3.60 -6.17 -6.09
C CYS A 51 4.10 -6.11 -4.62
N ASN A 52 4.26 -4.90 -4.12
CA ASN A 52 4.56 -4.69 -2.68
C ASN A 52 3.77 -3.56 -1.95
N LEU A 53 2.94 -2.86 -2.71
CA LEU A 53 1.99 -1.86 -2.18
C LEU A 53 0.55 -2.23 -2.59
N ALA A 54 -0.32 -2.29 -1.60
CA ALA A 54 -1.75 -2.59 -1.82
C ALA A 54 -2.69 -1.48 -1.26
N LEU A 55 -3.05 -0.55 -2.13
CA LEU A 55 -3.89 0.63 -1.84
C LEU A 55 -5.40 0.33 -1.88
N VAL A 56 -6.14 0.80 -0.88
CA VAL A 56 -7.62 0.59 -0.81
C VAL A 56 -8.50 1.78 -0.44
N GLU A 57 -9.72 1.72 -0.94
CA GLU A 57 -10.79 2.71 -0.66
C GLU A 57 -11.81 2.11 0.34
N LEU A 58 -12.04 2.76 1.47
CA LEU A 58 -12.88 2.20 2.56
C LEU A 58 -14.39 2.62 2.54
N GLN A 59 -15.11 2.21 3.59
CA GLN A 59 -16.54 2.56 3.84
C GLN A 59 -17.62 2.06 2.82
N PRO A 60 -17.49 0.82 2.30
CA PRO A 60 -18.53 0.32 1.39
C PRO A 60 -19.88 -0.04 2.06
N ASP A 61 -19.85 -0.84 3.13
CA ASP A 61 -21.05 -1.24 3.86
C ASP A 61 -20.84 -1.59 5.37
N ARG A 62 -19.66 -2.15 5.71
CA ARG A 62 -19.29 -2.52 7.11
C ARG A 62 -18.41 -1.55 7.91
N GLY A 63 -17.53 -0.85 7.20
CA GLY A 63 -16.57 0.07 7.82
C GLY A 63 -15.18 0.10 7.18
N GLU A 64 -14.21 -0.47 7.86
CA GLU A 64 -12.80 -0.51 7.38
C GLU A 64 -12.26 -1.92 7.06
N ASP A 65 -12.93 -2.96 7.53
CA ASP A 65 -12.54 -4.34 7.22
C ASP A 65 -12.94 -4.71 5.77
N ALA A 66 -13.94 -3.99 5.28
CA ALA A 66 -14.45 -4.11 3.94
C ALA A 66 -14.04 -2.84 3.12
N ILE A 67 -13.86 -3.01 1.82
CA ILE A 67 -13.42 -1.91 0.93
C ILE A 67 -14.25 -1.79 -0.36
N ALA A 68 -14.22 -0.61 -0.95
CA ALA A 68 -14.90 -0.31 -2.21
C ALA A 68 -14.04 -0.72 -3.45
N ALA A 69 -12.72 -0.50 -3.35
CA ALA A 69 -11.79 -0.83 -4.44
C ALA A 69 -10.32 -1.14 -3.99
N CYS A 70 -9.59 -1.91 -4.80
CA CYS A 70 -8.18 -2.27 -4.52
C CYS A 70 -7.18 -2.02 -5.70
N PHE A 71 -6.10 -1.31 -5.41
CA PHE A 71 -5.04 -1.01 -6.40
C PHE A 71 -3.62 -1.48 -6.00
N LEU A 72 -3.00 -2.30 -6.83
CA LEU A 72 -1.66 -2.84 -6.55
C LEU A 72 -0.53 -2.15 -7.32
N ILE A 73 0.48 -1.70 -6.59
CA ILE A 73 1.64 -0.96 -7.16
C ILE A 73 3.02 -1.48 -6.69
N ASN A 74 3.99 -1.52 -7.60
CA ASN A 74 5.37 -1.95 -7.28
C ASN A 74 6.21 -0.90 -6.48
N CYS A 75 6.00 0.37 -6.75
CA CYS A 75 6.64 1.51 -6.02
C CYS A 75 8.18 1.56 -5.88
N LEU A 76 8.87 0.76 -6.68
CA LEU A 76 10.33 0.66 -6.69
C LEU A 76 10.97 0.91 -8.07
N TYR A 77 12.14 1.52 -8.04
CA TYR A 77 12.93 1.81 -9.25
C TYR A 77 14.44 1.75 -8.96
N GLU A 78 15.13 0.84 -9.65
CA GLU A 78 16.55 0.53 -9.35
C GLU A 78 16.73 0.16 -7.85
N GLN A 79 15.73 -0.57 -7.36
CA GLN A 79 15.57 -0.97 -5.93
C GLN A 79 15.28 0.17 -4.92
N ASN A 80 15.14 1.40 -5.43
CA ASN A 80 14.84 2.54 -4.55
C ASN A 80 13.33 2.80 -4.38
N PHE A 81 12.99 3.36 -3.24
CA PHE A 81 11.58 3.62 -2.88
C PHE A 81 11.03 4.96 -3.44
N VAL A 82 10.84 4.99 -4.76
CA VAL A 82 10.35 6.18 -5.52
C VAL A 82 8.86 6.50 -5.32
N CYS A 83 8.27 5.80 -4.37
CA CYS A 83 6.85 5.91 -3.99
C CYS A 83 6.43 7.31 -3.44
N LYS A 84 5.41 7.92 -4.06
CA LYS A 84 4.90 9.27 -3.66
C LYS A 84 3.63 9.24 -2.81
N PHE A 85 3.59 10.14 -1.85
CA PHE A 85 2.48 10.22 -0.88
C PHE A 85 1.95 11.64 -0.55
N ALA A 86 0.68 11.70 -0.19
CA ALA A 86 0.03 12.95 0.20
C ALA A 86 -1.21 12.66 1.14
N PRO A 87 -1.71 13.68 1.87
CA PRO A 87 -2.84 13.36 2.75
C PRO A 87 -4.17 13.02 2.05
N ARG A 88 -4.94 12.15 2.71
CA ARG A 88 -6.23 11.66 2.19
C ARG A 88 -7.28 11.24 3.24
N GLU A 89 -8.53 11.56 2.96
CA GLU A 89 -9.65 11.34 3.93
C GLU A 89 -10.32 9.94 4.03
N GLY A 90 -10.30 9.16 2.94
CA GLY A 90 -10.97 7.85 2.90
C GLY A 90 -10.18 6.65 2.38
N PHE A 91 -8.86 6.69 2.51
CA PHE A 91 -7.97 5.63 1.99
C PHE A 91 -6.82 5.13 2.89
N ILE A 92 -6.42 3.89 2.66
CA ILE A 92 -5.16 3.31 3.24
C ILE A 92 -4.39 2.41 2.30
N ASN A 93 -3.16 2.10 2.68
CA ASN A 93 -2.35 1.13 1.94
C ASN A 93 -1.49 0.15 2.80
N TYR A 94 -1.52 -1.11 2.40
CA TYR A 94 -0.69 -2.16 3.02
C TYR A 94 0.67 -2.29 2.33
N LEU A 95 1.67 -2.67 3.11
CA LEU A 95 3.06 -2.83 2.65
C LEU A 95 3.59 -4.24 2.96
N THR A 96 4.60 -4.72 2.23
CA THR A 96 5.20 -6.04 2.56
C THR A 96 6.19 -5.90 3.72
N ARG A 97 6.59 -7.03 4.29
CA ARG A 97 7.60 -7.07 5.40
C ARG A 97 8.98 -6.48 5.04
N GLU A 98 9.16 -6.22 3.76
CA GLU A 98 10.37 -5.55 3.20
C GLU A 98 10.23 -4.01 3.04
N VAL A 99 9.17 -3.54 2.37
CA VAL A 99 8.96 -2.08 2.16
C VAL A 99 8.26 -1.32 3.29
N TYR A 100 7.66 -2.05 4.23
CA TYR A 100 7.05 -1.43 5.41
C TYR A 100 8.08 -0.67 6.28
N ARG A 101 9.34 -1.11 6.21
CA ARG A 101 10.47 -0.47 6.95
C ARG A 101 10.70 0.99 6.51
N SER A 102 10.64 1.19 5.19
CA SER A 102 10.76 2.53 4.57
C SER A 102 9.50 3.37 4.73
N TYR A 103 8.35 2.73 4.77
CA TYR A 103 7.09 3.46 4.95
C TYR A 103 6.97 4.09 6.34
N ARG A 104 7.52 3.42 7.35
CA ARG A 104 7.50 3.95 8.74
C ARG A 104 8.51 5.06 8.97
N GLN A 105 9.64 5.06 8.28
CA GLN A 105 10.67 6.10 8.49
C GLN A 105 10.31 7.50 7.91
N LEU A 106 9.22 7.56 7.15
CA LEU A 106 8.71 8.82 6.58
C LEU A 106 7.38 9.33 7.21
N VAL A 107 6.82 8.54 8.12
CA VAL A 107 5.62 8.94 8.95
C VAL A 107 5.83 8.89 10.48
N ASP A 108 6.98 8.38 10.87
CA ASP A 108 7.36 8.20 12.30
C ASP A 108 8.83 8.66 12.59
N HIS A 109 9.12 8.98 13.84
CA HIS A 109 10.48 9.46 14.22
C HIS A 109 11.49 8.34 14.54
N HIS A 110 12.70 8.50 14.00
CA HIS A 110 13.81 7.55 14.22
C HIS A 110 14.64 7.80 15.51
N HIS A 111 14.07 8.58 16.43
CA HIS A 111 14.73 8.99 17.70
C HIS A 111 14.82 7.88 18.80
N HIS A 112 15.15 6.67 18.37
CA HIS A 112 15.20 5.49 19.27
C HIS A 112 16.30 5.49 20.34
N HIS A 113 15.96 4.97 21.52
CA HIS A 113 16.87 4.90 22.68
C HIS A 113 16.52 3.75 23.64
N HIS A 114 17.41 3.48 24.60
CA HIS A 114 17.24 2.40 25.61
C HIS A 114 17.70 2.77 27.04
N GLY A 1 2.39 -23.33 5.23
CA GLY A 1 3.08 -23.49 3.93
C GLY A 1 3.61 -22.18 3.45
N ALA A 2 3.67 -21.96 2.15
CA ALA A 2 4.08 -20.67 1.57
C ALA A 2 2.90 -19.61 1.65
N ASP A 3 2.34 -19.49 2.85
CA ASP A 3 1.09 -18.77 3.08
C ASP A 3 1.07 -17.21 2.92
N CYS A 4 0.00 -16.72 2.33
CA CYS A 4 -0.21 -15.27 2.12
C CYS A 4 -0.54 -14.46 3.39
N LEU A 5 -0.56 -13.12 3.23
CA LEU A 5 -0.90 -12.13 4.28
C LEU A 5 0.15 -11.95 5.43
N ASN A 6 0.83 -13.02 5.81
CA ASN A 6 1.89 -12.98 6.85
C ASN A 6 3.09 -12.06 6.45
N SER A 7 3.32 -11.93 5.15
CA SER A 7 4.39 -11.07 4.59
C SER A 7 4.09 -9.56 4.54
N PHE A 8 2.93 -9.15 5.05
CA PHE A 8 2.46 -7.75 5.00
C PHE A 8 2.09 -7.04 6.32
N THR A 9 2.27 -5.72 6.30
CA THR A 9 1.91 -4.81 7.43
C THR A 9 1.19 -3.55 6.95
N ALA A 10 0.06 -3.23 7.56
CA ALA A 10 -0.70 -2.03 7.19
C ALA A 10 0.01 -0.68 7.55
N GLY A 11 -0.11 0.32 6.69
CA GLY A 11 0.47 1.64 6.96
C GLY A 11 -0.39 2.55 7.83
N VAL A 12 0.17 3.68 8.24
CA VAL A 12 -0.56 4.68 9.09
C VAL A 12 -1.77 5.29 8.34
N PRO A 13 -2.99 5.24 8.93
CA PRO A 13 -4.12 5.79 8.18
C PRO A 13 -4.09 7.31 8.05
N GLY A 14 -4.72 7.82 6.99
CA GLY A 14 -4.68 9.25 6.69
C GLY A 14 -3.53 9.68 5.78
N PHE A 15 -2.62 8.76 5.50
CA PHE A 15 -1.50 8.99 4.53
C PHE A 15 -1.44 7.87 3.47
N VAL A 16 -1.62 8.22 2.21
CA VAL A 16 -1.62 7.21 1.11
C VAL A 16 -0.90 7.59 -0.18
N LEU A 17 -0.69 6.56 -0.99
CA LEU A 17 -0.03 6.66 -2.31
C LEU A 17 -0.73 7.48 -3.41
N ASP A 18 0.02 8.41 -4.00
CA ASP A 18 -0.39 9.08 -5.24
C ASP A 18 0.14 8.26 -6.45
N THR A 19 -0.62 7.28 -6.90
CA THR A 19 -0.08 6.32 -7.91
C THR A 19 0.35 6.87 -9.25
N GLN A 20 -0.39 7.80 -9.83
CA GLN A 20 0.01 8.42 -11.09
C GLN A 20 1.24 9.35 -10.94
N ALA A 21 1.58 9.64 -9.71
CA ALA A 21 2.75 10.47 -9.39
C ALA A 21 3.97 9.57 -9.10
N SER A 22 3.71 8.42 -8.51
CA SER A 22 4.72 7.40 -8.23
C SER A 22 5.17 6.66 -9.47
N VAL A 23 4.24 6.37 -10.36
CA VAL A 23 4.56 5.70 -11.65
C VAL A 23 5.30 6.64 -12.59
N SER A 24 5.14 7.94 -12.37
CA SER A 24 5.87 8.99 -13.10
C SER A 24 7.28 9.21 -12.56
N ASN A 25 7.54 8.60 -11.39
CA ASN A 25 8.86 8.65 -10.74
C ASN A 25 9.66 7.30 -10.84
N GLY A 26 8.96 6.28 -11.35
CA GLY A 26 9.56 4.95 -11.60
C GLY A 26 8.80 3.70 -11.15
N ALA A 27 7.76 3.88 -10.37
CA ALA A 27 6.87 2.79 -9.92
C ALA A 27 5.99 2.21 -11.06
N THR A 28 5.43 1.04 -10.81
CA THR A 28 4.54 0.40 -11.80
C THR A 28 3.22 -0.03 -11.22
N PHE A 29 2.15 0.45 -11.85
CA PHE A 29 0.78 0.04 -11.53
C PHE A 29 0.42 -1.29 -12.24
N LEU A 30 0.73 -2.39 -11.58
CA LEU A 30 0.63 -3.75 -12.17
C LEU A 30 -0.76 -4.42 -12.12
N GLU A 31 -1.37 -4.43 -10.95
CA GLU A 31 -2.72 -5.04 -10.78
C GLU A 31 -3.80 -4.10 -10.15
N SER A 32 -5.05 -4.29 -10.52
CA SER A 32 -6.16 -3.46 -9.96
C SER A 32 -7.51 -4.20 -9.69
N PRO A 33 -7.55 -5.08 -8.67
CA PRO A 33 -8.76 -5.84 -8.31
C PRO A 33 -10.00 -5.04 -7.86
N THR A 34 -11.15 -5.65 -8.09
CA THR A 34 -12.49 -5.12 -7.64
C THR A 34 -13.05 -5.87 -6.39
N VAL A 35 -12.11 -6.37 -5.58
CA VAL A 35 -12.45 -7.06 -4.30
C VAL A 35 -13.10 -6.14 -3.28
N ARG A 36 -13.90 -6.77 -2.41
CA ARG A 36 -14.75 -6.06 -1.40
C ARG A 36 -14.19 -5.92 0.00
N ARG A 37 -13.01 -6.50 0.24
CA ARG A 37 -12.38 -6.41 1.58
C ARG A 37 -10.88 -6.06 1.57
N GLY A 38 -10.41 -5.34 2.57
CA GLY A 38 -8.98 -4.97 2.66
C GLY A 38 -7.99 -6.13 2.62
N TRP A 39 -8.28 -7.20 3.33
CA TRP A 39 -7.43 -8.40 3.27
C TRP A 39 -7.53 -9.20 1.94
N ASP A 40 -8.64 -9.07 1.23
CA ASP A 40 -8.76 -9.64 -0.13
C ASP A 40 -7.88 -8.85 -1.13
N CYS A 41 -7.60 -7.58 -0.83
CA CYS A 41 -6.66 -6.77 -1.60
C CYS A 41 -5.20 -7.18 -1.34
N VAL A 42 -4.90 -7.46 -0.06
CA VAL A 42 -3.53 -7.91 0.34
C VAL A 42 -3.16 -9.32 -0.17
N ARG A 43 -4.12 -10.24 -0.14
CA ARG A 43 -3.91 -11.62 -0.71
C ARG A 43 -3.74 -11.58 -2.24
N ALA A 44 -4.22 -10.54 -2.88
CA ALA A 44 -3.99 -10.35 -4.32
C ALA A 44 -2.51 -9.92 -4.58
N CYS A 45 -1.95 -9.08 -3.70
CA CYS A 45 -0.54 -8.66 -3.80
C CYS A 45 0.45 -9.83 -3.53
N CYS A 46 -0.07 -10.88 -2.87
CA CYS A 46 0.66 -12.15 -2.68
C CYS A 46 0.75 -12.99 -3.98
N THR A 47 -0.17 -12.74 -4.93
CA THR A 47 -0.21 -13.47 -6.24
C THR A 47 0.35 -12.68 -7.43
N THR A 48 0.34 -11.35 -7.32
CA THR A 48 0.97 -10.48 -8.35
C THR A 48 2.46 -10.35 -8.06
N GLN A 49 3.27 -10.94 -8.93
CA GLN A 49 4.73 -11.13 -8.68
C GLN A 49 5.61 -9.97 -8.22
N ASN A 50 5.42 -8.80 -8.80
CA ASN A 50 6.24 -7.65 -8.46
C ASN A 50 5.48 -6.60 -7.61
N CYS A 51 4.38 -7.04 -7.02
CA CYS A 51 3.60 -6.16 -6.12
C CYS A 51 4.22 -6.00 -4.71
N ASN A 52 4.48 -4.77 -4.33
CA ASN A 52 5.03 -4.46 -3.00
C ASN A 52 4.14 -3.53 -2.13
N LEU A 53 3.14 -2.93 -2.77
CA LEU A 53 2.16 -2.08 -2.08
C LEU A 53 0.71 -2.34 -2.56
N ALA A 54 -0.20 -2.41 -1.60
CA ALA A 54 -1.64 -2.63 -1.86
C ALA A 54 -2.57 -1.51 -1.26
N LEU A 55 -3.02 -0.61 -2.13
CA LEU A 55 -3.86 0.55 -1.82
C LEU A 55 -5.39 0.26 -1.90
N VAL A 56 -6.14 0.75 -0.92
CA VAL A 56 -7.63 0.59 -0.88
C VAL A 56 -8.47 1.81 -0.53
N GLU A 57 -9.69 1.79 -1.05
CA GLU A 57 -10.72 2.83 -0.78
C GLU A 57 -11.79 2.27 0.18
N LEU A 58 -12.03 2.95 1.29
CA LEU A 58 -12.94 2.44 2.35
C LEU A 58 -14.41 2.98 2.26
N GLN A 59 -15.21 2.61 3.27
CA GLN A 59 -16.62 3.09 3.47
C GLN A 59 -17.67 2.73 2.35
N PRO A 60 -17.62 1.49 1.81
CA PRO A 60 -18.63 1.08 0.80
C PRO A 60 -20.04 0.74 1.36
N ASP A 61 -20.05 0.21 2.58
CA ASP A 61 -21.27 -0.24 3.29
C ASP A 61 -20.98 -0.48 4.80
N ARG A 62 -19.83 -1.10 5.06
CA ARG A 62 -19.43 -1.51 6.44
C ARG A 62 -18.30 -0.75 7.11
N GLY A 63 -17.78 0.23 6.41
CA GLY A 63 -16.67 1.05 6.89
C GLY A 63 -15.28 0.54 6.62
N GLU A 64 -14.83 -0.42 7.44
CA GLU A 64 -13.48 -1.03 7.29
C GLU A 64 -13.48 -2.57 7.16
N ASP A 65 -14.58 -3.21 7.53
CA ASP A 65 -14.76 -4.66 7.24
C ASP A 65 -14.82 -4.91 5.73
N ALA A 66 -15.15 -3.83 5.02
CA ALA A 66 -15.31 -3.82 3.57
C ALA A 66 -14.65 -2.59 2.89
N ILE A 67 -14.31 -2.74 1.61
CA ILE A 67 -13.70 -1.66 0.79
C ILE A 67 -14.46 -1.48 -0.56
N ALA A 68 -14.32 -0.29 -1.13
CA ALA A 68 -14.94 0.02 -2.42
C ALA A 68 -14.07 -0.46 -3.63
N ALA A 69 -12.76 -0.29 -3.53
CA ALA A 69 -11.83 -0.69 -4.62
C ALA A 69 -10.38 -1.03 -4.14
N CYS A 70 -9.64 -1.78 -4.97
CA CYS A 70 -8.25 -2.18 -4.65
C CYS A 70 -7.22 -1.97 -5.80
N PHE A 71 -6.06 -1.40 -5.45
CA PHE A 71 -4.98 -1.09 -6.41
C PHE A 71 -3.58 -1.56 -5.95
N LEU A 72 -2.82 -2.17 -6.83
CA LEU A 72 -1.49 -2.71 -6.48
C LEU A 72 -0.36 -2.06 -7.27
N ILE A 73 0.66 -1.62 -6.56
CA ILE A 73 1.81 -0.88 -7.14
C ILE A 73 3.19 -1.47 -6.75
N ASN A 74 4.09 -1.53 -7.72
CA ASN A 74 5.47 -2.09 -7.51
C ASN A 74 6.30 -1.21 -6.54
N CYS A 75 6.11 0.10 -6.64
CA CYS A 75 6.68 1.13 -5.76
C CYS A 75 8.23 1.28 -5.75
N LEU A 76 8.87 0.45 -6.56
CA LEU A 76 10.33 0.40 -6.65
C LEU A 76 10.88 0.63 -8.07
N TYR A 77 12.02 1.31 -8.11
CA TYR A 77 12.76 1.59 -9.35
C TYR A 77 14.26 1.70 -9.08
N GLU A 78 15.03 0.90 -9.81
CA GLU A 78 16.49 0.72 -9.56
C GLU A 78 16.75 0.32 -8.08
N GLN A 79 15.83 -0.50 -7.58
CA GLN A 79 15.75 -0.99 -6.17
C GLN A 79 15.41 0.11 -5.13
N ASN A 80 15.15 1.33 -5.59
CA ASN A 80 14.83 2.44 -4.69
C ASN A 80 13.33 2.69 -4.48
N PHE A 81 12.99 3.28 -3.34
CA PHE A 81 11.60 3.62 -2.99
C PHE A 81 11.15 4.96 -3.57
N VAL A 82 10.58 4.90 -4.78
CA VAL A 82 10.24 6.13 -5.58
C VAL A 82 8.79 6.61 -5.49
N CYS A 83 8.01 6.00 -4.64
CA CYS A 83 6.61 6.42 -4.42
C CYS A 83 6.37 7.84 -3.84
N LYS A 84 5.21 8.39 -4.20
CA LYS A 84 4.73 9.73 -3.76
C LYS A 84 3.50 9.60 -2.87
N PHE A 85 3.37 10.49 -1.90
CA PHE A 85 2.28 10.42 -0.91
C PHE A 85 1.61 11.74 -0.52
N ALA A 86 0.34 11.64 -0.12
CA ALA A 86 -0.45 12.80 0.30
C ALA A 86 -1.50 12.46 1.43
N PRO A 87 -1.93 13.47 2.22
CA PRO A 87 -2.94 13.17 3.24
C PRO A 87 -4.32 12.87 2.62
N ARG A 88 -5.05 11.95 3.26
CA ARG A 88 -6.37 11.49 2.73
C ARG A 88 -7.50 11.19 3.72
N GLU A 89 -8.72 11.41 3.23
CA GLU A 89 -9.97 11.30 4.01
C GLU A 89 -10.66 9.89 4.08
N GLY A 90 -10.39 9.03 3.11
CA GLY A 90 -11.05 7.70 3.04
C GLY A 90 -10.27 6.54 2.44
N PHE A 91 -8.94 6.59 2.57
CA PHE A 91 -8.04 5.54 2.00
C PHE A 91 -6.90 5.02 2.93
N ILE A 92 -6.50 3.78 2.66
CA ILE A 92 -5.26 3.19 3.26
C ILE A 92 -4.45 2.30 2.32
N ASN A 93 -3.24 1.99 2.75
CA ASN A 93 -2.39 1.02 2.05
C ASN A 93 -1.53 0.06 2.92
N TYR A 94 -1.46 -1.18 2.45
CA TYR A 94 -0.63 -2.22 3.05
C TYR A 94 0.74 -2.32 2.34
N LEU A 95 1.76 -2.64 3.11
CA LEU A 95 3.13 -2.75 2.61
C LEU A 95 3.73 -4.13 2.94
N THR A 96 4.76 -4.54 2.20
CA THR A 96 5.41 -5.85 2.52
C THR A 96 6.48 -5.67 3.56
N ARG A 97 6.93 -6.76 4.17
CA ARG A 97 8.02 -6.71 5.17
C ARG A 97 9.34 -6.09 4.63
N GLU A 98 9.48 -6.10 3.30
CA GLU A 98 10.64 -5.48 2.60
C GLU A 98 10.54 -3.94 2.42
N VAL A 99 9.33 -3.42 2.17
CA VAL A 99 9.12 -1.95 1.99
C VAL A 99 8.47 -1.20 3.16
N TYR A 100 7.85 -1.90 4.09
CA TYR A 100 7.26 -1.25 5.28
C TYR A 100 8.31 -0.52 6.15
N ARG A 101 9.54 -1.01 6.15
CA ARG A 101 10.68 -0.37 6.86
C ARG A 101 10.97 1.06 6.32
N SER A 102 10.80 1.25 5.02
CA SER A 102 11.00 2.57 4.39
C SER A 102 9.74 3.45 4.50
N TYR A 103 8.57 2.83 4.48
CA TYR A 103 7.28 3.54 4.65
C TYR A 103 7.15 4.18 6.07
N ARG A 104 7.78 3.56 7.04
CA ARG A 104 7.80 4.08 8.42
C ARG A 104 8.74 5.28 8.63
N GLN A 105 9.64 5.51 7.69
CA GLN A 105 10.59 6.65 7.71
C GLN A 105 10.07 7.96 7.05
N LEU A 106 8.82 7.93 6.56
CA LEU A 106 8.18 9.11 5.95
C LEU A 106 6.82 9.52 6.61
N VAL A 107 6.44 8.76 7.63
CA VAL A 107 5.20 9.01 8.45
C VAL A 107 5.46 9.21 9.95
N ASP A 108 6.68 9.00 10.37
CA ASP A 108 7.11 9.18 11.77
C ASP A 108 7.48 10.63 12.16
N HIS A 109 7.81 10.81 13.44
CA HIS A 109 8.22 12.13 13.97
C HIS A 109 9.58 12.07 14.69
N HIS A 110 10.45 13.03 14.41
CA HIS A 110 11.80 13.05 15.02
C HIS A 110 11.90 13.91 16.32
N HIS A 111 12.96 13.68 17.09
CA HIS A 111 13.18 14.44 18.35
C HIS A 111 13.60 15.92 18.15
N HIS A 112 12.61 16.81 18.11
CA HIS A 112 12.83 18.26 17.92
C HIS A 112 13.44 19.02 19.13
N HIS A 113 13.56 18.35 20.26
CA HIS A 113 14.14 18.93 21.49
C HIS A 113 14.86 17.90 22.38
N HIS A 114 16.05 18.27 22.83
CA HIS A 114 16.93 17.44 23.69
C HIS A 114 17.89 18.29 24.56
N GLY A 1 5.87 -20.01 9.07
CA GLY A 1 7.02 -19.97 8.15
C GLY A 1 7.07 -18.68 7.41
N ALA A 2 7.64 -18.65 6.22
CA ALA A 2 7.68 -17.44 5.36
C ALA A 2 6.32 -17.24 4.57
N ASP A 3 5.22 -17.47 5.29
CA ASP A 3 3.88 -17.59 4.71
C ASP A 3 3.19 -16.37 4.01
N CYS A 4 2.34 -16.68 3.05
CA CYS A 4 1.54 -15.66 2.34
C CYS A 4 0.57 -14.90 3.29
N LEU A 5 0.29 -13.65 2.95
CA LEU A 5 -0.56 -12.70 3.74
C LEU A 5 0.05 -12.24 5.10
N ASN A 6 0.71 -13.15 5.79
CA ASN A 6 1.49 -12.86 7.01
C ASN A 6 2.80 -12.07 6.68
N SER A 7 3.12 -12.00 5.39
CA SER A 7 4.27 -11.24 4.85
C SER A 7 4.00 -9.74 4.62
N PHE A 8 2.82 -9.26 5.02
CA PHE A 8 2.42 -7.83 4.91
C PHE A 8 2.03 -7.12 6.23
N THR A 9 2.21 -5.80 6.22
CA THR A 9 1.85 -4.92 7.38
C THR A 9 1.16 -3.63 6.92
N ALA A 10 0.05 -3.27 7.53
CA ALA A 10 -0.65 -2.03 7.19
C ALA A 10 0.16 -0.73 7.54
N GLY A 11 0.11 0.26 6.66
CA GLY A 11 0.82 1.52 6.89
C GLY A 11 0.08 2.50 7.82
N VAL A 12 0.78 3.55 8.22
CA VAL A 12 0.17 4.59 9.10
C VAL A 12 -0.98 5.33 8.39
N PRO A 13 -2.19 5.33 8.99
CA PRO A 13 -3.33 5.99 8.30
C PRO A 13 -3.22 7.52 8.27
N GLY A 14 -3.93 8.11 7.33
CA GLY A 14 -3.86 9.57 7.10
C GLY A 14 -3.01 9.93 5.88
N PHE A 15 -2.03 9.07 5.58
CA PHE A 15 -1.16 9.22 4.39
C PHE A 15 -1.31 8.07 3.38
N VAL A 16 -1.54 8.40 2.12
CA VAL A 16 -1.67 7.36 1.02
C VAL A 16 -1.02 7.71 -0.30
N LEU A 17 -0.87 6.67 -1.11
CA LEU A 17 -0.23 6.73 -2.44
C LEU A 17 -0.93 7.63 -3.51
N ASP A 18 -0.14 8.47 -4.17
CA ASP A 18 -0.65 9.30 -5.30
C ASP A 18 -0.83 8.52 -6.63
N THR A 19 -0.20 7.36 -6.67
CA THR A 19 -0.08 6.43 -7.84
C THR A 19 0.50 7.03 -9.11
N GLN A 20 -0.20 7.95 -9.76
CA GLN A 20 0.28 8.61 -10.99
C GLN A 20 1.60 9.40 -10.80
N ALA A 21 1.81 9.95 -9.61
CA ALA A 21 3.05 10.67 -9.30
C ALA A 21 4.25 9.71 -9.07
N SER A 22 3.97 8.53 -8.52
CA SER A 22 5.00 7.51 -8.26
C SER A 22 5.41 6.78 -9.54
N VAL A 23 4.43 6.52 -10.40
CA VAL A 23 4.70 5.82 -11.69
C VAL A 23 5.41 6.71 -12.68
N SER A 24 5.29 8.02 -12.48
CA SER A 24 6.06 9.02 -13.23
C SER A 24 7.47 9.21 -12.67
N ASN A 25 7.71 8.61 -11.51
CA ASN A 25 9.00 8.63 -10.83
C ASN A 25 9.74 7.25 -10.88
N GLY A 26 9.05 6.25 -11.41
CA GLY A 26 9.60 4.90 -11.60
C GLY A 26 8.78 3.68 -11.17
N ALA A 27 7.71 3.89 -10.41
CA ALA A 27 6.82 2.81 -9.97
C ALA A 27 5.94 2.20 -11.10
N THR A 28 5.40 1.02 -10.85
CA THR A 28 4.50 0.37 -11.84
C THR A 28 3.17 -0.07 -11.30
N PHE A 29 2.11 0.40 -11.96
CA PHE A 29 0.73 -0.01 -11.67
C PHE A 29 0.42 -1.35 -12.36
N LEU A 30 0.78 -2.44 -11.68
CA LEU A 30 0.66 -3.81 -12.24
C LEU A 30 -0.74 -4.46 -12.19
N GLU A 31 -1.37 -4.43 -11.02
CA GLU A 31 -2.75 -4.96 -10.87
C GLU A 31 -3.78 -3.99 -10.27
N SER A 32 -5.04 -4.19 -10.61
CA SER A 32 -6.16 -3.38 -10.03
C SER A 32 -7.46 -4.18 -9.77
N PRO A 33 -7.42 -5.16 -8.84
CA PRO A 33 -8.59 -6.02 -8.62
C PRO A 33 -9.79 -5.36 -7.90
N THR A 34 -10.99 -5.81 -8.27
CA THR A 34 -12.27 -5.29 -7.69
C THR A 34 -12.81 -6.04 -6.45
N VAL A 35 -11.91 -6.59 -5.65
CA VAL A 35 -12.29 -7.33 -4.40
C VAL A 35 -13.01 -6.47 -3.37
N ARG A 36 -13.84 -7.13 -2.57
CA ARG A 36 -14.73 -6.44 -1.58
C ARG A 36 -14.18 -6.26 -0.17
N ARG A 37 -13.02 -6.83 0.11
CA ARG A 37 -12.43 -6.77 1.48
C ARG A 37 -10.94 -6.41 1.53
N GLY A 38 -10.53 -5.72 2.58
CA GLY A 38 -9.12 -5.35 2.74
C GLY A 38 -8.13 -6.52 2.71
N TRP A 39 -8.43 -7.59 3.42
CA TRP A 39 -7.60 -8.83 3.37
C TRP A 39 -7.61 -9.56 2.01
N ASP A 40 -8.65 -9.35 1.21
CA ASP A 40 -8.71 -9.89 -0.16
C ASP A 40 -7.82 -9.06 -1.14
N CYS A 41 -7.59 -7.79 -0.80
CA CYS A 41 -6.69 -6.91 -1.57
C CYS A 41 -5.20 -7.24 -1.29
N VAL A 42 -4.88 -7.46 -0.01
CA VAL A 42 -3.49 -7.82 0.40
C VAL A 42 -3.04 -9.19 -0.14
N ARG A 43 -3.95 -10.17 -0.14
CA ARG A 43 -3.62 -11.51 -0.72
C ARG A 43 -3.45 -11.48 -2.25
N ALA A 44 -4.03 -10.49 -2.90
CA ALA A 44 -3.81 -10.31 -4.33
C ALA A 44 -2.35 -9.82 -4.60
N CYS A 45 -1.85 -8.92 -3.75
CA CYS A 45 -0.43 -8.47 -3.81
C CYS A 45 0.57 -9.59 -3.45
N CYS A 46 0.10 -10.58 -2.69
CA CYS A 46 0.89 -11.80 -2.39
C CYS A 46 1.08 -12.72 -3.63
N THR A 47 0.15 -12.65 -4.58
CA THR A 47 0.23 -13.46 -5.84
C THR A 47 0.84 -12.72 -7.02
N THR A 48 0.77 -11.39 -6.99
CA THR A 48 1.44 -10.53 -8.00
C THR A 48 2.90 -10.33 -7.59
N GLN A 49 3.80 -11.06 -8.23
CA GLN A 49 5.23 -11.09 -7.83
C GLN A 49 6.00 -9.79 -7.60
N ASN A 50 5.74 -8.78 -8.40
CA ASN A 50 6.42 -7.50 -8.27
C ASN A 50 5.61 -6.44 -7.48
N CYS A 51 4.51 -6.85 -6.87
CA CYS A 51 3.68 -5.95 -6.05
C CYS A 51 4.21 -5.79 -4.59
N ASN A 52 4.37 -4.56 -4.15
CA ASN A 52 4.80 -4.29 -2.76
C ASN A 52 3.88 -3.35 -1.94
N LEU A 53 2.94 -2.76 -2.67
CA LEU A 53 1.93 -1.85 -2.13
C LEU A 53 0.50 -2.24 -2.55
N ALA A 54 -0.37 -2.34 -1.56
CA ALA A 54 -1.79 -2.62 -1.77
C ALA A 54 -2.71 -1.48 -1.22
N LEU A 55 -3.14 -0.60 -2.12
CA LEU A 55 -3.98 0.57 -1.82
C LEU A 55 -5.49 0.27 -1.88
N VAL A 56 -6.23 0.73 -0.88
CA VAL A 56 -7.71 0.52 -0.84
C VAL A 56 -8.56 1.72 -0.46
N GLU A 57 -9.81 1.68 -0.92
CA GLU A 57 -10.84 2.65 -0.48
C GLU A 57 -11.88 1.99 0.43
N LEU A 58 -12.22 2.66 1.50
CA LEU A 58 -13.07 2.10 2.58
C LEU A 58 -14.54 2.62 2.58
N GLN A 59 -15.32 2.14 3.54
CA GLN A 59 -16.74 2.56 3.75
C GLN A 59 -17.73 2.30 2.56
N PRO A 60 -17.69 1.09 1.95
CA PRO A 60 -18.61 0.77 0.85
C PRO A 60 -20.07 0.53 1.26
N ASP A 61 -20.25 0.02 2.47
CA ASP A 61 -21.56 -0.27 3.09
C ASP A 61 -21.45 -0.67 4.59
N ARG A 62 -20.36 -1.36 4.95
CA ARG A 62 -20.20 -1.93 6.33
C ARG A 62 -19.21 -1.28 7.30
N GLY A 63 -18.17 -0.65 6.77
CA GLY A 63 -17.10 -0.06 7.57
C GLY A 63 -15.73 -0.18 6.91
N GLU A 64 -14.84 -0.87 7.61
CA GLU A 64 -13.44 -1.11 7.13
C GLU A 64 -13.14 -2.60 6.85
N ASP A 65 -14.00 -3.49 7.34
CA ASP A 65 -13.93 -4.92 7.00
C ASP A 65 -14.17 -5.17 5.49
N ALA A 66 -14.92 -4.23 4.92
CA ALA A 66 -15.25 -4.21 3.53
C ALA A 66 -14.63 -2.95 2.85
N ILE A 67 -14.33 -3.07 1.57
CA ILE A 67 -13.74 -1.97 0.78
C ILE A 67 -14.47 -1.73 -0.55
N ALA A 68 -14.35 -0.52 -1.08
CA ALA A 68 -14.96 -0.14 -2.35
C ALA A 68 -14.08 -0.51 -3.59
N ALA A 69 -12.76 -0.38 -3.43
CA ALA A 69 -11.82 -0.70 -4.52
C ALA A 69 -10.38 -1.10 -4.04
N CYS A 70 -9.67 -1.89 -4.86
CA CYS A 70 -8.26 -2.28 -4.57
C CYS A 70 -7.25 -2.08 -5.73
N PHE A 71 -6.17 -1.34 -5.44
CA PHE A 71 -5.08 -1.09 -6.43
C PHE A 71 -3.68 -1.58 -5.98
N LEU A 72 -2.99 -2.28 -6.87
CA LEU A 72 -1.64 -2.81 -6.59
C LEU A 72 -0.51 -2.11 -7.37
N ILE A 73 0.51 -1.67 -6.65
CA ILE A 73 1.65 -0.91 -7.23
C ILE A 73 3.05 -1.50 -6.80
N ASN A 74 4.01 -1.48 -7.72
CA ASN A 74 5.38 -1.99 -7.46
C ASN A 74 6.29 -1.06 -6.59
N CYS A 75 5.98 0.24 -6.66
CA CYS A 75 6.64 1.36 -5.96
C CYS A 75 8.18 1.40 -5.87
N LEU A 76 8.84 0.69 -6.77
CA LEU A 76 10.31 0.57 -6.82
C LEU A 76 10.96 0.82 -8.20
N TYR A 77 12.07 1.51 -8.15
CA TYR A 77 12.89 1.84 -9.34
C TYR A 77 14.37 1.85 -8.99
N GLU A 78 15.13 1.04 -9.71
CA GLU A 78 16.56 0.77 -9.39
C GLU A 78 16.74 0.30 -7.92
N GLN A 79 15.74 -0.48 -7.48
CA GLN A 79 15.58 -1.00 -6.10
C GLN A 79 15.24 0.07 -5.03
N ASN A 80 15.04 1.31 -5.44
CA ASN A 80 14.70 2.41 -4.51
C ASN A 80 13.20 2.67 -4.38
N PHE A 81 12.81 3.18 -3.23
CA PHE A 81 11.40 3.46 -2.91
C PHE A 81 10.91 4.82 -3.45
N VAL A 82 10.67 4.87 -4.76
CA VAL A 82 10.22 6.12 -5.47
C VAL A 82 8.73 6.44 -5.29
N CYS A 83 8.16 5.74 -4.34
CA CYS A 83 6.74 5.85 -3.96
C CYS A 83 6.35 7.26 -3.41
N LYS A 84 5.32 7.88 -3.98
CA LYS A 84 4.85 9.23 -3.55
C LYS A 84 3.53 9.24 -2.78
N PHE A 85 3.44 10.19 -1.86
CA PHE A 85 2.27 10.26 -0.94
C PHE A 85 1.68 11.66 -0.64
N ALA A 86 0.41 11.65 -0.24
CA ALA A 86 -0.31 12.85 0.16
C ALA A 86 -1.35 12.58 1.31
N PRO A 87 -1.76 13.63 2.07
CA PRO A 87 -2.77 13.40 3.11
C PRO A 87 -4.17 13.13 2.52
N ARG A 88 -4.98 12.36 3.23
CA ARG A 88 -6.35 11.96 2.77
C ARG A 88 -7.48 11.94 3.82
N GLU A 89 -8.70 11.73 3.35
CA GLU A 89 -9.90 11.59 4.24
C GLU A 89 -10.34 10.11 4.53
N GLY A 90 -10.26 9.23 3.53
CA GLY A 90 -10.65 7.81 3.71
C GLY A 90 -9.61 6.70 3.50
N PHE A 91 -9.05 6.60 2.30
CA PHE A 91 -8.09 5.53 1.90
C PHE A 91 -6.99 5.00 2.86
N ILE A 92 -6.61 3.74 2.65
CA ILE A 92 -5.35 3.18 3.25
C ILE A 92 -4.51 2.30 2.34
N ASN A 93 -3.30 2.01 2.79
CA ASN A 93 -2.39 1.10 2.09
C ASN A 93 -1.61 0.09 2.99
N TYR A 94 -1.43 -1.11 2.46
CA TYR A 94 -0.61 -2.17 3.09
C TYR A 94 0.76 -2.33 2.37
N LEU A 95 1.81 -2.56 3.15
CA LEU A 95 3.17 -2.73 2.64
C LEU A 95 3.69 -4.15 2.90
N THR A 96 4.73 -4.56 2.19
CA THR A 96 5.36 -5.88 2.50
C THR A 96 6.31 -5.72 3.67
N ARG A 97 6.61 -6.82 4.34
CA ARG A 97 7.56 -6.83 5.49
C ARG A 97 8.99 -6.35 5.18
N GLU A 98 9.30 -6.18 3.89
CA GLU A 98 10.61 -5.66 3.46
C GLU A 98 10.56 -4.19 3.07
N VAL A 99 9.47 -3.77 2.43
CA VAL A 99 9.32 -2.35 2.05
C VAL A 99 8.66 -1.44 3.11
N TYR A 100 7.97 -2.06 4.07
CA TYR A 100 7.43 -1.35 5.26
C TYR A 100 8.53 -0.67 6.08
N ARG A 101 9.74 -1.22 5.98
CA ARG A 101 10.95 -0.66 6.64
C ARG A 101 11.25 0.78 6.21
N SER A 102 11.03 1.05 4.94
CA SER A 102 11.17 2.42 4.34
C SER A 102 9.97 3.32 4.58
N TYR A 103 8.77 2.75 4.55
CA TYR A 103 7.53 3.52 4.79
C TYR A 103 7.47 4.16 6.19
N ARG A 104 8.02 3.46 7.17
CA ARG A 104 8.11 3.99 8.56
C ARG A 104 9.13 5.14 8.71
N GLN A 105 10.16 5.14 7.88
CA GLN A 105 11.22 6.16 7.93
C GLN A 105 10.84 7.50 7.32
N LEU A 106 9.77 7.54 6.52
CA LEU A 106 9.29 8.77 5.90
C LEU A 106 8.05 9.40 6.58
N VAL A 107 7.34 8.62 7.39
CA VAL A 107 6.15 9.12 8.14
C VAL A 107 6.40 9.64 9.56
N ASP A 108 7.55 9.31 10.13
CA ASP A 108 7.96 9.85 11.46
C ASP A 108 8.42 11.34 11.48
N HIS A 109 8.39 12.02 10.34
CA HIS A 109 8.79 13.44 10.27
C HIS A 109 7.75 14.46 10.81
N HIS A 110 7.80 14.69 12.12
CA HIS A 110 6.90 15.67 12.78
C HIS A 110 7.22 17.15 12.38
N HIS A 111 6.19 17.91 12.06
CA HIS A 111 6.34 19.33 11.65
C HIS A 111 6.86 20.30 12.75
N HIS A 112 7.55 21.34 12.32
CA HIS A 112 8.06 22.38 13.24
C HIS A 112 8.13 23.78 12.59
N HIS A 113 8.06 24.84 13.41
CA HIS A 113 7.99 26.23 12.90
C HIS A 113 9.10 27.21 13.37
N HIS A 114 10.25 26.66 13.77
CA HIS A 114 11.41 27.44 14.28
C HIS A 114 12.77 27.01 13.68
N GLY A 1 8.07 -22.34 4.73
CA GLY A 1 7.01 -22.38 3.72
C GLY A 1 6.80 -21.02 3.14
N ALA A 2 5.77 -20.81 2.36
CA ALA A 2 5.47 -19.46 1.82
C ALA A 2 4.61 -18.60 2.81
N ASP A 3 5.25 -17.64 3.47
CA ASP A 3 4.61 -16.75 4.47
C ASP A 3 3.58 -15.68 3.92
N CYS A 4 2.66 -16.14 3.09
CA CYS A 4 1.67 -15.29 2.41
C CYS A 4 0.75 -14.49 3.37
N LEU A 5 0.50 -13.23 3.00
CA LEU A 5 -0.28 -12.23 3.79
C LEU A 5 0.38 -11.78 5.14
N ASN A 6 1.00 -12.71 5.87
CA ASN A 6 1.81 -12.37 7.06
C ASN A 6 3.12 -11.60 6.70
N SER A 7 3.49 -11.65 5.43
CA SER A 7 4.62 -10.87 4.86
C SER A 7 4.31 -9.37 4.67
N PHE A 8 3.15 -8.93 5.11
CA PHE A 8 2.69 -7.52 4.97
C PHE A 8 2.29 -6.77 6.27
N THR A 9 2.52 -5.46 6.25
CA THR A 9 2.17 -4.53 7.35
C THR A 9 1.43 -3.29 6.85
N ALA A 10 0.32 -2.95 7.49
CA ALA A 10 -0.44 -1.76 7.08
C ALA A 10 0.31 -0.41 7.37
N GLY A 11 0.26 0.51 6.41
CA GLY A 11 0.94 1.81 6.54
C GLY A 11 0.20 2.93 7.26
N VAL A 12 -0.67 2.54 8.20
CA VAL A 12 -1.58 3.41 9.03
C VAL A 12 -2.51 4.44 8.32
N PRO A 13 -3.70 4.71 8.91
CA PRO A 13 -4.53 5.70 8.21
C PRO A 13 -4.03 7.15 8.33
N GLY A 14 -4.49 7.98 7.39
CA GLY A 14 -4.07 9.38 7.32
C GLY A 14 -3.12 9.68 6.17
N PHE A 15 -2.31 8.70 5.79
CA PHE A 15 -1.36 8.84 4.65
C PHE A 15 -1.45 7.74 3.57
N VAL A 16 -1.73 8.12 2.33
CA VAL A 16 -1.78 7.15 1.19
C VAL A 16 -1.08 7.52 -0.10
N LEU A 17 -0.91 6.51 -0.94
CA LEU A 17 -0.22 6.61 -2.24
C LEU A 17 -0.80 7.57 -3.30
N ASP A 18 0.08 8.39 -3.85
CA ASP A 18 -0.22 9.15 -5.08
C ASP A 18 0.18 8.29 -6.30
N THR A 19 -0.72 7.42 -6.73
CA THR A 19 -0.37 6.41 -7.79
C THR A 19 0.22 7.01 -9.07
N GLN A 20 -0.38 8.06 -9.59
CA GLN A 20 0.15 8.72 -10.82
C GLN A 20 1.43 9.55 -10.65
N ALA A 21 1.77 9.87 -9.41
CA ALA A 21 2.99 10.63 -9.11
C ALA A 21 4.16 9.65 -8.90
N SER A 22 3.83 8.50 -8.33
CA SER A 22 4.77 7.42 -8.09
C SER A 22 5.21 6.74 -9.38
N VAL A 23 4.25 6.49 -10.28
CA VAL A 23 4.55 5.83 -11.58
C VAL A 23 5.28 6.76 -12.54
N SER A 24 5.17 8.05 -12.28
CA SER A 24 5.94 9.08 -13.00
C SER A 24 7.38 9.23 -12.47
N ASN A 25 7.62 8.66 -11.28
CA ASN A 25 8.93 8.67 -10.64
C ASN A 25 9.67 7.30 -10.76
N GLY A 26 8.95 6.31 -11.28
CA GLY A 26 9.50 4.95 -11.53
C GLY A 26 8.69 3.72 -11.09
N ALA A 27 7.63 3.92 -10.32
CA ALA A 27 6.73 2.86 -9.89
C ALA A 27 5.89 2.26 -11.06
N THR A 28 5.33 1.10 -10.82
CA THR A 28 4.47 0.43 -11.82
C THR A 28 3.16 -0.07 -11.28
N PHE A 29 2.08 0.33 -11.94
CA PHE A 29 0.74 -0.21 -11.68
C PHE A 29 0.62 -1.57 -12.41
N LEU A 30 0.55 -2.65 -11.64
CA LEU A 30 0.55 -4.03 -12.23
C LEU A 30 -0.80 -4.74 -12.23
N GLU A 31 -1.45 -4.75 -11.07
CA GLU A 31 -2.78 -5.35 -10.93
C GLU A 31 -3.82 -4.40 -10.27
N SER A 32 -5.07 -4.56 -10.62
CA SER A 32 -6.16 -3.70 -10.09
C SER A 32 -7.44 -4.48 -9.67
N PRO A 33 -7.34 -5.27 -8.56
CA PRO A 33 -8.49 -6.08 -8.12
C PRO A 33 -9.79 -5.35 -7.76
N THR A 34 -10.89 -6.07 -7.92
CA THR A 34 -12.27 -5.60 -7.56
C THR A 34 -12.82 -6.39 -6.36
N VAL A 35 -11.88 -6.80 -5.50
CA VAL A 35 -12.21 -7.48 -4.22
C VAL A 35 -12.98 -6.58 -3.26
N ARG A 36 -13.73 -7.21 -2.37
CA ARG A 36 -14.65 -6.49 -1.44
C ARG A 36 -14.08 -6.09 -0.09
N ARG A 37 -12.86 -6.52 0.22
CA ARG A 37 -12.22 -6.21 1.52
C ARG A 37 -10.77 -5.71 1.48
N GLY A 38 -10.42 -4.90 2.45
CA GLY A 38 -9.03 -4.43 2.60
C GLY A 38 -8.01 -5.57 2.73
N TRP A 39 -8.34 -6.58 3.53
CA TRP A 39 -7.50 -7.79 3.64
C TRP A 39 -7.51 -8.69 2.38
N ASP A 40 -8.55 -8.61 1.56
CA ASP A 40 -8.60 -9.35 0.28
C ASP A 40 -7.71 -8.65 -0.79
N CYS A 41 -7.48 -7.36 -0.63
CA CYS A 41 -6.59 -6.58 -1.53
C CYS A 41 -5.10 -6.89 -1.29
N VAL A 42 -4.69 -6.90 -0.03
CA VAL A 42 -3.29 -7.22 0.31
C VAL A 42 -2.89 -8.68 0.11
N ARG A 43 -3.83 -9.61 0.30
CA ARG A 43 -3.57 -11.05 -0.04
C ARG A 43 -3.45 -11.27 -1.57
N ALA A 44 -3.99 -10.35 -2.35
CA ALA A 44 -3.79 -10.35 -3.82
C ALA A 44 -2.35 -9.86 -4.20
N CYS A 45 -1.80 -8.94 -3.40
CA CYS A 45 -0.40 -8.48 -3.58
C CYS A 45 0.62 -9.60 -3.29
N CYS A 46 0.18 -10.62 -2.55
CA CYS A 46 0.97 -11.85 -2.32
C CYS A 46 1.08 -12.75 -3.57
N THR A 47 0.06 -12.73 -4.44
CA THR A 47 0.06 -13.54 -5.69
C THR A 47 0.58 -12.78 -6.91
N THR A 48 0.50 -11.46 -6.86
CA THR A 48 1.15 -10.59 -7.90
C THR A 48 2.63 -10.40 -7.56
N GLN A 49 3.48 -11.16 -8.22
CA GLN A 49 4.93 -11.24 -7.89
C GLN A 49 5.75 -9.95 -7.66
N ASN A 50 5.51 -8.93 -8.45
CA ASN A 50 6.25 -7.67 -8.33
C ASN A 50 5.49 -6.57 -7.55
N CYS A 51 4.42 -6.95 -6.88
CA CYS A 51 3.63 -6.02 -6.05
C CYS A 51 4.22 -5.81 -4.62
N ASN A 52 4.44 -4.55 -4.26
CA ASN A 52 4.93 -4.21 -2.90
C ASN A 52 4.01 -3.22 -2.12
N LEU A 53 2.95 -2.77 -2.79
CA LEU A 53 1.96 -1.85 -2.23
C LEU A 53 0.51 -2.26 -2.59
N ALA A 54 -0.35 -2.31 -1.59
CA ALA A 54 -1.77 -2.65 -1.76
C ALA A 54 -2.74 -1.52 -1.27
N LEU A 55 -3.08 -0.61 -2.18
CA LEU A 55 -3.94 0.56 -1.91
C LEU A 55 -5.46 0.26 -2.02
N VAL A 56 -6.22 0.74 -1.04
CA VAL A 56 -7.71 0.56 -1.03
C VAL A 56 -8.57 1.78 -0.69
N GLU A 57 -9.75 1.78 -1.29
CA GLU A 57 -10.80 2.80 -1.04
C GLU A 57 -11.88 2.25 -0.09
N LEU A 58 -12.08 2.88 1.07
CA LEU A 58 -13.04 2.37 2.08
C LEU A 58 -14.49 2.92 1.94
N GLN A 59 -15.32 2.64 2.95
CA GLN A 59 -16.73 3.11 3.06
C GLN A 59 -17.76 2.66 1.97
N PRO A 60 -17.69 1.39 1.51
CA PRO A 60 -18.65 0.91 0.49
C PRO A 60 -20.08 0.61 0.99
N ASP A 61 -20.16 0.15 2.23
CA ASP A 61 -21.44 -0.25 2.90
C ASP A 61 -21.25 -0.57 4.41
N ARG A 62 -20.11 -1.19 4.76
CA ARG A 62 -19.89 -1.70 6.15
C ARG A 62 -18.91 -0.97 7.08
N GLY A 63 -18.00 -0.20 6.50
CA GLY A 63 -16.96 0.50 7.25
C GLY A 63 -15.62 0.53 6.53
N GLU A 64 -14.62 -0.08 7.16
CA GLU A 64 -13.24 -0.17 6.59
C GLU A 64 -12.73 -1.61 6.36
N ASP A 65 -13.39 -2.60 6.96
CA ASP A 65 -13.09 -4.01 6.61
C ASP A 65 -13.44 -4.25 5.13
N ALA A 66 -14.54 -3.65 4.72
CA ALA A 66 -15.01 -3.73 3.35
C ALA A 66 -14.51 -2.50 2.55
N ILE A 67 -14.29 -2.69 1.26
CA ILE A 67 -13.77 -1.63 0.37
C ILE A 67 -14.54 -1.47 -0.95
N ALA A 68 -14.41 -0.29 -1.53
CA ALA A 68 -15.00 0.04 -2.82
C ALA A 68 -14.10 -0.43 -4.01
N ALA A 69 -12.78 -0.30 -3.85
CA ALA A 69 -11.82 -0.71 -4.89
C ALA A 69 -10.37 -1.04 -4.37
N CYS A 70 -9.64 -1.87 -5.13
CA CYS A 70 -8.24 -2.24 -4.79
C CYS A 70 -7.19 -2.00 -5.93
N PHE A 71 -6.11 -1.30 -5.58
CA PHE A 71 -5.01 -0.99 -6.53
C PHE A 71 -3.60 -1.51 -6.10
N LEU A 72 -2.99 -2.38 -6.89
CA LEU A 72 -1.65 -2.93 -6.58
C LEU A 72 -0.50 -2.25 -7.39
N ILE A 73 0.51 -1.81 -6.66
CA ILE A 73 1.67 -1.04 -7.22
C ILE A 73 3.08 -1.56 -6.78
N ASN A 74 4.03 -1.57 -7.71
CA ASN A 74 5.41 -2.00 -7.40
C ASN A 74 6.17 -1.02 -6.44
N CYS A 75 6.05 0.27 -6.73
CA CYS A 75 6.65 1.39 -6.00
C CYS A 75 8.20 1.42 -5.88
N LEU A 76 8.84 0.53 -6.62
CA LEU A 76 10.30 0.44 -6.68
C LEU A 76 10.90 0.66 -8.09
N TYR A 77 12.02 1.35 -8.11
CA TYR A 77 12.79 1.63 -9.35
C TYR A 77 14.28 1.68 -9.04
N GLU A 78 15.05 0.88 -9.76
CA GLU A 78 16.50 0.65 -9.49
C GLU A 78 16.72 0.23 -8.02
N GLN A 79 15.77 -0.57 -7.53
CA GLN A 79 15.66 -1.07 -6.12
C GLN A 79 15.33 0.01 -5.06
N ASN A 80 15.11 1.24 -5.49
CA ASN A 80 14.77 2.36 -4.58
C ASN A 80 13.27 2.63 -4.42
N PHE A 81 12.93 3.16 -3.26
CA PHE A 81 11.52 3.45 -2.92
C PHE A 81 11.04 4.81 -3.47
N VAL A 82 10.83 4.85 -4.78
CA VAL A 82 10.39 6.08 -5.52
C VAL A 82 8.93 6.47 -5.32
N CYS A 83 8.31 5.76 -4.41
CA CYS A 83 6.90 5.91 -4.04
C CYS A 83 6.51 7.30 -3.45
N LYS A 84 5.35 7.80 -3.85
CA LYS A 84 4.84 9.14 -3.41
C LYS A 84 3.58 9.06 -2.54
N PHE A 85 3.49 9.96 -1.58
CA PHE A 85 2.36 9.97 -0.62
C PHE A 85 1.79 11.36 -0.21
N ALA A 86 0.52 11.36 0.16
CA ALA A 86 -0.18 12.58 0.56
C ALA A 86 -1.28 12.33 1.66
N PRO A 87 -1.66 13.39 2.42
CA PRO A 87 -2.74 13.18 3.39
C PRO A 87 -4.11 12.98 2.70
N ARG A 88 -4.98 12.20 3.34
CA ARG A 88 -6.29 11.84 2.73
C ARG A 88 -7.51 11.67 3.66
N GLU A 89 -8.67 11.47 3.07
CA GLU A 89 -9.93 11.22 3.83
C GLU A 89 -10.50 9.76 3.83
N GLY A 90 -10.47 9.08 2.68
CA GLY A 90 -11.08 7.74 2.54
C GLY A 90 -10.29 6.51 2.07
N PHE A 91 -8.96 6.51 2.24
CA PHE A 91 -8.10 5.39 1.75
C PHE A 91 -7.05 4.79 2.73
N ILE A 92 -6.56 3.59 2.42
CA ILE A 92 -5.35 3.02 3.08
C ILE A 92 -4.48 2.14 2.19
N ASN A 93 -3.29 1.85 2.66
CA ASN A 93 -2.37 0.91 1.97
C ASN A 93 -1.45 -0.01 2.81
N TYR A 94 -1.42 -1.29 2.47
CA TYR A 94 -0.47 -2.25 3.07
C TYR A 94 0.89 -2.28 2.31
N LEU A 95 1.97 -2.50 3.05
CA LEU A 95 3.34 -2.58 2.51
C LEU A 95 3.93 -3.97 2.82
N THR A 96 4.95 -4.38 2.08
CA THR A 96 5.63 -5.68 2.39
C THR A 96 6.61 -5.50 3.53
N ARG A 97 7.00 -6.60 4.16
CA ARG A 97 8.00 -6.60 5.27
C ARG A 97 9.39 -6.06 4.89
N GLU A 98 9.61 -5.92 3.59
CA GLU A 98 10.87 -5.40 3.05
C GLU A 98 10.78 -3.93 2.66
N VAL A 99 9.65 -3.53 2.10
CA VAL A 99 9.46 -2.14 1.69
C VAL A 99 8.87 -1.20 2.76
N TYR A 100 8.23 -1.78 3.78
CA TYR A 100 7.77 -1.02 4.96
C TYR A 100 8.94 -0.38 5.73
N ARG A 101 10.13 -0.98 5.58
CA ARG A 101 11.39 -0.45 6.16
C ARG A 101 11.71 0.97 5.67
N SER A 102 11.41 1.22 4.40
CA SER A 102 11.56 2.55 3.78
C SER A 102 10.32 3.44 3.95
N TYR A 103 9.14 2.85 4.05
CA TYR A 103 7.89 3.61 4.31
C TYR A 103 7.92 4.32 5.68
N ARG A 104 8.61 3.72 6.63
CA ARG A 104 8.80 4.36 7.97
C ARG A 104 9.70 5.59 7.94
N GLN A 105 10.68 5.58 7.04
CA GLN A 105 11.65 6.67 6.90
C GLN A 105 11.07 8.01 6.41
N LEU A 106 9.85 7.96 5.85
CA LEU A 106 9.16 9.17 5.38
C LEU A 106 7.91 9.60 6.19
N VAL A 107 7.56 8.80 7.19
CA VAL A 107 6.47 9.16 8.16
C VAL A 107 6.97 9.45 9.57
N ASP A 108 8.20 9.03 9.86
CA ASP A 108 8.86 9.33 11.15
C ASP A 108 9.38 10.79 11.24
N HIS A 109 9.41 11.30 12.46
CA HIS A 109 9.83 12.70 12.75
C HIS A 109 10.92 12.82 13.84
N HIS A 110 11.52 14.01 13.94
CA HIS A 110 12.59 14.29 14.92
C HIS A 110 12.16 14.22 16.43
N HIS A 111 10.86 14.22 16.69
CA HIS A 111 10.34 14.10 18.06
C HIS A 111 10.28 12.63 18.54
N HIS A 112 10.76 12.36 19.76
CA HIS A 112 10.76 10.98 20.30
C HIS A 112 9.36 10.38 20.58
N HIS A 113 9.20 9.10 20.27
CA HIS A 113 7.93 8.38 20.51
C HIS A 113 8.10 6.85 20.69
N HIS A 114 7.38 6.30 21.67
CA HIS A 114 7.40 4.84 22.03
C HIS A 114 8.81 4.26 22.40
N GLY A 1 5.40 -20.53 8.97
CA GLY A 1 6.35 -19.41 9.14
C GLY A 1 6.57 -18.72 7.85
N ALA A 2 6.86 -17.42 7.86
CA ALA A 2 7.01 -16.61 6.61
C ALA A 2 5.71 -16.60 5.72
N ASP A 3 4.59 -16.93 6.34
CA ASP A 3 3.29 -17.10 5.69
C ASP A 3 2.64 -15.89 4.97
N CYS A 4 1.70 -16.17 4.07
CA CYS A 4 0.96 -15.10 3.37
C CYS A 4 0.16 -14.21 4.36
N LEU A 5 0.13 -12.91 4.08
CA LEU A 5 -0.43 -11.83 4.97
C LEU A 5 0.35 -11.59 6.29
N ASN A 6 0.97 -12.63 6.86
CA ASN A 6 1.92 -12.47 7.98
C ASN A 6 3.19 -11.72 7.47
N SER A 7 3.45 -11.86 6.18
CA SER A 7 4.52 -11.13 5.45
C SER A 7 4.17 -9.68 5.04
N PHE A 8 2.99 -9.20 5.46
CA PHE A 8 2.53 -7.81 5.19
C PHE A 8 2.10 -6.99 6.43
N THR A 9 2.28 -5.68 6.34
CA THR A 9 1.88 -4.73 7.43
C THR A 9 1.20 -3.46 6.90
N ALA A 10 0.06 -3.09 7.48
CA ALA A 10 -0.66 -1.89 7.06
C ALA A 10 -0.01 -0.53 7.47
N GLY A 11 -0.06 0.44 6.57
CA GLY A 11 0.47 1.78 6.85
C GLY A 11 -0.47 2.71 7.63
N VAL A 12 0.06 3.80 8.15
CA VAL A 12 -0.73 4.79 8.93
C VAL A 12 -1.88 5.45 8.11
N PRO A 13 -3.11 5.53 8.67
CA PRO A 13 -4.17 6.17 7.88
C PRO A 13 -3.99 7.69 7.73
N GLY A 14 -4.62 8.27 6.72
CA GLY A 14 -4.45 9.70 6.44
C GLY A 14 -3.34 10.01 5.43
N PHE A 15 -2.32 9.15 5.37
CA PHE A 15 -1.25 9.27 4.36
C PHE A 15 -1.15 8.04 3.44
N VAL A 16 -1.49 8.23 2.17
CA VAL A 16 -1.44 7.12 1.15
C VAL A 16 -0.79 7.50 -0.16
N LEU A 17 -0.56 6.47 -0.97
CA LEU A 17 0.05 6.61 -2.31
C LEU A 17 -0.67 7.54 -3.31
N ASP A 18 0.12 8.42 -3.90
CA ASP A 18 -0.26 9.19 -5.10
C ASP A 18 0.24 8.39 -6.33
N THR A 19 -0.59 7.47 -6.81
CA THR A 19 -0.16 6.51 -7.87
C THR A 19 0.37 7.15 -9.14
N GLN A 20 -0.32 8.13 -9.68
CA GLN A 20 0.14 8.81 -10.92
C GLN A 20 1.48 9.57 -10.75
N ALA A 21 1.72 10.10 -9.56
CA ALA A 21 2.97 10.81 -9.27
C ALA A 21 4.15 9.82 -9.08
N SER A 22 3.88 8.66 -8.50
CA SER A 22 4.94 7.65 -8.31
C SER A 22 5.27 6.88 -9.56
N VAL A 23 4.27 6.61 -10.39
CA VAL A 23 4.51 5.91 -11.70
C VAL A 23 5.24 6.80 -12.69
N SER A 24 5.14 8.10 -12.47
CA SER A 24 5.93 9.11 -13.22
C SER A 24 7.37 9.24 -12.68
N ASN A 25 7.60 8.68 -11.50
CA ASN A 25 8.91 8.69 -10.83
C ASN A 25 9.64 7.31 -10.85
N GLY A 26 8.93 6.31 -11.37
CA GLY A 26 9.48 4.95 -11.55
C GLY A 26 8.64 3.74 -11.10
N ALA A 27 7.56 3.97 -10.36
CA ALA A 27 6.66 2.89 -9.92
C ALA A 27 5.81 2.29 -11.06
N THR A 28 5.25 1.12 -10.80
CA THR A 28 4.37 0.44 -11.77
C THR A 28 3.05 -0.01 -11.21
N PHE A 29 1.99 0.41 -11.87
CA PHE A 29 0.62 -0.03 -11.55
C PHE A 29 0.32 -1.38 -12.25
N LEU A 30 0.71 -2.46 -11.59
CA LEU A 30 0.64 -3.83 -12.16
C LEU A 30 -0.73 -4.55 -12.12
N GLU A 31 -1.36 -4.59 -10.96
CA GLU A 31 -2.68 -5.23 -10.80
C GLU A 31 -3.76 -4.30 -10.19
N SER A 32 -4.98 -4.45 -10.64
CA SER A 32 -6.12 -3.60 -10.13
C SER A 32 -7.44 -4.34 -9.84
N PRO A 33 -7.47 -5.19 -8.79
CA PRO A 33 -8.67 -5.95 -8.43
C PRO A 33 -9.91 -5.15 -8.04
N THR A 34 -11.07 -5.77 -8.25
CA THR A 34 -12.38 -5.19 -7.83
C THR A 34 -12.93 -5.88 -6.57
N VAL A 35 -12.01 -6.42 -5.78
CA VAL A 35 -12.36 -7.10 -4.50
C VAL A 35 -13.03 -6.19 -3.49
N ARG A 36 -13.90 -6.82 -2.71
CA ARG A 36 -14.76 -6.14 -1.72
C ARG A 36 -14.23 -6.01 -0.27
N ARG A 37 -13.01 -6.49 -0.03
CA ARG A 37 -12.36 -6.34 1.31
C ARG A 37 -10.89 -5.90 1.30
N GLY A 38 -10.49 -5.18 2.34
CA GLY A 38 -9.09 -4.75 2.48
C GLY A 38 -8.10 -5.91 2.52
N TRP A 39 -8.44 -6.95 3.27
CA TRP A 39 -7.63 -8.19 3.27
C TRP A 39 -7.65 -8.98 1.95
N ASP A 40 -8.73 -8.89 1.17
CA ASP A 40 -8.79 -9.51 -0.16
C ASP A 40 -7.87 -8.77 -1.17
N CYS A 41 -7.62 -7.49 -0.93
CA CYS A 41 -6.71 -6.68 -1.75
C CYS A 41 -5.22 -6.99 -1.51
N VAL A 42 -4.84 -7.06 -0.24
CA VAL A 42 -3.43 -7.38 0.12
C VAL A 42 -3.04 -8.85 -0.11
N ARG A 43 -3.99 -9.78 0.05
CA ARG A 43 -3.71 -11.20 -0.34
C ARG A 43 -3.51 -11.37 -1.86
N ALA A 44 -4.03 -10.46 -2.65
CA ALA A 44 -3.75 -10.43 -4.08
C ALA A 44 -2.27 -9.97 -4.34
N CYS A 45 -1.79 -9.00 -3.57
CA CYS A 45 -0.37 -8.55 -3.64
C CYS A 45 0.60 -9.65 -3.18
N CYS A 46 0.12 -10.51 -2.29
CA CYS A 46 0.84 -11.72 -1.83
C CYS A 46 1.04 -12.79 -2.94
N THR A 47 0.27 -12.67 -4.03
CA THR A 47 0.38 -13.59 -5.20
C THR A 47 0.94 -12.94 -6.48
N THR A 48 0.82 -11.62 -6.57
CA THR A 48 1.48 -10.85 -7.66
C THR A 48 2.92 -10.57 -7.27
N GLN A 49 3.85 -11.36 -7.78
CA GLN A 49 5.28 -11.33 -7.36
C GLN A 49 5.98 -9.97 -7.32
N ASN A 50 5.71 -9.13 -8.30
CA ASN A 50 6.32 -7.80 -8.39
C ASN A 50 5.59 -6.66 -7.62
N CYS A 51 4.54 -7.03 -6.90
CA CYS A 51 3.76 -6.07 -6.06
C CYS A 51 4.35 -5.89 -4.63
N ASN A 52 4.58 -4.64 -4.24
CA ASN A 52 5.08 -4.33 -2.89
C ASN A 52 4.12 -3.44 -2.05
N LEU A 53 3.09 -2.90 -2.71
CA LEU A 53 2.06 -2.09 -2.06
C LEU A 53 0.62 -2.41 -2.53
N ALA A 54 -0.28 -2.51 -1.57
CA ALA A 54 -1.71 -2.78 -1.83
C ALA A 54 -2.64 -1.65 -1.27
N LEU A 55 -3.01 -0.74 -2.16
CA LEU A 55 -3.82 0.46 -1.87
C LEU A 55 -5.35 0.21 -1.94
N VAL A 56 -6.10 0.73 -0.98
CA VAL A 56 -7.60 0.57 -0.99
C VAL A 56 -8.45 1.80 -0.68
N GLU A 57 -9.64 1.78 -1.27
CA GLU A 57 -10.69 2.80 -1.06
C GLU A 57 -11.77 2.29 -0.08
N LEU A 58 -11.92 2.93 1.05
CA LEU A 58 -12.81 2.45 2.14
C LEU A 58 -14.29 2.98 2.18
N GLN A 59 -15.03 2.51 3.18
CA GLN A 59 -16.45 2.90 3.44
C GLN A 59 -17.47 2.60 2.31
N PRO A 60 -17.48 1.34 1.81
CA PRO A 60 -18.45 0.95 0.76
C PRO A 60 -19.89 0.72 1.27
N ASP A 61 -19.96 0.29 2.52
CA ASP A 61 -21.21 -0.09 3.20
C ASP A 61 -20.97 -0.31 4.72
N ARG A 62 -19.94 -1.10 5.04
CA ARG A 62 -19.68 -1.60 6.42
C ARG A 62 -18.59 -0.95 7.30
N GLY A 63 -17.60 -0.31 6.69
CA GLY A 63 -16.48 0.28 7.41
C GLY A 63 -15.15 0.24 6.69
N GLU A 64 -14.20 -0.46 7.28
CA GLU A 64 -12.82 -0.58 6.77
C GLU A 64 -12.38 -2.00 6.36
N ASP A 65 -12.98 -3.03 6.96
CA ASP A 65 -12.72 -4.40 6.50
C ASP A 65 -13.27 -4.59 5.07
N ALA A 66 -14.35 -3.89 4.76
CA ALA A 66 -14.94 -3.88 3.44
C ALA A 66 -14.43 -2.64 2.66
N ILE A 67 -14.21 -2.80 1.36
CA ILE A 67 -13.70 -1.70 0.51
C ILE A 67 -14.48 -1.53 -0.81
N ALA A 68 -14.36 -0.35 -1.38
CA ALA A 68 -14.98 -0.02 -2.67
C ALA A 68 -14.10 -0.47 -3.88
N ALA A 69 -12.78 -0.30 -3.74
CA ALA A 69 -11.83 -0.66 -4.82
C ALA A 69 -10.38 -0.99 -4.33
N CYS A 70 -9.66 -1.76 -5.14
CA CYS A 70 -8.26 -2.19 -4.83
C CYS A 70 -7.19 -1.92 -5.94
N PHE A 71 -6.06 -1.34 -5.53
CA PHE A 71 -4.97 -0.96 -6.45
C PHE A 71 -3.55 -1.41 -6.01
N LEU A 72 -2.92 -2.28 -6.78
CA LEU A 72 -1.59 -2.79 -6.44
C LEU A 72 -0.46 -2.12 -7.23
N ILE A 73 0.54 -1.65 -6.51
CA ILE A 73 1.67 -0.91 -7.09
C ILE A 73 3.07 -1.43 -6.65
N ASN A 74 3.98 -1.49 -7.61
CA ASN A 74 5.38 -1.92 -7.36
C ASN A 74 6.15 -0.93 -6.41
N CYS A 75 6.03 0.36 -6.71
CA CYS A 75 6.67 1.48 -5.95
C CYS A 75 8.21 1.47 -5.83
N LEU A 76 8.84 0.58 -6.59
CA LEU A 76 10.30 0.47 -6.64
C LEU A 76 10.88 0.67 -8.05
N TYR A 77 12.03 1.34 -8.08
CA TYR A 77 12.78 1.63 -9.31
C TYR A 77 14.28 1.60 -9.03
N GLU A 78 15.00 0.74 -9.74
CA GLU A 78 16.45 0.47 -9.47
C GLU A 78 16.67 0.05 -7.99
N GLN A 79 15.68 -0.69 -7.48
CA GLN A 79 15.55 -1.14 -6.07
C GLN A 79 15.27 -0.02 -5.04
N ASN A 80 15.12 1.21 -5.51
CA ASN A 80 14.82 2.35 -4.63
C ASN A 80 13.32 2.63 -4.44
N PHE A 81 13.00 3.19 -3.30
CA PHE A 81 11.59 3.48 -2.93
C PHE A 81 11.05 4.83 -3.48
N VAL A 82 10.77 4.84 -4.78
CA VAL A 82 10.28 6.05 -5.52
C VAL A 82 8.80 6.37 -5.29
N CYS A 83 8.24 5.71 -4.29
CA CYS A 83 6.83 5.87 -3.87
C CYS A 83 6.46 7.30 -3.40
N LYS A 84 5.41 7.87 -4.00
CA LYS A 84 4.94 9.24 -3.65
C LYS A 84 3.66 9.24 -2.81
N PHE A 85 3.53 10.22 -1.94
CA PHE A 85 2.38 10.28 -1.00
C PHE A 85 1.67 11.64 -0.87
N ALA A 86 0.41 11.57 -0.46
CA ALA A 86 -0.42 12.77 -0.26
C ALA A 86 -1.49 12.57 0.87
N PRO A 87 -1.94 13.68 1.50
CA PRO A 87 -2.98 13.48 2.52
C PRO A 87 -4.33 13.05 1.93
N ARG A 88 -5.02 12.15 2.63
CA ARG A 88 -6.28 11.55 2.14
C ARG A 88 -7.35 11.21 3.20
N GLU A 89 -8.58 11.09 2.74
CA GLU A 89 -9.74 10.73 3.56
C GLU A 89 -10.39 9.47 2.96
N GLY A 90 -10.54 8.47 3.81
CA GLY A 90 -11.10 7.17 3.39
C GLY A 90 -10.18 6.18 2.67
N PHE A 91 -8.86 6.34 2.82
CA PHE A 91 -7.87 5.44 2.17
C PHE A 91 -6.74 4.91 3.07
N ILE A 92 -6.33 3.69 2.76
CA ILE A 92 -5.12 3.04 3.34
C ILE A 92 -4.37 2.14 2.38
N ASN A 93 -3.17 1.75 2.79
CA ASN A 93 -2.37 0.78 2.03
C ASN A 93 -1.48 -0.21 2.84
N TYR A 94 -1.52 -1.49 2.48
CA TYR A 94 -0.62 -2.50 3.06
C TYR A 94 0.74 -2.54 2.33
N LEU A 95 1.80 -2.83 3.07
CA LEU A 95 3.17 -2.94 2.53
C LEU A 95 3.81 -4.29 2.88
N THR A 96 4.83 -4.70 2.15
CA THR A 96 5.53 -5.99 2.47
C THR A 96 6.51 -5.83 3.63
N ARG A 97 6.89 -6.95 4.24
CA ARG A 97 7.87 -6.98 5.37
C ARG A 97 9.25 -6.41 5.04
N GLU A 98 9.53 -6.27 3.75
CA GLU A 98 10.79 -5.68 3.27
C GLU A 98 10.69 -4.19 3.00
N VAL A 99 9.54 -3.78 2.49
CA VAL A 99 9.31 -2.36 2.11
C VAL A 99 8.59 -1.47 3.13
N TYR A 100 7.88 -2.08 4.07
CA TYR A 100 7.26 -1.35 5.20
C TYR A 100 8.33 -0.67 6.07
N ARG A 101 9.52 -1.26 6.07
CA ARG A 101 10.70 -0.71 6.77
C ARG A 101 11.09 0.69 6.27
N SER A 102 10.92 0.89 4.97
CA SER A 102 11.14 2.22 4.32
C SER A 102 9.94 3.17 4.46
N TYR A 103 8.73 2.62 4.38
CA TYR A 103 7.49 3.41 4.57
C TYR A 103 7.43 4.09 5.96
N ARG A 104 8.00 3.42 6.96
CA ARG A 104 8.10 3.96 8.33
C ARG A 104 9.11 5.10 8.49
N GLN A 105 10.19 5.05 7.75
CA GLN A 105 11.24 6.10 7.79
C GLN A 105 10.80 7.49 7.28
N LEU A 106 9.68 7.54 6.56
CA LEU A 106 9.12 8.79 6.03
C LEU A 106 7.81 9.28 6.72
N VAL A 107 7.33 8.49 7.68
CA VAL A 107 6.16 8.89 8.55
C VAL A 107 6.45 8.98 10.05
N ASP A 108 7.53 8.35 10.51
CA ASP A 108 7.95 8.42 11.92
C ASP A 108 8.77 9.71 12.22
N HIS A 109 8.08 10.81 12.49
CA HIS A 109 8.75 12.09 12.76
C HIS A 109 9.58 12.11 14.07
N HIS A 110 10.76 12.73 13.99
CA HIS A 110 11.70 12.81 15.14
C HIS A 110 11.27 13.74 16.32
N HIS A 111 10.26 14.57 16.11
CA HIS A 111 9.74 15.45 17.20
C HIS A 111 8.78 14.71 18.17
N HIS A 112 8.99 14.91 19.47
CA HIS A 112 8.14 14.30 20.51
C HIS A 112 8.07 15.15 21.80
N HIS A 113 6.91 15.18 22.44
CA HIS A 113 6.71 15.97 23.68
C HIS A 113 6.21 15.13 24.89
N HIS A 114 6.27 15.72 26.08
CA HIS A 114 5.82 15.08 27.35
C HIS A 114 5.39 16.10 28.43
N GLY A 1 2.29 -17.20 -1.21
CA GLY A 1 2.09 -18.33 -0.28
C GLY A 1 1.16 -17.95 0.83
N ALA A 2 0.76 -18.88 1.69
CA ALA A 2 -0.17 -18.57 2.81
C ALA A 2 0.35 -17.46 3.82
N ASP A 3 1.65 -17.36 3.97
CA ASP A 3 2.32 -16.36 4.84
C ASP A 3 2.00 -14.86 4.51
N CYS A 4 1.53 -14.57 3.30
CA CYS A 4 1.28 -13.17 2.89
C CYS A 4 0.38 -12.31 3.81
N LEU A 5 -0.71 -12.86 4.34
CA LEU A 5 -1.59 -12.06 5.22
C LEU A 5 -0.96 -11.78 6.62
N ASN A 6 0.08 -12.53 6.96
CA ASN A 6 0.91 -12.27 8.15
C ASN A 6 2.26 -11.54 7.80
N SER A 7 2.57 -11.47 6.51
CA SER A 7 3.79 -10.82 5.98
C SER A 7 3.64 -9.33 5.65
N PHE A 8 2.47 -8.95 5.15
CA PHE A 8 2.17 -7.54 4.88
C PHE A 8 1.71 -6.78 6.13
N THR A 9 2.07 -5.51 6.19
CA THR A 9 1.71 -4.61 7.33
C THR A 9 1.11 -3.31 6.85
N ALA A 10 -0.03 -2.94 7.41
CA ALA A 10 -0.70 -1.69 7.04
C ALA A 10 0.05 -0.41 7.53
N GLY A 11 0.06 0.62 6.69
CA GLY A 11 0.63 1.91 7.08
C GLY A 11 -0.32 2.73 7.94
N VAL A 12 0.19 3.74 8.64
CA VAL A 12 -0.67 4.61 9.51
C VAL A 12 -1.78 5.31 8.68
N PRO A 13 -3.05 5.28 9.17
CA PRO A 13 -4.07 5.93 8.34
C PRO A 13 -3.92 7.46 8.28
N GLY A 14 -4.42 8.05 7.21
CA GLY A 14 -4.27 9.49 6.98
C GLY A 14 -3.21 9.87 5.95
N PHE A 15 -2.37 8.92 5.55
CA PHE A 15 -1.37 9.10 4.47
C PHE A 15 -1.37 7.93 3.48
N VAL A 16 -1.55 8.22 2.20
CA VAL A 16 -1.61 7.16 1.13
C VAL A 16 -0.92 7.46 -0.19
N LEU A 17 -0.71 6.40 -0.95
CA LEU A 17 -0.09 6.43 -2.29
C LEU A 17 -0.83 7.23 -3.41
N ASP A 18 -0.01 7.94 -4.14
CA ASP A 18 -0.39 8.68 -5.36
C ASP A 18 0.15 7.98 -6.61
N THR A 19 -0.65 7.12 -7.23
CA THR A 19 -0.10 6.25 -8.30
C THR A 19 0.40 6.90 -9.55
N GLN A 20 -0.32 7.83 -10.14
CA GLN A 20 0.17 8.53 -11.33
C GLN A 20 1.38 9.43 -11.06
N ALA A 21 1.69 9.63 -9.80
CA ALA A 21 2.84 10.45 -9.41
C ALA A 21 4.07 9.56 -9.15
N SER A 22 3.81 8.40 -8.58
CA SER A 22 4.82 7.41 -8.32
C SER A 22 5.27 6.66 -9.55
N VAL A 23 4.33 6.36 -10.43
CA VAL A 23 4.62 5.64 -11.70
C VAL A 23 5.33 6.51 -12.71
N SER A 24 5.18 7.83 -12.51
CA SER A 24 5.91 8.86 -13.28
C SER A 24 7.33 9.10 -12.73
N ASN A 25 7.58 8.57 -11.52
CA ASN A 25 8.88 8.66 -10.84
C ASN A 25 9.69 7.31 -10.88
N GLY A 26 9.02 6.28 -11.37
CA GLY A 26 9.63 4.95 -11.56
C GLY A 26 8.87 3.69 -11.13
N ALA A 27 7.80 3.88 -10.37
CA ALA A 27 6.89 2.80 -9.94
C ALA A 27 6.06 2.18 -11.09
N THR A 28 5.44 1.07 -10.80
CA THR A 28 4.55 0.40 -11.78
C THR A 28 3.20 0.01 -11.21
N PHE A 29 2.15 0.46 -11.89
CA PHE A 29 0.77 0.02 -11.62
C PHE A 29 0.58 -1.32 -12.37
N LEU A 30 0.51 -2.42 -11.63
CA LEU A 30 0.49 -3.78 -12.26
C LEU A 30 -0.87 -4.47 -12.25
N GLU A 31 -1.49 -4.49 -11.09
CA GLU A 31 -2.85 -5.08 -10.95
C GLU A 31 -3.85 -4.12 -10.25
N SER A 32 -5.12 -4.26 -10.58
CA SER A 32 -6.18 -3.40 -9.98
C SER A 32 -7.48 -4.18 -9.60
N PRO A 33 -7.40 -5.04 -8.56
CA PRO A 33 -8.56 -5.86 -8.16
C PRO A 33 -9.84 -5.14 -7.74
N THR A 34 -10.97 -5.71 -8.16
CA THR A 34 -12.34 -5.22 -7.78
C THR A 34 -12.92 -5.91 -6.51
N VAL A 35 -12.00 -6.36 -5.67
CA VAL A 35 -12.37 -7.04 -4.38
C VAL A 35 -13.04 -6.10 -3.38
N ARG A 36 -13.78 -6.70 -2.47
CA ARG A 36 -14.60 -5.98 -1.46
C ARG A 36 -14.21 -6.14 0.01
N ARG A 37 -12.96 -6.57 0.23
CA ARG A 37 -12.36 -6.61 1.60
C ARG A 37 -10.88 -6.21 1.60
N GLY A 38 -10.45 -5.51 2.65
CA GLY A 38 -9.04 -5.11 2.76
C GLY A 38 -8.03 -6.25 2.68
N TRP A 39 -8.32 -7.35 3.38
CA TRP A 39 -7.47 -8.56 3.29
C TRP A 39 -7.55 -9.31 1.95
N ASP A 40 -8.64 -9.15 1.21
CA ASP A 40 -8.71 -9.69 -0.16
C ASP A 40 -7.84 -8.86 -1.16
N CYS A 41 -7.55 -7.62 -0.81
CA CYS A 41 -6.58 -6.80 -1.55
C CYS A 41 -5.13 -7.24 -1.25
N VAL A 42 -4.86 -7.56 0.02
CA VAL A 42 -3.53 -8.08 0.45
C VAL A 42 -3.18 -9.46 -0.16
N ARG A 43 -4.15 -10.38 -0.17
CA ARG A 43 -3.96 -11.72 -0.83
C ARG A 43 -3.81 -11.62 -2.36
N ALA A 44 -4.25 -10.51 -2.93
CA ALA A 44 -4.06 -10.24 -4.36
C ALA A 44 -2.59 -9.77 -4.65
N CYS A 45 -2.02 -8.96 -3.75
CA CYS A 45 -0.60 -8.56 -3.85
C CYS A 45 0.34 -9.77 -3.65
N CYS A 46 -0.18 -10.81 -3.00
CA CYS A 46 0.48 -12.11 -2.83
C CYS A 46 0.55 -12.98 -4.10
N THR A 47 -0.30 -12.69 -5.09
CA THR A 47 -0.34 -13.43 -6.39
C THR A 47 0.21 -12.62 -7.55
N THR A 48 0.18 -11.30 -7.42
CA THR A 48 0.86 -10.40 -8.40
C THR A 48 2.34 -10.28 -8.03
N GLN A 49 3.18 -11.01 -8.75
CA GLN A 49 4.62 -11.16 -8.41
C GLN A 49 5.49 -9.95 -8.04
N ASN A 50 5.28 -8.84 -8.72
CA ASN A 50 6.08 -7.63 -8.47
C ASN A 50 5.34 -6.55 -7.65
N CYS A 51 4.25 -6.97 -7.03
CA CYS A 51 3.47 -6.07 -6.13
C CYS A 51 4.09 -5.93 -4.71
N ASN A 52 4.36 -4.70 -4.31
CA ASN A 52 4.90 -4.39 -2.97
C ASN A 52 3.98 -3.48 -2.10
N LEU A 53 3.06 -2.78 -2.77
CA LEU A 53 2.07 -1.93 -2.11
C LEU A 53 0.63 -2.23 -2.56
N ALA A 54 -0.26 -2.29 -1.59
CA ALA A 54 -1.68 -2.55 -1.80
C ALA A 54 -2.63 -1.43 -1.24
N LEU A 55 -3.04 -0.52 -2.12
CA LEU A 55 -3.91 0.63 -1.81
C LEU A 55 -5.42 0.31 -1.91
N VAL A 56 -6.20 0.77 -0.92
CA VAL A 56 -7.67 0.53 -0.90
C VAL A 56 -8.57 1.73 -0.60
N GLU A 57 -9.78 1.65 -1.13
CA GLU A 57 -10.85 2.65 -0.92
C GLU A 57 -11.90 2.09 0.07
N LEU A 58 -12.09 2.75 1.21
CA LEU A 58 -12.94 2.23 2.30
C LEU A 58 -14.44 2.72 2.29
N GLN A 59 -15.14 2.39 3.37
CA GLN A 59 -16.54 2.85 3.67
C GLN A 59 -17.74 2.30 2.80
N PRO A 60 -17.63 1.06 2.26
CA PRO A 60 -18.80 0.54 1.51
C PRO A 60 -20.04 0.17 2.36
N ASP A 61 -19.85 -0.61 3.42
CA ASP A 61 -20.92 -1.04 4.33
C ASP A 61 -20.52 -1.36 5.80
N ARG A 62 -19.28 -1.82 6.01
CA ARG A 62 -18.74 -2.18 7.36
C ARG A 62 -17.61 -1.30 7.94
N GLY A 63 -17.13 -0.37 7.14
CA GLY A 63 -16.01 0.51 7.52
C GLY A 63 -14.70 0.24 6.79
N GLU A 64 -13.88 -0.66 7.33
CA GLU A 64 -12.57 -1.03 6.70
C GLU A 64 -12.32 -2.54 6.50
N ASP A 65 -13.06 -3.39 7.21
CA ASP A 65 -13.04 -4.85 6.94
C ASP A 65 -13.53 -5.13 5.50
N ALA A 66 -14.44 -4.28 5.06
CA ALA A 66 -14.96 -4.26 3.71
C ALA A 66 -14.46 -2.99 2.95
N ILE A 67 -14.22 -3.12 1.65
CA ILE A 67 -13.71 -1.99 0.82
C ILE A 67 -14.47 -1.85 -0.52
N ALA A 68 -14.38 -0.66 -1.11
CA ALA A 68 -14.99 -0.37 -2.41
C ALA A 68 -14.10 -0.82 -3.62
N ALA A 69 -12.80 -0.61 -3.51
CA ALA A 69 -11.85 -0.96 -4.60
C ALA A 69 -10.37 -1.23 -4.10
N CYS A 70 -9.59 -1.94 -4.92
CA CYS A 70 -8.17 -2.23 -4.61
C CYS A 70 -7.15 -1.95 -5.78
N PHE A 71 -6.08 -1.26 -5.48
CA PHE A 71 -5.00 -0.91 -6.45
C PHE A 71 -3.59 -1.38 -6.02
N LEU A 72 -2.98 -2.24 -6.83
CA LEU A 72 -1.64 -2.80 -6.53
C LEU A 72 -0.50 -2.08 -7.30
N ILE A 73 0.50 -1.60 -6.58
CA ILE A 73 1.66 -0.85 -7.15
C ILE A 73 3.03 -1.38 -6.70
N ASN A 74 3.99 -1.44 -7.62
CA ASN A 74 5.36 -1.89 -7.31
C ASN A 74 6.14 -0.89 -6.36
N CYS A 75 6.02 0.38 -6.67
CA CYS A 75 6.64 1.52 -5.93
C CYS A 75 8.18 1.51 -5.76
N LEU A 76 8.83 0.63 -6.50
CA LEU A 76 10.30 0.53 -6.54
C LEU A 76 10.89 0.73 -7.95
N TYR A 77 12.06 1.35 -7.97
CA TYR A 77 12.83 1.64 -9.19
C TYR A 77 14.33 1.72 -8.88
N GLU A 78 15.13 0.92 -9.58
CA GLU A 78 16.60 0.80 -9.29
C GLU A 78 16.87 0.44 -7.81
N GLN A 79 15.97 -0.40 -7.27
CA GLN A 79 15.94 -0.84 -5.85
C GLN A 79 15.59 0.29 -4.83
N ASN A 80 15.18 1.44 -5.34
CA ASN A 80 14.81 2.58 -4.48
C ASN A 80 13.31 2.78 -4.35
N PHE A 81 12.92 3.35 -3.22
CA PHE A 81 11.49 3.61 -2.88
C PHE A 81 10.97 4.96 -3.44
N VAL A 82 10.78 4.99 -4.75
CA VAL A 82 10.33 6.21 -5.53
C VAL A 82 8.86 6.58 -5.32
N CYS A 83 8.24 5.91 -4.40
CA CYS A 83 6.83 6.06 -4.05
C CYS A 83 6.41 7.49 -3.54
N LYS A 84 5.28 7.98 -4.02
CA LYS A 84 4.75 9.32 -3.66
C LYS A 84 3.47 9.24 -2.82
N PHE A 85 3.34 10.19 -1.90
CA PHE A 85 2.22 10.20 -0.94
C PHE A 85 1.50 11.53 -0.66
N ALA A 86 0.25 11.41 -0.25
CA ALA A 86 -0.58 12.56 0.08
C ALA A 86 -1.54 12.30 1.29
N PRO A 87 -1.98 13.38 1.99
CA PRO A 87 -2.91 13.15 3.12
C PRO A 87 -4.31 12.73 2.66
N ARG A 88 -4.96 11.88 3.45
CA ARG A 88 -6.29 11.31 3.09
C ARG A 88 -7.31 10.97 4.18
N GLU A 89 -8.55 10.90 3.73
CA GLU A 89 -9.74 10.62 4.57
C GLU A 89 -10.48 9.27 4.27
N GLY A 90 -10.47 8.81 3.03
CA GLY A 90 -11.16 7.57 2.64
C GLY A 90 -10.32 6.40 2.15
N PHE A 91 -9.01 6.47 2.36
CA PHE A 91 -8.06 5.43 1.87
C PHE A 91 -6.93 4.96 2.83
N ILE A 92 -6.50 3.72 2.62
CA ILE A 92 -5.25 3.17 3.24
C ILE A 92 -4.43 2.25 2.35
N ASN A 93 -3.22 1.96 2.80
CA ASN A 93 -2.35 1.00 2.11
C ASN A 93 -1.44 0.05 2.95
N TYR A 94 -1.43 -1.20 2.51
CA TYR A 94 -0.52 -2.25 3.06
C TYR A 94 0.84 -2.33 2.31
N LEU A 95 1.87 -2.67 3.04
CA LEU A 95 3.25 -2.81 2.50
C LEU A 95 3.87 -4.17 2.88
N THR A 96 4.89 -4.62 2.14
CA THR A 96 5.57 -5.91 2.47
C THR A 96 6.50 -5.79 3.67
N ARG A 97 6.89 -6.93 4.25
CA ARG A 97 7.84 -6.97 5.41
C ARG A 97 9.25 -6.41 5.14
N GLU A 98 9.52 -6.10 3.89
CA GLU A 98 10.80 -5.50 3.45
C GLU A 98 10.64 -4.02 3.06
N VAL A 99 9.56 -3.70 2.37
CA VAL A 99 9.33 -2.29 1.93
C VAL A 99 8.62 -1.39 2.97
N TYR A 100 7.92 -1.98 3.92
CA TYR A 100 7.33 -1.24 5.07
C TYR A 100 8.40 -0.55 5.92
N ARG A 101 9.62 -1.08 5.89
CA ARG A 101 10.78 -0.50 6.61
C ARG A 101 11.12 0.91 6.13
N SER A 102 10.99 1.13 4.83
CA SER A 102 11.18 2.49 4.20
C SER A 102 9.96 3.39 4.32
N TYR A 103 8.76 2.81 4.25
CA TYR A 103 7.49 3.54 4.42
C TYR A 103 7.37 4.20 5.81
N ARG A 104 7.96 3.56 6.81
CA ARG A 104 7.97 4.14 8.18
C ARG A 104 8.97 5.29 8.39
N GLN A 105 10.04 5.29 7.61
CA GLN A 105 11.07 6.36 7.67
C GLN A 105 10.58 7.73 7.18
N LEU A 106 9.46 7.76 6.46
CA LEU A 106 8.88 9.00 5.93
C LEU A 106 7.59 9.47 6.66
N VAL A 107 7.15 8.68 7.63
CA VAL A 107 6.02 9.05 8.54
C VAL A 107 6.33 9.14 10.04
N ASP A 108 7.45 8.55 10.45
CA ASP A 108 7.90 8.58 11.88
C ASP A 108 8.92 9.68 12.26
N HIS A 109 8.46 10.73 12.92
CA HIS A 109 9.38 11.80 13.41
C HIS A 109 10.14 11.44 14.72
N HIS A 110 9.73 10.36 15.39
CA HIS A 110 10.31 9.91 16.67
C HIS A 110 10.56 8.38 16.79
N HIS A 111 11.21 7.98 17.88
CA HIS A 111 11.54 6.57 18.21
C HIS A 111 12.54 5.84 17.27
N HIS A 112 13.28 6.62 16.49
CA HIS A 112 14.39 6.10 15.66
C HIS A 112 15.66 5.78 16.50
N HIS A 113 16.48 4.87 16.00
CA HIS A 113 17.70 4.41 16.72
C HIS A 113 19.02 4.61 15.91
N HIS A 114 18.99 5.61 15.03
CA HIS A 114 20.10 5.94 14.10
C HIS A 114 21.33 6.70 14.70
N GLY A 1 -2.57 -18.94 8.04
CA GLY A 1 -1.50 -18.60 8.98
C GLY A 1 -0.21 -19.20 8.55
N ALA A 2 0.91 -18.67 8.98
CA ALA A 2 2.27 -19.11 8.58
C ALA A 2 2.57 -18.93 7.04
N ASP A 3 1.75 -18.12 6.38
CA ASP A 3 1.82 -17.85 4.94
C ASP A 3 2.12 -16.35 4.58
N CYS A 4 2.00 -16.00 3.30
CA CYS A 4 2.22 -14.61 2.85
C CYS A 4 1.33 -13.52 3.54
N LEU A 5 0.15 -13.90 4.04
CA LEU A 5 -0.69 -12.94 4.80
C LEU A 5 -0.15 -12.61 6.22
N ASN A 6 0.98 -13.22 6.57
CA ASN A 6 1.76 -12.84 7.77
C ASN A 6 3.13 -12.17 7.40
N SER A 7 3.32 -11.89 6.11
CA SER A 7 4.55 -11.23 5.57
C SER A 7 4.34 -9.75 5.18
N PHE A 8 3.16 -9.23 5.51
CA PHE A 8 2.76 -7.84 5.17
C PHE A 8 2.34 -6.99 6.43
N THR A 9 2.21 -5.68 6.25
CA THR A 9 1.80 -4.76 7.36
C THR A 9 1.09 -3.49 6.87
N ALA A 10 0.02 -3.09 7.53
CA ALA A 10 -0.72 -1.88 7.16
C ALA A 10 0.06 -0.54 7.41
N GLY A 11 -0.07 0.42 6.50
CA GLY A 11 0.52 1.75 6.69
C GLY A 11 -0.37 2.65 7.54
N VAL A 12 0.18 3.74 8.05
CA VAL A 12 -0.62 4.68 8.91
C VAL A 12 -1.75 5.40 8.15
N PRO A 13 -2.91 5.61 8.82
CA PRO A 13 -3.98 6.33 8.12
C PRO A 13 -3.70 7.83 7.95
N GLY A 14 -4.44 8.46 7.05
CA GLY A 14 -4.23 9.88 6.74
C GLY A 14 -3.19 10.16 5.65
N PHE A 15 -2.18 9.32 5.54
CA PHE A 15 -1.15 9.42 4.48
C PHE A 15 -1.15 8.18 3.54
N VAL A 16 -1.25 8.44 2.25
CA VAL A 16 -1.31 7.35 1.21
C VAL A 16 -0.69 7.68 -0.13
N LEU A 17 -0.50 6.62 -0.91
CA LEU A 17 -0.01 6.69 -2.30
C LEU A 17 -0.93 7.50 -3.26
N ASP A 18 -0.31 8.40 -4.01
CA ASP A 18 -1.01 9.19 -5.06
C ASP A 18 -1.06 8.47 -6.44
N THR A 19 -0.32 7.36 -6.49
CA THR A 19 -0.07 6.49 -7.68
C THR A 19 0.55 7.16 -8.90
N GLN A 20 -0.14 8.13 -9.49
CA GLN A 20 0.32 8.80 -10.72
C GLN A 20 1.68 9.55 -10.62
N ALA A 21 2.01 10.12 -9.47
CA ALA A 21 3.28 10.82 -9.31
C ALA A 21 4.44 9.81 -9.12
N SER A 22 4.15 8.69 -8.47
CA SER A 22 5.18 7.64 -8.27
C SER A 22 5.46 6.83 -9.52
N VAL A 23 4.41 6.57 -10.31
CA VAL A 23 4.59 5.84 -11.61
C VAL A 23 5.31 6.69 -12.65
N SER A 24 5.24 8.00 -12.46
CA SER A 24 6.02 8.96 -13.26
C SER A 24 7.48 9.13 -12.74
N ASN A 25 7.72 8.58 -11.55
CA ASN A 25 9.05 8.61 -10.90
C ASN A 25 9.77 7.23 -10.92
N GLY A 26 9.03 6.22 -11.37
CA GLY A 26 9.56 4.85 -11.55
C GLY A 26 8.72 3.65 -11.10
N ALA A 27 7.66 3.89 -10.34
CA ALA A 27 6.71 2.84 -9.90
C ALA A 27 5.88 2.26 -11.07
N THR A 28 5.26 1.13 -10.79
CA THR A 28 4.37 0.48 -11.78
C THR A 28 3.04 0.04 -11.21
N PHE A 29 1.98 0.49 -11.87
CA PHE A 29 0.61 0.06 -11.57
C PHE A 29 0.32 -1.29 -12.27
N LEU A 30 0.70 -2.37 -11.61
CA LEU A 30 0.65 -3.74 -12.20
C LEU A 30 -0.72 -4.43 -12.19
N GLU A 31 -1.36 -4.49 -11.03
CA GLU A 31 -2.70 -5.10 -10.90
C GLU A 31 -3.72 -4.18 -10.20
N SER A 32 -4.99 -4.34 -10.54
CA SER A 32 -6.09 -3.52 -9.96
C SER A 32 -7.38 -4.29 -9.59
N PRO A 33 -7.30 -5.15 -8.55
CA PRO A 33 -8.47 -5.96 -8.15
C PRO A 33 -9.75 -5.21 -7.76
N THR A 34 -10.88 -5.69 -8.25
CA THR A 34 -12.23 -5.13 -7.90
C THR A 34 -12.85 -5.78 -6.64
N VAL A 35 -11.98 -6.36 -5.81
CA VAL A 35 -12.41 -7.05 -4.56
C VAL A 35 -13.07 -6.16 -3.53
N ARG A 36 -13.84 -6.80 -2.66
CA ARG A 36 -14.66 -6.10 -1.63
C ARG A 36 -14.31 -6.36 -0.14
N ARG A 37 -13.07 -6.79 0.09
CA ARG A 37 -12.50 -6.99 1.47
C ARG A 37 -11.03 -6.60 1.57
N GLY A 38 -10.64 -6.04 2.70
CA GLY A 38 -9.23 -5.66 2.90
C GLY A 38 -8.27 -6.84 2.73
N TRP A 39 -8.62 -7.98 3.33
CA TRP A 39 -7.85 -9.23 3.13
C TRP A 39 -7.83 -9.81 1.71
N ASP A 40 -8.85 -9.52 0.91
CA ASP A 40 -8.87 -9.96 -0.50
C ASP A 40 -7.92 -9.09 -1.37
N CYS A 41 -7.66 -7.86 -0.93
CA CYS A 41 -6.70 -6.97 -1.60
C CYS A 41 -5.22 -7.35 -1.31
N VAL A 42 -4.89 -7.60 -0.05
CA VAL A 42 -3.50 -7.95 0.31
C VAL A 42 -3.07 -9.35 -0.16
N ARG A 43 -4.01 -10.29 -0.28
CA ARG A 43 -3.72 -11.65 -0.84
C ARG A 43 -3.45 -11.59 -2.35
N ALA A 44 -3.99 -10.58 -3.00
CA ALA A 44 -3.70 -10.33 -4.41
C ALA A 44 -2.24 -9.82 -4.61
N CYS A 45 -1.73 -9.05 -3.64
CA CYS A 45 -0.32 -8.59 -3.69
C CYS A 45 0.68 -9.75 -3.45
N CYS A 46 0.21 -10.80 -2.77
CA CYS A 46 0.97 -12.04 -2.57
C CYS A 46 1.04 -12.94 -3.83
N THR A 47 0.11 -12.77 -4.76
CA THR A 47 0.10 -13.54 -6.05
C THR A 47 0.66 -12.74 -7.23
N THR A 48 0.60 -11.42 -7.15
CA THR A 48 1.25 -10.53 -8.14
C THR A 48 2.72 -10.32 -7.75
N GLN A 49 3.61 -11.06 -8.41
CA GLN A 49 5.04 -11.11 -8.04
C GLN A 49 5.81 -9.82 -7.73
N ASN A 50 5.56 -8.77 -8.51
CA ASN A 50 6.27 -7.52 -8.32
C ASN A 50 5.50 -6.44 -7.52
N CYS A 51 4.43 -6.89 -6.90
CA CYS A 51 3.62 -6.01 -6.03
C CYS A 51 4.23 -5.85 -4.60
N ASN A 52 4.45 -4.61 -4.21
CA ASN A 52 4.98 -4.27 -2.87
C ASN A 52 3.99 -3.42 -2.02
N LEU A 53 3.05 -2.75 -2.69
CA LEU A 53 2.02 -1.96 -2.04
C LEU A 53 0.60 -2.28 -2.53
N ALA A 54 -0.31 -2.38 -1.56
CA ALA A 54 -1.74 -2.66 -1.82
C ALA A 54 -2.69 -1.53 -1.29
N LEU A 55 -3.08 -0.66 -2.20
CA LEU A 55 -3.92 0.53 -1.93
C LEU A 55 -5.45 0.21 -1.92
N VAL A 56 -6.19 0.73 -0.94
CA VAL A 56 -7.66 0.44 -0.80
C VAL A 56 -8.62 1.55 -0.44
N GLU A 57 -9.76 1.55 -1.11
CA GLU A 57 -10.86 2.50 -0.85
C GLU A 57 -11.88 1.89 0.15
N LEU A 58 -12.20 2.62 1.21
CA LEU A 58 -13.08 2.09 2.29
C LEU A 58 -14.57 2.54 2.22
N GLN A 59 -15.32 2.19 3.27
CA GLN A 59 -16.75 2.54 3.49
C GLN A 59 -17.83 2.00 2.47
N PRO A 60 -17.67 0.75 1.98
CA PRO A 60 -18.67 0.20 1.04
C PRO A 60 -19.98 -0.36 1.66
N ASP A 61 -19.85 -0.92 2.85
CA ASP A 61 -20.93 -1.67 3.51
C ASP A 61 -20.74 -1.79 5.06
N ARG A 62 -19.47 -2.02 5.46
CA ARG A 62 -19.10 -2.33 6.88
C ARG A 62 -18.01 -1.48 7.54
N GLY A 63 -17.61 -0.47 6.83
CA GLY A 63 -16.59 0.50 7.29
C GLY A 63 -15.19 0.31 6.71
N GLU A 64 -14.39 -0.52 7.34
CA GLU A 64 -12.98 -0.77 6.90
C GLU A 64 -12.59 -2.25 6.71
N ASP A 65 -13.30 -3.16 7.38
CA ASP A 65 -13.11 -4.61 7.18
C ASP A 65 -13.52 -5.03 5.73
N ALA A 66 -14.44 -4.25 5.17
CA ALA A 66 -14.85 -4.37 3.77
C ALA A 66 -14.36 -3.11 3.00
N ILE A 67 -14.06 -3.29 1.72
CA ILE A 67 -13.54 -2.18 0.86
C ILE A 67 -14.33 -2.04 -0.46
N ALA A 68 -14.23 -0.88 -1.07
CA ALA A 68 -14.90 -0.58 -2.34
C ALA A 68 -14.04 -1.02 -3.57
N ALA A 69 -12.73 -0.80 -3.47
CA ALA A 69 -11.79 -1.15 -4.56
C ALA A 69 -10.33 -1.39 -4.06
N CYS A 70 -9.54 -2.08 -4.89
CA CYS A 70 -8.11 -2.36 -4.59
C CYS A 70 -7.12 -2.06 -5.75
N PHE A 71 -6.06 -1.32 -5.45
CA PHE A 71 -5.00 -0.96 -6.43
C PHE A 71 -3.58 -1.40 -6.02
N LEU A 72 -2.97 -2.30 -6.78
CA LEU A 72 -1.61 -2.82 -6.46
C LEU A 72 -0.51 -2.08 -7.24
N ILE A 73 0.49 -1.61 -6.50
CA ILE A 73 1.62 -0.84 -7.08
C ILE A 73 3.04 -1.34 -6.66
N ASN A 74 3.94 -1.41 -7.63
CA ASN A 74 5.33 -1.85 -7.37
C ASN A 74 6.13 -0.87 -6.45
N CYS A 75 5.95 0.42 -6.67
CA CYS A 75 6.60 1.52 -5.90
C CYS A 75 8.13 1.51 -5.77
N LEU A 76 8.77 0.69 -6.60
CA LEU A 76 10.23 0.53 -6.63
C LEU A 76 10.82 0.74 -8.05
N TYR A 77 12.01 1.31 -8.08
CA TYR A 77 12.77 1.57 -9.32
C TYR A 77 14.27 1.55 -9.05
N GLU A 78 14.99 0.69 -9.76
CA GLU A 78 16.44 0.44 -9.53
C GLU A 78 16.73 0.08 -8.05
N GLN A 79 15.82 -0.71 -7.49
CA GLN A 79 15.79 -1.15 -6.07
C GLN A 79 15.52 -0.03 -5.04
N ASN A 80 15.19 1.17 -5.53
CA ASN A 80 14.89 2.33 -4.65
C ASN A 80 13.39 2.60 -4.45
N PHE A 81 13.08 3.19 -3.31
CA PHE A 81 11.68 3.49 -2.93
C PHE A 81 11.15 4.82 -3.50
N VAL A 82 10.85 4.81 -4.79
CA VAL A 82 10.37 6.02 -5.54
C VAL A 82 8.89 6.34 -5.29
N CYS A 83 8.34 5.69 -4.29
CA CYS A 83 6.94 5.84 -3.88
C CYS A 83 6.58 7.27 -3.38
N LYS A 84 5.51 7.82 -3.95
CA LYS A 84 5.05 9.20 -3.63
C LYS A 84 3.74 9.23 -2.85
N PHE A 85 3.62 10.20 -1.97
CA PHE A 85 2.47 10.28 -1.03
C PHE A 85 1.78 11.64 -0.85
N ALA A 86 0.53 11.59 -0.43
CA ALA A 86 -0.29 12.77 -0.20
C ALA A 86 -1.36 12.55 0.94
N PRO A 87 -1.86 13.65 1.55
CA PRO A 87 -2.96 13.47 2.51
C PRO A 87 -4.26 13.09 1.80
N ARG A 88 -5.14 12.39 2.50
CA ARG A 88 -6.44 11.90 1.92
C ARG A 88 -7.70 11.94 2.79
N GLU A 89 -8.83 11.67 2.15
CA GLU A 89 -10.15 11.62 2.85
C GLU A 89 -10.76 10.23 3.12
N GLY A 90 -10.60 9.28 2.19
CA GLY A 90 -11.24 7.96 2.32
C GLY A 90 -10.50 6.65 1.96
N PHE A 91 -9.18 6.65 1.91
CA PHE A 91 -8.40 5.42 1.55
C PHE A 91 -7.08 5.14 2.30
N ILE A 92 -6.69 3.87 2.33
CA ILE A 92 -5.40 3.42 2.98
C ILE A 92 -4.53 2.55 2.10
N ASN A 93 -3.34 2.24 2.57
CA ASN A 93 -2.49 1.25 1.89
C ASN A 93 -1.64 0.28 2.77
N TYR A 94 -1.62 -0.96 2.36
CA TYR A 94 -0.82 -2.02 2.98
C TYR A 94 0.56 -2.16 2.30
N LEU A 95 1.55 -2.53 3.08
CA LEU A 95 2.93 -2.68 2.60
C LEU A 95 3.46 -4.08 2.93
N THR A 96 4.57 -4.48 2.31
CA THR A 96 5.19 -5.80 2.60
C THR A 96 6.50 -5.70 3.36
N ARG A 97 7.02 -6.84 3.83
CA ARG A 97 8.31 -6.89 4.58
C ARG A 97 9.53 -6.24 3.91
N GLU A 98 9.45 -6.01 2.62
CA GLU A 98 10.51 -5.35 1.84
C GLU A 98 10.44 -3.80 1.86
N VAL A 99 9.21 -3.29 1.82
CA VAL A 99 8.95 -1.82 1.74
C VAL A 99 8.35 -1.14 2.98
N TYR A 100 7.78 -1.89 3.91
CA TYR A 100 7.24 -1.31 5.16
C TYR A 100 8.31 -0.59 6.02
N ARG A 101 9.54 -1.10 5.96
CA ARG A 101 10.70 -0.47 6.66
C ARG A 101 11.00 0.94 6.16
N SER A 102 10.88 1.11 4.86
CA SER A 102 11.04 2.44 4.20
C SER A 102 9.83 3.36 4.37
N TYR A 103 8.64 2.78 4.33
CA TYR A 103 7.39 3.54 4.57
C TYR A 103 7.33 4.14 5.98
N ARG A 104 7.85 3.41 6.97
CA ARG A 104 7.94 3.94 8.35
C ARG A 104 8.99 5.06 8.54
N GLN A 105 10.09 5.03 7.79
CA GLN A 105 11.15 6.04 7.91
C GLN A 105 10.75 7.47 7.48
N LEU A 106 9.63 7.58 6.76
CA LEU A 106 9.10 8.87 6.25
C LEU A 106 7.80 9.37 6.94
N VAL A 107 7.30 8.56 7.88
CA VAL A 107 6.15 8.95 8.76
C VAL A 107 6.45 8.95 10.27
N ASP A 108 7.65 8.54 10.58
CA ASP A 108 8.17 8.44 11.97
C ASP A 108 9.43 9.32 12.23
N HIS A 109 9.69 9.61 13.50
CA HIS A 109 10.82 10.45 13.93
C HIS A 109 11.84 9.69 14.82
N HIS A 110 11.86 8.37 14.69
CA HIS A 110 12.77 7.51 15.47
C HIS A 110 14.29 7.72 15.22
N HIS A 111 15.05 7.73 16.31
CA HIS A 111 16.51 7.91 16.27
C HIS A 111 17.28 7.01 17.26
N HIS A 112 18.44 6.51 16.85
CA HIS A 112 19.29 5.67 17.70
C HIS A 112 20.80 6.01 17.58
N HIS A 113 21.50 6.00 18.70
CA HIS A 113 22.94 6.38 18.74
C HIS A 113 23.97 5.23 18.51
N HIS A 114 25.17 5.62 18.10
CA HIS A 114 26.30 4.68 17.86
C HIS A 114 27.68 5.22 18.32
N GLY A 1 -1.66 -8.96 13.80
CA GLY A 1 -2.15 -7.60 13.59
C GLY A 1 -2.76 -7.46 12.24
N ALA A 2 -2.72 -6.27 11.66
CA ALA A 2 -3.22 -6.03 10.29
C ALA A 2 -2.21 -6.54 9.18
N ASP A 3 -1.88 -7.82 9.28
CA ASP A 3 -0.85 -8.48 8.45
C ASP A 3 -1.37 -9.45 7.35
N CYS A 4 -0.57 -9.69 6.33
CA CYS A 4 -0.96 -10.58 5.23
C CYS A 4 -1.09 -12.07 5.54
N LEU A 5 -1.79 -12.72 4.62
CA LEU A 5 -1.89 -14.16 4.52
C LEU A 5 -0.47 -14.82 4.39
N ASN A 6 0.50 -14.03 3.90
CA ASN A 6 1.91 -14.46 3.71
C ASN A 6 3.09 -13.51 4.16
N SER A 7 3.16 -12.25 3.68
CA SER A 7 4.34 -11.35 4.00
C SER A 7 4.22 -9.78 3.99
N PHE A 8 3.07 -9.23 4.41
CA PHE A 8 2.85 -7.74 4.47
C PHE A 8 2.29 -7.24 5.81
N THR A 9 2.43 -5.95 6.06
CA THR A 9 1.85 -5.22 7.24
C THR A 9 1.22 -3.88 6.81
N ALA A 10 0.05 -3.55 7.33
CA ALA A 10 -0.63 -2.29 7.00
C ALA A 10 0.08 -0.99 7.48
N GLY A 11 0.01 0.05 6.65
CA GLY A 11 0.56 1.37 7.00
C GLY A 11 -0.37 2.27 7.83
N VAL A 12 0.14 3.43 8.23
CA VAL A 12 -0.67 4.40 9.04
C VAL A 12 -1.85 5.00 8.24
N PRO A 13 -3.09 4.93 8.79
CA PRO A 13 -4.24 5.47 8.01
C PRO A 13 -4.24 7.00 7.88
N GLY A 14 -4.86 7.47 6.81
CA GLY A 14 -4.90 8.91 6.51
C GLY A 14 -3.73 9.44 5.69
N PHE A 15 -2.74 8.59 5.44
CA PHE A 15 -1.58 8.92 4.56
C PHE A 15 -1.41 7.83 3.49
N VAL A 16 -1.62 8.17 2.22
CA VAL A 16 -1.56 7.15 1.12
C VAL A 16 -0.94 7.55 -0.21
N LEU A 17 -0.72 6.53 -1.02
CA LEU A 17 -0.15 6.64 -2.38
C LEU A 17 -0.94 7.51 -3.41
N ASP A 18 -0.21 8.37 -4.12
CA ASP A 18 -0.77 9.18 -5.23
C ASP A 18 -0.87 8.45 -6.59
N THR A 19 -0.23 7.29 -6.65
CA THR A 19 -0.09 6.40 -7.86
C THR A 19 0.50 7.04 -9.12
N GLN A 20 -0.20 7.96 -9.76
CA GLN A 20 0.29 8.63 -10.99
C GLN A 20 1.62 9.41 -10.78
N ALA A 21 1.82 9.95 -9.60
CA ALA A 21 3.06 10.65 -9.25
C ALA A 21 4.25 9.67 -9.07
N SER A 22 3.96 8.50 -8.52
CA SER A 22 5.01 7.49 -8.30
C SER A 22 5.40 6.77 -9.57
N VAL A 23 4.42 6.52 -10.43
CA VAL A 23 4.67 5.81 -11.72
C VAL A 23 5.39 6.68 -12.72
N SER A 24 5.28 7.99 -12.53
CA SER A 24 6.05 8.99 -13.28
C SER A 24 7.49 9.15 -12.74
N ASN A 25 7.70 8.61 -11.54
CA ASN A 25 9.00 8.64 -10.85
C ASN A 25 9.73 7.26 -10.89
N GLY A 26 9.03 6.26 -11.41
CA GLY A 26 9.57 4.90 -11.59
C GLY A 26 8.76 3.68 -11.13
N ALA A 27 7.69 3.90 -10.38
CA ALA A 27 6.78 2.82 -9.94
C ALA A 27 5.94 2.21 -11.09
N THR A 28 5.36 1.06 -10.83
CA THR A 28 4.52 0.38 -11.83
C THR A 28 3.19 -0.09 -11.32
N PHE A 29 2.14 0.30 -12.01
CA PHE A 29 0.80 -0.25 -11.77
C PHE A 29 0.69 -1.61 -12.46
N LEU A 30 0.63 -2.68 -11.66
CA LEU A 30 0.64 -4.07 -12.21
C LEU A 30 -0.73 -4.76 -12.17
N GLU A 31 -1.41 -4.70 -11.05
CA GLU A 31 -2.78 -5.23 -10.95
C GLU A 31 -3.87 -4.23 -10.49
N SER A 32 -5.06 -4.42 -11.01
CA SER A 32 -6.26 -3.62 -10.67
C SER A 32 -7.46 -4.54 -10.32
N PRO A 33 -7.34 -5.33 -9.24
CA PRO A 33 -8.38 -6.33 -8.92
C PRO A 33 -9.72 -5.81 -8.41
N THR A 34 -9.74 -4.55 -7.96
CA THR A 34 -10.98 -3.84 -7.48
C THR A 34 -11.96 -4.63 -6.57
N VAL A 35 -11.40 -5.54 -5.80
CA VAL A 35 -12.16 -6.39 -4.83
C VAL A 35 -12.91 -5.64 -3.73
N ARG A 36 -13.86 -6.34 -3.12
CA ARG A 36 -14.76 -5.77 -2.08
C ARG A 36 -14.37 -5.98 -0.59
N ARG A 37 -13.18 -6.52 -0.35
CA ARG A 37 -12.59 -6.61 1.04
C ARG A 37 -11.12 -6.20 1.13
N GLY A 38 -10.74 -5.66 2.28
CA GLY A 38 -9.34 -5.34 2.53
C GLY A 38 -8.45 -6.59 2.44
N TRP A 39 -8.91 -7.68 3.04
CA TRP A 39 -8.19 -8.98 2.96
C TRP A 39 -8.10 -9.59 1.54
N ASP A 40 -9.10 -9.33 0.71
CA ASP A 40 -9.10 -9.76 -0.70
C ASP A 40 -8.04 -8.96 -1.52
N CYS A 41 -7.78 -7.72 -1.10
CA CYS A 41 -6.75 -6.87 -1.72
C CYS A 41 -5.34 -7.28 -1.28
N VAL A 42 -5.23 -7.62 0.00
CA VAL A 42 -3.96 -8.11 0.61
C VAL A 42 -3.50 -9.45 0.03
N ARG A 43 -4.41 -10.41 -0.14
CA ARG A 43 -4.06 -11.71 -0.78
C ARG A 43 -3.59 -11.54 -2.24
N ALA A 44 -4.12 -10.55 -2.92
CA ALA A 44 -3.70 -10.27 -4.31
C ALA A 44 -2.24 -9.73 -4.43
N CYS A 45 -1.84 -8.81 -3.55
CA CYS A 45 -0.44 -8.31 -3.57
C CYS A 45 0.57 -9.33 -2.99
N CYS A 46 0.09 -10.24 -2.15
CA CYS A 46 0.92 -11.34 -1.61
C CYS A 46 1.15 -12.50 -2.60
N THR A 47 0.41 -12.50 -3.71
CA THR A 47 0.58 -13.48 -4.82
C THR A 47 1.08 -12.86 -6.11
N THR A 48 0.93 -11.55 -6.25
CA THR A 48 1.53 -10.79 -7.38
C THR A 48 2.98 -10.46 -7.04
N GLN A 49 3.91 -11.22 -7.60
CA GLN A 49 5.34 -11.16 -7.23
C GLN A 49 6.05 -9.79 -7.18
N ASN A 50 5.74 -8.90 -8.11
CA ASN A 50 6.39 -7.58 -8.12
C ASN A 50 5.59 -6.45 -7.43
N CYS A 51 4.52 -6.84 -6.78
CA CYS A 51 3.68 -5.90 -6.00
C CYS A 51 4.22 -5.68 -4.56
N ASN A 52 4.47 -4.43 -4.21
CA ASN A 52 4.94 -4.08 -2.84
C ASN A 52 3.99 -3.12 -2.09
N LEU A 53 2.93 -2.70 -2.77
CA LEU A 53 1.92 -1.81 -2.22
C LEU A 53 0.48 -2.19 -2.64
N ALA A 54 -0.39 -2.33 -1.67
CA ALA A 54 -1.81 -2.62 -1.89
C ALA A 54 -2.73 -1.49 -1.34
N LEU A 55 -3.15 -0.58 -2.23
CA LEU A 55 -3.97 0.60 -1.89
C LEU A 55 -5.49 0.32 -1.91
N VAL A 56 -6.19 0.77 -0.87
CA VAL A 56 -7.67 0.60 -0.77
C VAL A 56 -8.51 1.81 -0.40
N GLU A 57 -9.76 1.78 -0.88
CA GLU A 57 -10.79 2.80 -0.58
C GLU A 57 -11.81 2.27 0.44
N LEU A 58 -11.90 2.92 1.59
CA LEU A 58 -12.72 2.42 2.72
C LEU A 58 -14.19 2.93 2.85
N GLN A 59 -14.85 2.47 3.93
CA GLN A 59 -16.23 2.87 4.35
C GLN A 59 -17.47 2.46 3.49
N PRO A 60 -17.44 1.25 2.85
CA PRO A 60 -18.60 0.85 2.04
C PRO A 60 -19.83 0.30 2.82
N ASP A 61 -19.56 -0.39 3.92
CA ASP A 61 -20.58 -1.07 4.74
C ASP A 61 -20.05 -1.44 6.17
N ARG A 62 -18.83 -1.97 6.20
CA ARG A 62 -18.22 -2.53 7.46
C ARG A 62 -16.97 -1.84 8.01
N GLY A 63 -16.64 -0.74 7.37
CA GLY A 63 -15.47 0.08 7.73
C GLY A 63 -14.20 -0.17 6.92
N GLU A 64 -13.43 -1.17 7.35
CA GLU A 64 -12.15 -1.53 6.69
C GLU A 64 -12.00 -3.00 6.27
N ASP A 65 -12.72 -3.90 6.93
CA ASP A 65 -12.76 -5.31 6.50
C ASP A 65 -13.37 -5.42 5.08
N ALA A 66 -14.31 -4.53 4.81
CA ALA A 66 -14.91 -4.40 3.50
C ALA A 66 -14.43 -3.06 2.89
N ILE A 67 -14.19 -3.06 1.58
CA ILE A 67 -13.70 -1.86 0.86
C ILE A 67 -14.48 -1.59 -0.43
N ALA A 68 -14.38 -0.37 -0.92
CA ALA A 68 -15.03 0.04 -2.17
C ALA A 68 -14.17 -0.30 -3.42
N ALA A 69 -12.85 -0.16 -3.28
CA ALA A 69 -11.90 -0.46 -4.38
C ALA A 69 -10.45 -0.84 -3.93
N CYS A 70 -9.74 -1.57 -4.80
CA CYS A 70 -8.34 -2.03 -4.55
C CYS A 70 -7.37 -1.90 -5.77
N PHE A 71 -6.24 -1.25 -5.52
CA PHE A 71 -5.17 -1.04 -6.53
C PHE A 71 -3.75 -1.53 -6.12
N LEU A 72 -3.06 -2.25 -7.00
CA LEU A 72 -1.71 -2.78 -6.71
C LEU A 72 -0.54 -2.08 -7.46
N ILE A 73 0.47 -1.66 -6.70
CA ILE A 73 1.63 -0.90 -7.23
C ILE A 73 3.03 -1.44 -6.77
N ASN A 74 4.00 -1.47 -7.69
CA ASN A 74 5.37 -1.92 -7.38
C ASN A 74 6.13 -0.93 -6.43
N CYS A 75 6.03 0.36 -6.72
CA CYS A 75 6.63 1.46 -5.96
C CYS A 75 8.18 1.50 -5.87
N LEU A 76 8.83 0.59 -6.58
CA LEU A 76 10.28 0.48 -6.63
C LEU A 76 10.86 0.69 -8.05
N TYR A 77 12.02 1.33 -8.08
CA TYR A 77 12.77 1.60 -9.33
C TYR A 77 14.27 1.52 -9.08
N GLU A 78 14.93 0.57 -9.75
CA GLU A 78 16.36 0.24 -9.46
C GLU A 78 16.53 -0.10 -7.97
N GLN A 79 15.50 -0.75 -7.44
CA GLN A 79 15.34 -1.13 -6.00
C GLN A 79 15.12 0.04 -5.02
N ASN A 80 15.07 1.26 -5.54
CA ASN A 80 14.82 2.45 -4.70
C ASN A 80 13.34 2.75 -4.48
N PHE A 81 13.05 3.38 -3.36
CA PHE A 81 11.67 3.71 -2.98
C PHE A 81 11.14 5.02 -3.58
N VAL A 82 10.86 4.98 -4.87
CA VAL A 82 10.37 6.17 -5.63
C VAL A 82 8.89 6.51 -5.41
N CYS A 83 8.32 5.81 -4.45
CA CYS A 83 6.92 5.94 -4.04
C CYS A 83 6.51 7.37 -3.50
N LYS A 84 5.36 7.87 -3.95
CA LYS A 84 4.86 9.24 -3.58
C LYS A 84 3.53 9.24 -2.81
N PHE A 85 3.44 10.14 -1.86
CA PHE A 85 2.27 10.19 -0.93
C PHE A 85 1.61 11.55 -0.59
N ALA A 86 0.36 11.49 -0.17
CA ALA A 86 -0.41 12.65 0.27
C ALA A 86 -1.51 12.27 1.33
N PRO A 87 -1.97 13.24 2.15
CA PRO A 87 -3.01 12.89 3.13
C PRO A 87 -4.40 12.62 2.50
N ARG A 88 -5.17 11.75 3.16
CA ARG A 88 -6.53 11.33 2.69
C ARG A 88 -7.60 11.19 3.79
N GLU A 89 -8.84 11.05 3.33
CA GLU A 89 -10.06 11.01 4.18
C GLU A 89 -10.32 9.71 4.99
N GLY A 90 -9.31 8.86 5.08
CA GLY A 90 -9.44 7.55 5.76
C GLY A 90 -8.77 6.37 5.09
N PHE A 91 -8.34 6.58 3.85
CA PHE A 91 -7.67 5.55 3.03
C PHE A 91 -6.40 4.93 3.64
N ILE A 92 -6.18 3.67 3.31
CA ILE A 92 -4.96 2.92 3.69
C ILE A 92 -4.25 2.15 2.57
N ASN A 93 -3.08 1.65 2.93
CA ASN A 93 -2.35 0.70 2.11
C ASN A 93 -1.52 -0.32 2.92
N TYR A 94 -1.30 -1.49 2.33
CA TYR A 94 -0.45 -2.55 2.93
C TYR A 94 0.95 -2.60 2.26
N LEU A 95 1.97 -2.79 3.09
CA LEU A 95 3.40 -2.78 2.67
C LEU A 95 4.13 -4.11 2.95
N THR A 96 5.15 -4.45 2.18
CA THR A 96 5.90 -5.73 2.41
C THR A 96 6.85 -5.61 3.59
N ARG A 97 7.34 -6.75 4.07
CA ARG A 97 8.35 -6.77 5.17
C ARG A 97 9.61 -5.93 4.84
N GLU A 98 9.87 -5.75 3.54
CA GLU A 98 11.00 -4.95 3.05
C GLU A 98 10.75 -3.42 2.92
N VAL A 99 9.62 -3.04 2.33
CA VAL A 99 9.27 -1.59 2.16
C VAL A 99 8.53 -0.93 3.32
N TYR A 100 7.96 -1.73 4.21
CA TYR A 100 7.28 -1.20 5.41
C TYR A 100 8.25 -0.43 6.33
N ARG A 101 9.52 -0.83 6.31
CA ARG A 101 10.58 -0.17 7.10
C ARG A 101 10.77 1.30 6.71
N SER A 102 10.66 1.58 5.41
CA SER A 102 10.79 2.96 4.88
C SER A 102 9.50 3.76 5.00
N TYR A 103 8.37 3.09 4.87
CA TYR A 103 7.04 3.74 4.97
C TYR A 103 6.78 4.35 6.36
N ARG A 104 7.35 3.71 7.37
CA ARG A 104 7.27 4.23 8.77
C ARG A 104 8.22 5.39 9.07
N GLN A 105 9.37 5.43 8.40
CA GLN A 105 10.36 6.51 8.59
C GLN A 105 9.94 7.88 8.04
N LEU A 106 8.91 7.89 7.18
CA LEU A 106 8.38 9.14 6.60
C LEU A 106 7.06 9.63 7.28
N VAL A 107 6.58 8.86 8.24
CA VAL A 107 5.41 9.24 9.09
C VAL A 107 5.67 9.32 10.61
N ASP A 108 6.68 8.60 11.10
CA ASP A 108 7.03 8.63 12.55
C ASP A 108 7.95 9.83 12.93
N HIS A 109 7.36 11.02 12.95
CA HIS A 109 8.11 12.28 13.23
C HIS A 109 8.73 12.46 14.64
N HIS A 110 8.40 11.57 15.57
CA HIS A 110 8.97 11.61 16.94
C HIS A 110 9.28 10.20 17.51
N HIS A 111 10.45 10.05 18.11
CA HIS A 111 10.86 8.73 18.68
C HIS A 111 10.05 8.26 19.91
N HIS A 112 9.71 6.97 19.93
CA HIS A 112 8.96 6.38 21.06
C HIS A 112 9.82 6.18 22.33
N HIS A 113 9.30 6.56 23.49
CA HIS A 113 10.03 6.41 24.78
C HIS A 113 10.09 4.94 25.28
N HIS A 114 11.27 4.49 25.69
CA HIS A 114 11.48 3.12 26.25
C HIS A 114 10.89 2.90 27.68
N GLY A 1 4.15 -11.95 11.21
CA GLY A 1 4.01 -13.40 11.38
C GLY A 1 4.66 -14.11 10.25
N ALA A 2 4.61 -15.43 10.23
CA ALA A 2 5.21 -16.23 9.13
C ALA A 2 4.33 -16.24 7.82
N ASP A 3 3.02 -16.18 7.99
CA ASP A 3 2.04 -16.22 6.89
C ASP A 3 2.08 -15.06 5.87
N CYS A 4 1.66 -15.30 4.64
CA CYS A 4 1.66 -14.23 3.61
C CYS A 4 0.78 -13.01 3.93
N LEU A 5 -0.43 -13.22 4.46
CA LEU A 5 -1.29 -12.08 4.87
C LEU A 5 -0.81 -11.39 6.17
N ASN A 6 -0.02 -12.11 6.94
CA ASN A 6 0.60 -11.59 8.17
C ASN A 6 2.07 -11.08 7.88
N SER A 7 2.34 -10.88 6.59
CA SER A 7 3.64 -10.36 6.08
C SER A 7 3.55 -8.88 5.62
N PHE A 8 2.36 -8.30 5.82
CA PHE A 8 2.07 -6.91 5.45
C PHE A 8 1.63 -6.00 6.62
N THR A 9 1.87 -4.70 6.44
CA THR A 9 1.42 -3.65 7.41
C THR A 9 0.64 -2.56 6.67
N ALA A 10 -0.54 -2.21 7.16
CA ALA A 10 -1.48 -1.28 6.47
C ALA A 10 -1.05 0.21 6.15
N GLY A 11 0.20 0.57 6.43
CA GLY A 11 0.73 1.90 6.08
C GLY A 11 0.17 3.13 6.79
N VAL A 12 -0.51 2.92 7.92
CA VAL A 12 -1.22 3.94 8.77
C VAL A 12 -2.24 4.90 8.09
N PRO A 13 -3.41 5.12 8.73
CA PRO A 13 -4.35 6.04 8.07
C PRO A 13 -3.93 7.50 8.13
N GLY A 14 -4.50 8.31 7.27
CA GLY A 14 -4.13 9.74 7.17
C GLY A 14 -3.18 10.06 6.02
N PHE A 15 -2.34 9.10 5.65
CA PHE A 15 -1.39 9.27 4.52
C PHE A 15 -1.35 8.08 3.54
N VAL A 16 -1.67 8.32 2.27
CA VAL A 16 -1.59 7.26 1.23
C VAL A 16 -0.99 7.61 -0.13
N LEU A 17 -0.73 6.56 -0.90
CA LEU A 17 -0.22 6.64 -2.28
C LEU A 17 -1.11 7.45 -3.28
N ASP A 18 -0.48 8.33 -4.03
CA ASP A 18 -1.17 9.09 -5.11
C ASP A 18 -1.16 8.37 -6.49
N THR A 19 -0.40 7.29 -6.54
CA THR A 19 -0.12 6.42 -7.73
C THR A 19 0.47 7.09 -8.96
N GLN A 20 -0.19 8.10 -9.52
CA GLN A 20 0.28 8.75 -10.75
C GLN A 20 1.60 9.57 -10.68
N ALA A 21 1.97 10.07 -9.51
CA ALA A 21 3.22 10.81 -9.35
C ALA A 21 4.36 9.79 -9.09
N SER A 22 3.98 8.69 -8.45
CA SER A 22 4.86 7.58 -8.18
C SER A 22 5.27 6.81 -9.42
N VAL A 23 4.29 6.53 -10.28
CA VAL A 23 4.55 5.81 -11.57
C VAL A 23 5.29 6.67 -12.57
N SER A 24 5.22 7.99 -12.37
CA SER A 24 5.98 8.98 -13.15
C SER A 24 7.43 9.16 -12.65
N ASN A 25 7.69 8.64 -11.44
CA ASN A 25 9.02 8.70 -10.80
C ASN A 25 9.75 7.32 -10.87
N GLY A 26 9.01 6.31 -11.34
CA GLY A 26 9.57 4.96 -11.55
C GLY A 26 8.78 3.74 -11.07
N ALA A 27 7.72 3.96 -10.32
CA ALA A 27 6.80 2.90 -9.86
C ALA A 27 5.96 2.29 -11.01
N THR A 28 5.38 1.14 -10.74
CA THR A 28 4.53 0.45 -11.74
C THR A 28 3.23 -0.08 -11.21
N PHE A 29 2.14 0.28 -11.89
CA PHE A 29 0.82 -0.31 -11.66
C PHE A 29 0.73 -1.69 -12.36
N LEU A 30 0.60 -2.75 -11.59
CA LEU A 30 0.60 -4.13 -12.13
C LEU A 30 -0.76 -4.80 -12.12
N GLU A 31 -1.37 -4.88 -10.94
CA GLU A 31 -2.70 -5.46 -10.80
C GLU A 31 -3.87 -4.51 -10.44
N SER A 32 -5.01 -4.79 -11.01
CA SER A 32 -6.25 -4.02 -10.75
C SER A 32 -7.45 -4.94 -10.38
N PRO A 33 -7.35 -5.67 -9.24
CA PRO A 33 -8.37 -6.69 -8.89
C PRO A 33 -9.74 -6.17 -8.41
N THR A 34 -9.82 -4.89 -8.04
CA THR A 34 -11.10 -4.18 -7.61
C THR A 34 -12.08 -4.96 -6.68
N VAL A 35 -11.45 -5.74 -5.81
CA VAL A 35 -12.17 -6.54 -4.78
C VAL A 35 -12.88 -5.72 -3.72
N ARG A 36 -13.81 -6.38 -3.03
CA ARG A 36 -14.73 -5.73 -2.03
C ARG A 36 -14.31 -5.83 -0.59
N ARG A 37 -13.16 -6.44 -0.34
CA ARG A 37 -12.63 -6.60 1.05
C ARG A 37 -11.13 -6.27 1.21
N GLY A 38 -10.75 -5.71 2.35
CA GLY A 38 -9.34 -5.39 2.62
C GLY A 38 -8.39 -6.58 2.54
N TRP A 39 -8.77 -7.69 3.16
CA TRP A 39 -7.99 -8.94 3.07
C TRP A 39 -7.96 -9.59 1.66
N ASP A 40 -9.00 -9.37 0.86
CA ASP A 40 -9.01 -9.81 -0.54
C ASP A 40 -8.05 -8.95 -1.41
N CYS A 41 -7.75 -7.73 -0.98
CA CYS A 41 -6.77 -6.88 -1.64
C CYS A 41 -5.32 -7.32 -1.32
N VAL A 42 -5.09 -7.66 -0.05
CA VAL A 42 -3.75 -8.14 0.41
C VAL A 42 -3.38 -9.52 -0.17
N ARG A 43 -4.35 -10.43 -0.23
CA ARG A 43 -4.12 -11.79 -0.85
C ARG A 43 -3.83 -11.71 -2.34
N ALA A 44 -4.32 -10.67 -2.99
CA ALA A 44 -4.00 -10.43 -4.41
C ALA A 44 -2.52 -9.99 -4.57
N CYS A 45 -2.03 -9.14 -3.67
CA CYS A 45 -0.61 -8.72 -3.70
C CYS A 45 0.35 -9.88 -3.38
N CYS A 46 -0.16 -10.87 -2.63
CA CYS A 46 0.58 -12.12 -2.35
C CYS A 46 0.76 -13.03 -3.60
N THR A 47 -0.14 -12.87 -4.59
CA THR A 47 -0.07 -13.65 -5.87
C THR A 47 0.53 -12.89 -7.05
N THR A 48 0.49 -11.56 -6.98
CA THR A 48 1.13 -10.70 -8.02
C THR A 48 2.62 -10.53 -7.71
N GLN A 49 3.45 -11.26 -8.44
CA GLN A 49 4.91 -11.36 -8.15
C GLN A 49 5.74 -10.11 -7.82
N ASN A 50 5.47 -9.01 -8.51
CA ASN A 50 6.21 -7.77 -8.30
C ASN A 50 5.42 -6.71 -7.51
N CYS A 51 4.36 -7.15 -6.86
CA CYS A 51 3.56 -6.26 -6.00
C CYS A 51 4.19 -6.04 -4.59
N ASN A 52 4.42 -4.79 -4.25
CA ASN A 52 4.98 -4.42 -2.94
C ASN A 52 4.04 -3.51 -2.11
N LEU A 53 3.05 -2.94 -2.77
CA LEU A 53 2.01 -2.11 -2.14
C LEU A 53 0.59 -2.41 -2.65
N ALA A 54 -0.32 -2.54 -1.71
CA ALA A 54 -1.75 -2.77 -1.98
C ALA A 54 -2.66 -1.63 -1.40
N LEU A 55 -3.06 -0.72 -2.26
CA LEU A 55 -3.84 0.48 -1.92
C LEU A 55 -5.38 0.23 -1.93
N VAL A 56 -6.07 0.72 -0.91
CA VAL A 56 -7.56 0.57 -0.81
C VAL A 56 -8.37 1.80 -0.40
N GLU A 57 -9.63 1.78 -0.80
CA GLU A 57 -10.63 2.82 -0.46
C GLU A 57 -11.72 2.21 0.46
N LEU A 58 -11.91 2.78 1.64
CA LEU A 58 -12.78 2.19 2.69
C LEU A 58 -14.24 2.75 2.73
N GLN A 59 -14.98 2.36 3.78
CA GLN A 59 -16.36 2.84 4.08
C GLN A 59 -17.52 2.47 3.08
N PRO A 60 -17.47 1.29 2.41
CA PRO A 60 -18.56 0.93 1.48
C PRO A 60 -19.88 0.42 2.10
N ASP A 61 -19.77 -0.30 3.20
CA ASP A 61 -20.89 -1.02 3.83
C ASP A 61 -20.66 -1.34 5.34
N ARG A 62 -19.42 -1.71 5.66
CA ARG A 62 -19.05 -2.22 7.02
C ARG A 62 -17.87 -1.57 7.78
N GLY A 63 -17.20 -0.64 7.13
CA GLY A 63 -16.04 0.06 7.70
C GLY A 63 -14.74 -0.14 6.96
N GLU A 64 -13.93 -1.11 7.38
CA GLU A 64 -12.63 -1.41 6.71
C GLU A 64 -12.42 -2.89 6.30
N ASP A 65 -13.14 -3.83 6.93
CA ASP A 65 -13.13 -5.23 6.48
C ASP A 65 -13.68 -5.37 5.04
N ALA A 66 -14.60 -4.48 4.72
CA ALA A 66 -15.12 -4.30 3.38
C ALA A 66 -14.54 -2.99 2.78
N ILE A 67 -14.24 -2.99 1.49
CA ILE A 67 -13.67 -1.82 0.79
C ILE A 67 -14.42 -1.52 -0.53
N ALA A 68 -14.33 -0.27 -0.96
CA ALA A 68 -14.96 0.20 -2.19
C ALA A 68 -14.11 -0.20 -3.45
N ALA A 69 -12.79 -0.11 -3.30
CA ALA A 69 -11.86 -0.44 -4.42
C ALA A 69 -10.41 -0.83 -3.94
N CYS A 70 -9.72 -1.58 -4.79
CA CYS A 70 -8.35 -2.08 -4.53
C CYS A 70 -7.37 -1.93 -5.74
N PHE A 71 -6.21 -1.34 -5.49
CA PHE A 71 -5.16 -1.07 -6.50
C PHE A 71 -3.76 -1.57 -6.08
N LEU A 72 -3.03 -2.22 -6.98
CA LEU A 72 -1.68 -2.75 -6.64
C LEU A 72 -0.52 -2.09 -7.41
N ILE A 73 0.45 -1.63 -6.66
CA ILE A 73 1.65 -0.89 -7.17
C ILE A 73 2.99 -1.44 -6.65
N ASN A 74 3.99 -1.46 -7.52
CA ASN A 74 5.34 -1.90 -7.14
C ASN A 74 6.15 -0.85 -6.29
N CYS A 75 6.03 0.42 -6.65
CA CYS A 75 6.67 1.56 -5.94
C CYS A 75 8.21 1.57 -5.78
N LEU A 76 8.86 0.70 -6.54
CA LEU A 76 10.32 0.58 -6.58
C LEU A 76 10.92 0.81 -8.01
N TYR A 77 12.11 1.38 -8.03
CA TYR A 77 12.84 1.66 -9.27
C TYR A 77 14.34 1.60 -9.04
N GLU A 78 15.02 0.70 -9.74
CA GLU A 78 16.46 0.39 -9.50
C GLU A 78 16.71 0.07 -8.01
N GLN A 79 15.74 -0.67 -7.45
CA GLN A 79 15.67 -1.07 -6.01
C GLN A 79 15.39 0.08 -5.02
N ASN A 80 15.18 1.29 -5.52
CA ASN A 80 14.89 2.45 -4.65
C ASN A 80 13.40 2.71 -4.46
N PHE A 81 13.04 3.28 -3.32
CA PHE A 81 11.64 3.60 -2.98
C PHE A 81 11.14 4.96 -3.51
N VAL A 82 10.77 4.95 -4.79
CA VAL A 82 10.34 6.18 -5.55
C VAL A 82 8.88 6.59 -5.35
N CYS A 83 8.25 5.94 -4.40
CA CYS A 83 6.85 6.14 -4.06
C CYS A 83 6.48 7.57 -3.54
N LYS A 84 5.32 8.06 -3.96
CA LYS A 84 4.82 9.42 -3.61
C LYS A 84 3.46 9.39 -2.89
N PHE A 85 3.26 10.34 -1.97
CA PHE A 85 2.08 10.34 -1.09
C PHE A 85 1.30 11.66 -0.87
N ALA A 86 0.07 11.52 -0.42
CA ALA A 86 -0.81 12.65 -0.11
C ALA A 86 -1.75 12.36 1.10
N PRO A 87 -2.22 13.43 1.81
CA PRO A 87 -3.12 13.15 2.95
C PRO A 87 -4.51 12.66 2.53
N ARG A 88 -5.09 11.78 3.36
CA ARG A 88 -6.41 11.17 3.06
C ARG A 88 -7.25 10.65 4.22
N GLU A 89 -8.56 10.77 4.07
CA GLU A 89 -9.54 10.34 5.11
C GLU A 89 -10.26 8.99 4.87
N GLY A 90 -10.33 8.58 3.62
CA GLY A 90 -11.01 7.34 3.21
C GLY A 90 -10.14 6.23 2.64
N PHE A 91 -8.83 6.31 2.82
CA PHE A 91 -7.85 5.34 2.25
C PHE A 91 -6.74 4.82 3.18
N ILE A 92 -6.31 3.59 2.87
CA ILE A 92 -5.05 2.99 3.41
C ILE A 92 -4.29 2.17 2.38
N ASN A 93 -3.05 1.84 2.72
CA ASN A 93 -2.21 0.99 1.85
C ASN A 93 -1.26 -0.02 2.55
N TYR A 94 -1.45 -1.29 2.23
CA TYR A 94 -0.61 -2.36 2.81
C TYR A 94 0.78 -2.49 2.14
N LEU A 95 1.82 -2.45 2.94
CA LEU A 95 3.22 -2.60 2.48
C LEU A 95 3.84 -3.93 2.97
N THR A 96 4.83 -4.44 2.25
CA THR A 96 5.47 -5.74 2.64
C THR A 96 6.49 -5.58 3.76
N ARG A 97 6.86 -6.70 4.38
CA ARG A 97 7.89 -6.72 5.46
C ARG A 97 9.29 -6.20 5.05
N GLU A 98 9.50 -6.05 3.74
CA GLU A 98 10.77 -5.56 3.18
C GLU A 98 10.72 -4.10 2.76
N VAL A 99 9.59 -3.71 2.18
CA VAL A 99 9.40 -2.32 1.69
C VAL A 99 8.78 -1.32 2.72
N TYR A 100 8.09 -1.82 3.73
CA TYR A 100 7.53 -0.97 4.80
C TYR A 100 8.59 -0.17 5.60
N ARG A 101 9.83 -0.64 5.60
CA ARG A 101 10.94 0.10 6.27
C ARG A 101 11.21 1.47 5.63
N SER A 102 11.11 1.52 4.31
CA SER A 102 11.28 2.78 3.54
C SER A 102 10.05 3.68 3.62
N TYR A 103 8.88 3.07 3.75
CA TYR A 103 7.63 3.83 4.03
C TYR A 103 7.66 4.47 5.45
N ARG A 104 8.30 3.80 6.38
CA ARG A 104 8.43 4.28 7.77
C ARG A 104 9.46 5.41 7.97
N GLN A 105 10.49 5.47 7.13
CA GLN A 105 11.53 6.51 7.25
C GLN A 105 11.11 7.92 6.75
N LEU A 106 9.99 7.98 6.03
CA LEU A 106 9.44 9.25 5.49
C LEU A 106 8.18 9.77 6.23
N VAL A 107 7.74 9.00 7.21
CA VAL A 107 6.62 9.40 8.13
C VAL A 107 7.05 9.56 9.60
N ASP A 108 8.28 9.16 9.87
CA ASP A 108 8.90 9.28 11.21
C ASP A 108 10.25 10.03 11.19
N HIS A 109 10.53 10.76 12.27
CA HIS A 109 11.72 11.63 12.38
C HIS A 109 12.64 11.32 13.58
N HIS A 110 12.70 10.06 13.98
CA HIS A 110 13.53 9.62 15.13
C HIS A 110 15.05 9.92 15.06
N HIS A 111 15.66 9.97 16.24
CA HIS A 111 17.11 10.23 16.40
C HIS A 111 18.04 9.11 15.88
N HIS A 112 19.28 9.49 15.60
CA HIS A 112 20.33 8.57 15.14
C HIS A 112 21.55 8.51 16.09
N HIS A 113 22.28 7.39 16.07
CA HIS A 113 23.44 7.18 16.96
C HIS A 113 24.66 6.58 16.21
N HIS A 114 25.22 7.39 15.30
CA HIS A 114 26.32 6.96 14.39
C HIS A 114 27.49 7.97 14.24
N GLY A 1 -3.65 -18.65 10.17
CA GLY A 1 -2.62 -19.68 10.07
C GLY A 1 -1.37 -19.12 9.47
N ALA A 2 -0.54 -19.94 8.84
CA ALA A 2 0.70 -19.46 8.19
C ALA A 2 0.45 -18.80 6.78
N ASP A 3 -0.63 -18.06 6.66
CA ASP A 3 -1.04 -17.40 5.42
C ASP A 3 -0.11 -16.27 4.90
N CYS A 4 -0.10 -16.03 3.60
CA CYS A 4 0.75 -14.97 3.01
C CYS A 4 0.46 -13.53 3.51
N LEU A 5 -0.68 -13.34 4.17
CA LEU A 5 -1.03 -12.04 4.77
C LEU A 5 -0.07 -11.65 5.93
N ASN A 6 0.61 -12.63 6.51
CA ASN A 6 1.63 -12.38 7.54
C ASN A 6 2.94 -11.71 6.97
N SER A 7 3.09 -11.74 5.64
CA SER A 7 4.22 -11.07 4.95
C SER A 7 3.98 -9.57 4.66
N PHE A 8 2.83 -9.08 5.12
CA PHE A 8 2.42 -7.66 4.94
C PHE A 8 2.02 -6.92 6.23
N THR A 9 2.24 -5.62 6.21
CA THR A 9 1.85 -4.71 7.33
C THR A 9 1.20 -3.42 6.82
N ALA A 10 0.08 -3.03 7.40
CA ALA A 10 -0.62 -1.81 7.01
C ALA A 10 0.16 -0.50 7.37
N GLY A 11 0.17 0.45 6.45
CA GLY A 11 0.78 1.76 6.70
C GLY A 11 -0.12 2.68 7.54
N VAL A 12 0.41 3.81 7.99
CA VAL A 12 -0.40 4.75 8.81
C VAL A 12 -1.63 5.29 8.05
N PRO A 13 -2.81 5.30 8.71
CA PRO A 13 -3.99 5.80 7.98
C PRO A 13 -3.99 7.32 7.80
N GLY A 14 -4.78 7.79 6.85
CA GLY A 14 -4.82 9.24 6.54
C GLY A 14 -3.80 9.68 5.49
N PHE A 15 -2.67 8.98 5.40
CA PHE A 15 -1.66 9.25 4.35
C PHE A 15 -1.52 8.04 3.40
N VAL A 16 -1.75 8.26 2.11
CA VAL A 16 -1.71 7.16 1.11
C VAL A 16 -1.08 7.48 -0.25
N LEU A 17 -0.83 6.43 -1.01
CA LEU A 17 -0.23 6.50 -2.35
C LEU A 17 -0.97 7.30 -3.46
N ASP A 18 -0.13 7.96 -4.22
CA ASP A 18 -0.46 8.70 -5.47
C ASP A 18 0.11 7.97 -6.70
N THR A 19 -0.70 7.16 -7.35
CA THR A 19 -0.14 6.27 -8.41
C THR A 19 0.43 6.91 -9.63
N GLN A 20 -0.28 7.83 -10.26
CA GLN A 20 0.25 8.55 -11.44
C GLN A 20 1.46 9.44 -11.13
N ALA A 21 1.73 9.60 -9.84
CA ALA A 21 2.87 10.42 -9.42
C ALA A 21 4.11 9.55 -9.13
N SER A 22 3.86 8.37 -8.56
CA SER A 22 4.88 7.40 -8.25
C SER A 22 5.35 6.67 -9.50
N VAL A 23 4.40 6.37 -10.39
CA VAL A 23 4.69 5.60 -11.65
C VAL A 23 5.39 6.48 -12.67
N SER A 24 5.26 7.78 -12.45
CA SER A 24 6.01 8.78 -13.22
C SER A 24 7.42 9.02 -12.66
N ASN A 25 7.64 8.49 -11.46
CA ASN A 25 8.93 8.62 -10.76
C ASN A 25 9.74 7.27 -10.82
N GLY A 26 9.05 6.24 -11.31
CA GLY A 26 9.65 4.92 -11.51
C GLY A 26 8.86 3.66 -11.12
N ALA A 27 7.82 3.85 -10.34
CA ALA A 27 6.88 2.77 -9.90
C ALA A 27 6.04 2.16 -11.03
N THR A 28 5.41 1.04 -10.73
CA THR A 28 4.51 0.37 -11.71
C THR A 28 3.15 -0.07 -11.15
N PHE A 29 2.10 0.38 -11.83
CA PHE A 29 0.75 -0.12 -11.59
C PHE A 29 0.57 -1.46 -12.33
N LEU A 30 0.38 -2.54 -11.59
CA LEU A 30 0.35 -3.92 -12.18
C LEU A 30 -1.02 -4.61 -12.11
N GLU A 31 -1.60 -4.68 -10.92
CA GLU A 31 -2.93 -5.27 -10.72
C GLU A 31 -3.98 -4.25 -10.20
N SER A 32 -5.22 -4.43 -10.60
CA SER A 32 -6.32 -3.55 -10.12
C SER A 32 -7.65 -4.26 -9.76
N PRO A 33 -7.63 -5.09 -8.69
CA PRO A 33 -8.82 -5.83 -8.26
C PRO A 33 -10.05 -5.02 -7.83
N THR A 34 -11.21 -5.64 -7.98
CA THR A 34 -12.51 -5.05 -7.52
C THR A 34 -13.08 -5.80 -6.31
N VAL A 35 -12.17 -6.39 -5.54
CA VAL A 35 -12.54 -7.08 -4.27
C VAL A 35 -13.15 -6.14 -3.24
N ARG A 36 -13.90 -6.71 -2.30
CA ARG A 36 -14.65 -5.95 -1.28
C ARG A 36 -14.18 -6.06 0.18
N ARG A 37 -13.00 -6.65 0.39
CA ARG A 37 -12.32 -6.67 1.74
C ARG A 37 -10.85 -6.24 1.69
N GLY A 38 -10.38 -5.55 2.72
CA GLY A 38 -8.97 -5.12 2.79
C GLY A 38 -7.97 -6.23 2.71
N TRP A 39 -8.24 -7.35 3.38
CA TRP A 39 -7.40 -8.56 3.31
C TRP A 39 -7.48 -9.33 1.98
N ASP A 40 -8.60 -9.20 1.29
CA ASP A 40 -8.71 -9.75 -0.09
C ASP A 40 -7.86 -8.91 -1.12
N CYS A 41 -7.60 -7.63 -0.84
CA CYS A 41 -6.68 -6.81 -1.64
C CYS A 41 -5.19 -7.15 -1.37
N VAL A 42 -4.89 -7.40 -0.11
CA VAL A 42 -3.52 -7.75 0.34
C VAL A 42 -3.09 -9.13 -0.18
N ARG A 43 -3.98 -10.13 -0.10
CA ARG A 43 -3.71 -11.51 -0.65
C ARG A 43 -3.50 -11.48 -2.16
N ALA A 44 -4.11 -10.51 -2.83
CA ALA A 44 -3.86 -10.30 -4.27
C ALA A 44 -2.40 -9.81 -4.56
N CYS A 45 -1.87 -8.95 -3.68
CA CYS A 45 -0.48 -8.47 -3.82
C CYS A 45 0.59 -9.59 -3.61
N CYS A 46 0.18 -10.63 -2.91
CA CYS A 46 1.00 -11.84 -2.77
C CYS A 46 1.04 -12.69 -4.07
N THR A 47 -0.04 -12.62 -4.85
CA THR A 47 -0.13 -13.37 -6.14
C THR A 47 0.40 -12.61 -7.34
N THR A 48 0.40 -11.27 -7.24
CA THR A 48 1.00 -10.41 -8.27
C THR A 48 2.50 -10.27 -8.01
N GLN A 49 3.29 -10.96 -8.81
CA GLN A 49 4.75 -11.10 -8.57
C GLN A 49 5.62 -9.88 -8.23
N ASN A 50 5.37 -8.76 -8.88
CA ASN A 50 6.13 -7.55 -8.65
C ASN A 50 5.40 -6.52 -7.78
N CYS A 51 4.35 -6.96 -7.10
CA CYS A 51 3.59 -6.07 -6.21
C CYS A 51 4.22 -5.91 -4.79
N ASN A 52 4.38 -4.67 -4.38
CA ASN A 52 4.94 -4.33 -3.08
C ASN A 52 4.01 -3.43 -2.19
N LEU A 53 3.03 -2.80 -2.83
CA LEU A 53 2.01 -1.99 -2.17
C LEU A 53 0.59 -2.29 -2.65
N ALA A 54 -0.32 -2.38 -1.70
CA ALA A 54 -1.74 -2.63 -1.95
C ALA A 54 -2.66 -1.50 -1.38
N LEU A 55 -3.03 -0.58 -2.26
CA LEU A 55 -3.85 0.62 -1.95
C LEU A 55 -5.36 0.31 -1.98
N VAL A 56 -6.10 0.82 -1.01
CA VAL A 56 -7.58 0.59 -0.92
C VAL A 56 -8.48 1.77 -0.57
N GLU A 57 -9.69 1.71 -1.13
CA GLU A 57 -10.77 2.69 -0.87
C GLU A 57 -11.74 2.14 0.19
N LEU A 58 -11.88 2.88 1.28
CA LEU A 58 -12.64 2.42 2.48
C LEU A 58 -14.09 2.93 2.76
N GLN A 59 -14.61 2.50 3.91
CA GLN A 59 -15.97 2.81 4.42
C GLN A 59 -17.25 2.37 3.57
N PRO A 60 -17.22 1.16 2.95
CA PRO A 60 -18.34 0.66 2.13
C PRO A 60 -19.56 0.06 2.84
N ASP A 61 -19.31 -0.61 3.96
CA ASP A 61 -20.31 -1.42 4.66
C ASP A 61 -19.98 -1.57 6.15
N ARG A 62 -18.69 -1.79 6.44
CA ARG A 62 -18.18 -2.09 7.80
C ARG A 62 -17.02 -1.25 8.36
N GLY A 63 -16.39 -0.44 7.52
CA GLY A 63 -15.27 0.43 7.94
C GLY A 63 -13.92 0.17 7.29
N GLU A 64 -13.13 -0.76 7.84
CA GLU A 64 -11.76 -1.07 7.32
C GLU A 64 -11.54 -2.51 6.86
N ASP A 65 -12.29 -3.44 7.45
CA ASP A 65 -12.22 -4.85 7.05
C ASP A 65 -12.86 -5.05 5.65
N ALA A 66 -13.76 -4.14 5.31
CA ALA A 66 -14.44 -4.10 4.04
C ALA A 66 -13.96 -2.88 3.23
N ILE A 67 -13.83 -3.05 1.92
CA ILE A 67 -13.39 -1.95 1.01
C ILE A 67 -14.28 -1.81 -0.23
N ALA A 68 -14.22 -0.65 -0.84
CA ALA A 68 -14.98 -0.34 -2.06
C ALA A 68 -14.18 -0.77 -3.35
N ALA A 69 -12.87 -0.56 -3.33
CA ALA A 69 -12.00 -0.90 -4.48
C ALA A 69 -10.50 -1.17 -4.08
N CYS A 70 -9.77 -1.86 -4.95
CA CYS A 70 -8.35 -2.22 -4.69
C CYS A 70 -7.32 -1.94 -5.84
N PHE A 71 -6.20 -1.31 -5.49
CA PHE A 71 -5.17 -0.88 -6.48
C PHE A 71 -3.72 -1.25 -6.08
N LEU A 72 -3.06 -2.08 -6.88
CA LEU A 72 -1.70 -2.56 -6.56
C LEU A 72 -0.57 -1.88 -7.35
N ILE A 73 0.44 -1.47 -6.61
CA ILE A 73 1.63 -0.76 -7.13
C ILE A 73 2.97 -1.35 -6.64
N ASN A 74 3.96 -1.38 -7.52
CA ASN A 74 5.32 -1.82 -7.17
C ASN A 74 6.13 -0.80 -6.30
N CYS A 75 6.04 0.48 -6.64
CA CYS A 75 6.69 1.61 -5.90
C CYS A 75 8.21 1.57 -5.72
N LEU A 76 8.88 0.75 -6.52
CA LEU A 76 10.33 0.61 -6.53
C LEU A 76 10.94 0.87 -7.93
N TYR A 77 12.14 1.43 -7.91
CA TYR A 77 12.90 1.73 -9.14
C TYR A 77 14.39 1.75 -8.84
N GLU A 78 15.15 0.91 -9.53
CA GLU A 78 16.59 0.68 -9.24
C GLU A 78 16.82 0.31 -7.75
N GLN A 79 15.90 -0.52 -7.25
CA GLN A 79 15.82 -0.97 -5.83
C GLN A 79 15.45 0.14 -4.81
N ASN A 80 15.17 1.34 -5.29
CA ASN A 80 14.82 2.46 -4.41
C ASN A 80 13.33 2.75 -4.28
N PHE A 81 12.96 3.33 -3.16
CA PHE A 81 11.55 3.61 -2.85
C PHE A 81 11.06 4.97 -3.42
N VAL A 82 10.79 4.97 -4.72
CA VAL A 82 10.36 6.18 -5.50
C VAL A 82 8.89 6.58 -5.31
N CYS A 83 8.26 5.95 -4.35
CA CYS A 83 6.85 6.12 -4.05
C CYS A 83 6.42 7.54 -3.57
N LYS A 84 5.25 7.98 -4.00
CA LYS A 84 4.67 9.31 -3.65
C LYS A 84 3.39 9.24 -2.82
N PHE A 85 3.24 10.18 -1.92
CA PHE A 85 2.10 10.20 -0.98
C PHE A 85 1.38 11.54 -0.71
N ALA A 86 0.12 11.43 -0.34
CA ALA A 86 -0.73 12.58 -0.03
C ALA A 86 -1.88 12.24 0.98
N PRO A 87 -2.41 13.25 1.71
CA PRO A 87 -3.49 12.95 2.67
C PRO A 87 -4.83 12.58 2.02
N ARG A 88 -5.60 11.73 2.71
CA ARG A 88 -6.94 11.25 2.22
C ARG A 88 -8.09 11.18 3.22
N GLU A 89 -9.28 11.06 2.66
CA GLU A 89 -10.56 11.02 3.41
C GLU A 89 -10.95 9.70 4.11
N GLY A 90 -9.99 8.78 4.18
CA GLY A 90 -10.22 7.46 4.78
C GLY A 90 -9.50 6.27 4.16
N PHE A 91 -8.75 6.50 3.09
CA PHE A 91 -7.96 5.42 2.43
C PHE A 91 -6.79 4.86 3.26
N ILE A 92 -6.40 3.65 2.91
CA ILE A 92 -5.14 3.03 3.40
C ILE A 92 -4.39 2.24 2.35
N ASN A 93 -3.18 1.88 2.75
CA ASN A 93 -2.35 0.98 1.96
C ASN A 93 -1.44 0.02 2.78
N TYR A 94 -1.40 -1.23 2.35
CA TYR A 94 -0.56 -2.26 2.96
C TYR A 94 0.78 -2.42 2.21
N LEU A 95 1.82 -2.70 2.97
CA LEU A 95 3.18 -2.85 2.43
C LEU A 95 3.80 -4.20 2.78
N THR A 96 4.81 -4.61 2.05
CA THR A 96 5.49 -5.92 2.32
C THR A 96 6.55 -5.81 3.39
N ARG A 97 6.97 -6.97 3.90
CA ARG A 97 8.06 -7.06 4.92
C ARG A 97 9.43 -6.54 4.45
N GLU A 98 9.54 -6.30 3.15
CA GLU A 98 10.78 -5.80 2.52
C GLU A 98 10.71 -4.29 2.20
N VAL A 99 9.49 -3.75 2.24
CA VAL A 99 9.27 -2.33 1.90
C VAL A 99 8.51 -1.45 2.92
N TYR A 100 7.87 -2.08 3.89
CA TYR A 100 7.18 -1.37 4.99
C TYR A 100 8.14 -0.51 5.84
N ARG A 101 9.38 -0.99 5.99
CA ARG A 101 10.44 -0.24 6.69
C ARG A 101 10.73 1.14 6.04
N SER A 102 10.66 1.19 4.73
CA SER A 102 10.87 2.45 3.96
C SER A 102 9.68 3.40 4.03
N TYR A 103 8.49 2.85 4.12
CA TYR A 103 7.26 3.64 4.29
C TYR A 103 7.18 4.29 5.68
N ARG A 104 7.70 3.60 6.69
CA ARG A 104 7.70 4.14 8.07
C ARG A 104 8.83 5.12 8.35
N GLN A 105 9.98 4.95 7.69
CA GLN A 105 11.12 5.88 7.92
C GLN A 105 10.91 7.32 7.40
N LEU A 106 9.87 7.51 6.59
CA LEU A 106 9.51 8.82 6.02
C LEU A 106 8.28 9.49 6.67
N VAL A 107 7.62 8.76 7.57
CA VAL A 107 6.52 9.32 8.41
C VAL A 107 6.77 9.37 9.92
N ASP A 108 7.67 8.53 10.40
CA ASP A 108 8.04 8.52 11.84
C ASP A 108 9.22 9.46 12.18
N HIS A 109 8.93 10.75 12.29
CA HIS A 109 9.96 11.77 12.58
C HIS A 109 10.75 11.57 13.91
N HIS A 110 10.26 10.72 14.79
CA HIS A 110 10.97 10.33 16.03
C HIS A 110 12.27 9.50 15.73
N HIS A 111 12.39 9.06 14.49
CA HIS A 111 13.55 8.29 13.99
C HIS A 111 14.04 8.80 12.60
N HIS A 112 13.92 10.10 12.39
CA HIS A 112 14.32 10.74 11.11
C HIS A 112 15.83 10.67 10.77
N HIS A 113 16.15 10.80 9.48
CA HIS A 113 17.55 10.85 9.04
C HIS A 113 18.26 12.17 9.42
N HIS A 114 19.51 12.07 9.86
CA HIS A 114 20.31 13.24 10.30
C HIS A 114 21.81 13.20 9.87
N GLY A 1 4.93 -25.26 6.97
CA GLY A 1 5.72 -24.60 5.93
C GLY A 1 5.47 -23.13 5.97
N ALA A 2 6.14 -22.34 5.14
CA ALA A 2 5.94 -20.89 5.09
C ALA A 2 4.50 -20.46 4.59
N ASP A 3 4.07 -19.28 5.01
CA ASP A 3 2.75 -18.73 4.67
C ASP A 3 2.77 -17.28 4.07
N CYS A 4 1.59 -16.72 3.83
CA CYS A 4 1.45 -15.33 3.34
C CYS A 4 0.54 -14.45 4.24
N LEU A 5 0.31 -13.20 3.84
CA LEU A 5 -0.43 -12.15 4.61
C LEU A 5 0.31 -11.66 5.88
N ASN A 6 0.92 -12.55 6.64
CA ASN A 6 1.81 -12.16 7.75
C ASN A 6 3.12 -11.48 7.24
N SER A 7 3.36 -11.62 5.93
CA SER A 7 4.46 -10.92 5.21
C SER A 7 4.19 -9.43 4.95
N PHE A 8 2.99 -8.99 5.30
CA PHE A 8 2.52 -7.60 5.10
C PHE A 8 2.11 -6.85 6.39
N THR A 9 2.29 -5.54 6.38
CA THR A 9 1.87 -4.66 7.49
C THR A 9 1.15 -3.40 6.98
N ALA A 10 0.00 -3.10 7.54
CA ALA A 10 -0.76 -1.91 7.14
C ALA A 10 -0.10 -0.56 7.57
N GLY A 11 -0.17 0.45 6.70
CA GLY A 11 0.34 1.78 7.03
C GLY A 11 -0.64 2.63 7.83
N VAL A 12 -0.14 3.65 8.52
CA VAL A 12 -0.99 4.55 9.34
C VAL A 12 -2.07 5.29 8.50
N PRO A 13 -3.34 5.34 8.98
CA PRO A 13 -4.32 6.08 8.16
C PRO A 13 -4.05 7.59 8.18
N GLY A 14 -4.51 8.28 7.14
CA GLY A 14 -4.22 9.71 6.98
C GLY A 14 -3.17 10.03 5.93
N PHE A 15 -2.29 9.07 5.65
CA PHE A 15 -1.26 9.21 4.57
C PHE A 15 -1.22 7.98 3.63
N VAL A 16 -1.44 8.20 2.34
CA VAL A 16 -1.43 7.10 1.33
C VAL A 16 -0.70 7.35 0.01
N LEU A 17 -0.47 6.27 -0.72
CA LEU A 17 0.14 6.31 -2.06
C LEU A 17 -0.69 7.10 -3.11
N ASP A 18 0.05 7.79 -3.94
CA ASP A 18 -0.44 8.55 -5.10
C ASP A 18 0.14 7.90 -6.37
N THR A 19 -0.64 7.01 -6.99
CA THR A 19 -0.09 6.15 -8.07
C THR A 19 0.34 6.83 -9.33
N GLN A 20 -0.39 7.80 -9.83
CA GLN A 20 0.05 8.51 -11.03
C GLN A 20 1.30 9.40 -10.79
N ALA A 21 1.65 9.54 -9.52
CA ALA A 21 2.81 10.38 -9.16
C ALA A 21 4.03 9.48 -8.92
N SER A 22 3.80 8.32 -8.33
CA SER A 22 4.82 7.34 -8.12
C SER A 22 5.24 6.60 -9.38
N VAL A 23 4.29 6.32 -10.25
CA VAL A 23 4.56 5.65 -11.56
C VAL A 23 5.25 6.58 -12.54
N SER A 24 5.09 7.87 -12.29
CA SER A 24 5.79 8.94 -13.05
C SER A 24 7.22 9.16 -12.56
N ASN A 25 7.51 8.59 -11.38
CA ASN A 25 8.84 8.66 -10.76
C ASN A 25 9.63 7.32 -10.86
N GLY A 26 8.94 6.29 -11.37
CA GLY A 26 9.53 4.97 -11.64
C GLY A 26 8.81 3.69 -11.20
N ALA A 27 7.75 3.87 -10.42
CA ALA A 27 6.85 2.76 -9.97
C ALA A 27 6.00 2.17 -11.12
N THR A 28 5.39 1.03 -10.82
CA THR A 28 4.49 0.37 -11.79
C THR A 28 3.17 -0.03 -11.20
N PHE A 29 2.11 0.45 -11.85
CA PHE A 29 0.73 0.04 -11.55
C PHE A 29 0.41 -1.30 -12.27
N LEU A 30 0.76 -2.39 -11.61
CA LEU A 30 0.68 -3.75 -12.22
C LEU A 30 -0.71 -4.40 -12.19
N GLU A 31 -1.34 -4.45 -11.03
CA GLU A 31 -2.69 -5.02 -10.87
C GLU A 31 -3.72 -4.07 -10.25
N SER A 32 -4.98 -4.22 -10.60
CA SER A 32 -6.06 -3.41 -9.97
C SER A 32 -7.34 -4.19 -9.65
N PRO A 33 -7.29 -5.07 -8.62
CA PRO A 33 -8.46 -5.88 -8.26
C PRO A 33 -9.74 -5.13 -7.87
N THR A 34 -10.87 -5.74 -8.20
CA THR A 34 -12.22 -5.23 -7.83
C THR A 34 -12.82 -5.97 -6.61
N VAL A 35 -11.92 -6.52 -5.80
CA VAL A 35 -12.32 -7.23 -4.54
C VAL A 35 -13.00 -6.31 -3.57
N ARG A 36 -13.89 -6.90 -2.79
CA ARG A 36 -14.76 -6.17 -1.82
C ARG A 36 -14.27 -6.08 -0.38
N ARG A 37 -13.05 -6.57 -0.11
CA ARG A 37 -12.43 -6.43 1.26
C ARG A 37 -10.94 -6.07 1.29
N GLY A 38 -10.51 -5.36 2.32
CA GLY A 38 -9.08 -5.04 2.50
C GLY A 38 -8.12 -6.23 2.54
N TRP A 39 -8.45 -7.28 3.29
CA TRP A 39 -7.62 -8.50 3.28
C TRP A 39 -7.66 -9.30 1.96
N ASP A 40 -8.76 -9.18 1.22
CA ASP A 40 -8.86 -9.77 -0.13
C ASP A 40 -8.02 -8.95 -1.17
N CYS A 41 -7.68 -7.71 -0.83
CA CYS A 41 -6.71 -6.90 -1.59
C CYS A 41 -5.24 -7.29 -1.27
N VAL A 42 -4.95 -7.55 0.01
CA VAL A 42 -3.58 -7.98 0.44
C VAL A 42 -3.18 -9.36 -0.12
N ARG A 43 -4.11 -10.31 -0.12
CA ARG A 43 -3.85 -11.66 -0.71
C ARG A 43 -3.64 -11.60 -2.23
N ALA A 44 -4.17 -10.57 -2.88
CA ALA A 44 -3.94 -10.35 -4.31
C ALA A 44 -2.47 -9.89 -4.56
N CYS A 45 -1.95 -9.03 -3.69
CA CYS A 45 -0.54 -8.60 -3.76
C CYS A 45 0.45 -9.78 -3.50
N CYS A 46 -0.02 -10.79 -2.76
CA CYS A 46 0.74 -12.04 -2.58
C CYS A 46 0.82 -12.91 -3.85
N THR A 47 -0.13 -12.72 -4.78
CA THR A 47 -0.15 -13.46 -6.08
C THR A 47 0.43 -12.69 -7.26
N THR A 48 0.42 -11.37 -7.16
CA THR A 48 1.09 -10.49 -8.16
C THR A 48 2.57 -10.35 -7.79
N GLN A 49 3.42 -11.08 -8.48
CA GLN A 49 4.86 -11.20 -8.12
C GLN A 49 5.69 -9.94 -7.80
N ASN A 50 5.47 -8.88 -8.53
CA ASN A 50 6.22 -7.64 -8.34
C ASN A 50 5.45 -6.56 -7.51
N CYS A 51 4.38 -6.98 -6.87
CA CYS A 51 3.59 -6.07 -6.00
C CYS A 51 4.17 -5.87 -4.56
N ASN A 52 4.37 -4.62 -4.20
CA ASN A 52 4.87 -4.24 -2.85
C ASN A 52 3.92 -3.32 -2.05
N LEU A 53 3.03 -2.65 -2.77
CA LEU A 53 2.03 -1.74 -2.19
C LEU A 53 0.60 -2.17 -2.59
N ALA A 54 -0.28 -2.24 -1.61
CA ALA A 54 -1.70 -2.57 -1.81
C ALA A 54 -2.67 -1.48 -1.26
N LEU A 55 -3.04 -0.53 -2.12
CA LEU A 55 -3.90 0.62 -1.81
C LEU A 55 -5.42 0.30 -1.90
N VAL A 56 -6.19 0.77 -0.92
CA VAL A 56 -7.66 0.56 -0.90
C VAL A 56 -8.53 1.77 -0.56
N GLU A 57 -9.73 1.75 -1.13
CA GLU A 57 -10.76 2.78 -0.86
C GLU A 57 -11.85 2.21 0.09
N LEU A 58 -12.05 2.85 1.24
CA LEU A 58 -12.93 2.32 2.31
C LEU A 58 -14.41 2.85 2.32
N GLN A 59 -15.17 2.40 3.31
CA GLN A 59 -16.59 2.84 3.58
C GLN A 59 -17.68 2.53 2.48
N PRO A 60 -17.59 1.35 1.80
CA PRO A 60 -18.62 1.04 0.77
C PRO A 60 -20.00 0.54 1.29
N ASP A 61 -19.96 -0.21 2.39
CA ASP A 61 -21.13 -0.92 2.92
C ASP A 61 -21.00 -1.28 4.43
N ARG A 62 -19.77 -1.67 4.82
CA ARG A 62 -19.46 -2.18 6.19
C ARG A 62 -18.31 -1.49 6.95
N GLY A 63 -17.89 -0.40 6.39
CA GLY A 63 -16.84 0.46 6.94
C GLY A 63 -15.38 0.14 6.60
N GLU A 64 -14.82 -0.86 7.25
CA GLU A 64 -13.37 -1.18 7.10
C GLU A 64 -13.05 -2.57 6.61
N ASP A 65 -13.85 -3.53 7.07
CA ASP A 65 -13.70 -4.90 6.56
C ASP A 65 -14.01 -4.95 5.05
N ALA A 66 -14.86 -4.03 4.60
CA ALA A 66 -15.25 -3.94 3.19
C ALA A 66 -14.58 -2.71 2.52
N ILE A 67 -14.26 -2.86 1.24
CA ILE A 67 -13.66 -1.77 0.45
C ILE A 67 -14.41 -1.58 -0.89
N ALA A 68 -14.31 -0.36 -1.41
CA ALA A 68 -14.91 0.01 -2.69
C ALA A 68 -14.00 -0.45 -3.88
N ALA A 69 -12.69 -0.30 -3.73
CA ALA A 69 -11.73 -0.72 -4.79
C ALA A 69 -10.28 -1.04 -4.25
N CYS A 70 -9.54 -1.86 -5.02
CA CYS A 70 -8.15 -2.24 -4.66
C CYS A 70 -7.10 -1.97 -5.81
N PHE A 71 -6.03 -1.26 -5.47
CA PHE A 71 -4.95 -0.93 -6.42
C PHE A 71 -3.55 -1.42 -5.99
N LEU A 72 -2.93 -2.27 -6.80
CA LEU A 72 -1.58 -2.82 -6.50
C LEU A 72 -0.45 -2.10 -7.27
N ILE A 73 0.55 -1.63 -6.55
CA ILE A 73 1.70 -0.88 -7.12
C ILE A 73 3.08 -1.41 -6.69
N ASN A 74 4.01 -1.46 -7.64
CA ASN A 74 5.38 -1.92 -7.36
C ASN A 74 6.21 -0.94 -6.45
N CYS A 75 6.06 0.34 -6.70
CA CYS A 75 6.70 1.45 -5.95
C CYS A 75 8.24 1.48 -5.83
N LEU A 76 8.89 0.67 -6.66
CA LEU A 76 10.35 0.58 -6.74
C LEU A 76 10.91 0.83 -8.16
N TYR A 77 12.10 1.41 -8.20
CA TYR A 77 12.82 1.70 -9.47
C TYR A 77 14.33 1.63 -9.26
N GLU A 78 14.96 0.72 -9.99
CA GLU A 78 16.40 0.38 -9.77
C GLU A 78 16.67 0.02 -8.30
N GLN A 79 15.67 -0.67 -7.73
CA GLN A 79 15.58 -1.09 -6.30
C GLN A 79 15.37 0.06 -5.29
N ASN A 80 15.22 1.29 -5.77
CA ASN A 80 14.98 2.44 -4.89
C ASN A 80 13.49 2.72 -4.63
N PHE A 81 13.20 3.29 -3.48
CA PHE A 81 11.82 3.60 -3.06
C PHE A 81 11.27 4.94 -3.62
N VAL A 82 10.93 4.94 -4.90
CA VAL A 82 10.42 6.13 -5.65
C VAL A 82 8.95 6.44 -5.41
N CYS A 83 8.37 5.75 -4.45
CA CYS A 83 6.98 5.85 -4.07
C CYS A 83 6.54 7.27 -3.56
N LYS A 84 5.42 7.78 -4.05
CA LYS A 84 4.89 9.12 -3.70
C LYS A 84 3.62 9.06 -2.85
N PHE A 85 3.49 10.03 -1.97
CA PHE A 85 2.37 10.06 -1.01
C PHE A 85 1.61 11.38 -0.83
N ALA A 86 0.38 11.27 -0.35
CA ALA A 86 -0.48 12.43 -0.10
C ALA A 86 -1.44 12.21 1.11
N PRO A 87 -1.89 13.30 1.76
CA PRO A 87 -2.84 13.10 2.86
C PRO A 87 -4.23 12.64 2.39
N ARG A 88 -4.91 11.83 3.20
CA ARG A 88 -6.24 11.26 2.84
C ARG A 88 -7.23 10.91 3.97
N GLU A 89 -8.49 10.89 3.58
CA GLU A 89 -9.64 10.61 4.47
C GLU A 89 -10.26 9.18 4.27
N GLY A 90 -10.51 8.82 3.02
CA GLY A 90 -11.14 7.52 2.68
C GLY A 90 -10.26 6.37 2.22
N PHE A 91 -8.96 6.46 2.42
CA PHE A 91 -7.99 5.43 1.95
C PHE A 91 -6.89 4.94 2.92
N ILE A 92 -6.47 3.70 2.67
CA ILE A 92 -5.23 3.12 3.27
C ILE A 92 -4.43 2.24 2.33
N ASN A 93 -3.22 1.92 2.75
CA ASN A 93 -2.38 0.95 2.04
C ASN A 93 -1.56 -0.04 2.92
N TYR A 94 -1.49 -1.26 2.45
CA TYR A 94 -0.65 -2.30 3.06
C TYR A 94 0.72 -2.36 2.35
N LEU A 95 1.74 -2.65 3.11
CA LEU A 95 3.12 -2.72 2.62
C LEU A 95 3.76 -4.09 2.94
N THR A 96 4.78 -4.48 2.19
CA THR A 96 5.50 -5.75 2.51
C THR A 96 6.54 -5.44 3.55
N ARG A 97 7.08 -6.46 4.22
CA ARG A 97 8.15 -6.24 5.24
C ARG A 97 9.37 -5.43 4.71
N GLU A 98 9.61 -5.54 3.41
CA GLU A 98 10.76 -4.90 2.75
C GLU A 98 10.58 -3.44 2.31
N VAL A 99 9.33 -3.03 2.10
CA VAL A 99 8.99 -1.60 1.86
C VAL A 99 8.37 -0.89 3.06
N TYR A 100 7.76 -1.61 3.99
CA TYR A 100 7.24 -1.03 5.26
C TYR A 100 8.34 -0.42 6.13
N ARG A 101 9.54 -1.03 6.10
CA ARG A 101 10.74 -0.53 6.80
C ARG A 101 11.19 0.87 6.33
N SER A 102 10.81 1.23 5.11
CA SER A 102 11.00 2.61 4.56
C SER A 102 9.79 3.51 4.77
N TYR A 103 8.59 2.92 4.66
CA TYR A 103 7.31 3.65 4.86
C TYR A 103 7.16 4.24 6.28
N ARG A 104 7.74 3.58 7.25
CA ARG A 104 7.75 4.09 8.64
C ARG A 104 8.64 5.34 8.84
N GLN A 105 9.71 5.41 8.06
CA GLN A 105 10.67 6.52 8.13
C GLN A 105 10.12 7.88 7.66
N LEU A 106 9.01 7.84 6.93
CA LEU A 106 8.35 9.06 6.41
C LEU A 106 6.98 9.39 7.07
N VAL A 107 6.54 8.54 8.00
CA VAL A 107 5.31 8.80 8.80
C VAL A 107 5.52 8.94 10.32
N ASP A 108 6.64 8.45 10.82
CA ASP A 108 6.99 8.62 12.27
C ASP A 108 7.45 10.06 12.60
N HIS A 109 7.80 10.80 11.57
CA HIS A 109 8.23 12.22 11.68
C HIS A 109 7.49 13.12 10.67
N HIS A 110 7.06 14.29 11.11
CA HIS A 110 6.30 15.21 10.22
C HIS A 110 6.72 16.70 10.34
N HIS A 111 7.42 17.19 9.32
CA HIS A 111 7.99 18.56 9.33
C HIS A 111 7.78 19.35 8.01
N HIS A 112 6.57 19.84 7.81
CA HIS A 112 6.22 20.56 6.56
C HIS A 112 5.69 22.00 6.73
N HIS A 113 6.17 22.90 5.88
CA HIS A 113 5.80 24.34 5.92
C HIS A 113 5.30 24.92 4.57
N HIS A 114 4.83 24.04 3.68
CA HIS A 114 4.33 24.41 2.33
C HIS A 114 2.92 25.05 2.27
N GLY A 1 -0.75 -18.38 9.48
CA GLY A 1 -0.14 -19.72 9.45
C GLY A 1 1.03 -19.75 8.53
N ALA A 2 1.07 -20.66 7.58
CA ALA A 2 2.12 -20.68 6.53
C ALA A 2 1.88 -19.58 5.44
N ASP A 3 0.76 -18.87 5.60
CA ASP A 3 0.30 -17.82 4.69
C ASP A 3 1.16 -16.54 4.51
N CYS A 4 1.30 -16.09 3.27
CA CYS A 4 1.97 -14.81 3.00
C CYS A 4 1.13 -13.57 3.42
N LEU A 5 -0.14 -13.78 3.74
CA LEU A 5 -1.03 -12.70 4.21
C LEU A 5 -0.54 -12.04 5.53
N ASN A 6 0.08 -12.84 6.40
CA ASN A 6 0.68 -12.30 7.64
C ASN A 6 2.17 -11.79 7.48
N SER A 7 2.58 -11.50 6.25
CA SER A 7 3.90 -10.89 5.95
C SER A 7 3.81 -9.40 5.55
N PHE A 8 2.60 -8.85 5.62
CA PHE A 8 2.30 -7.44 5.30
C PHE A 8 1.79 -6.61 6.51
N THR A 9 2.00 -5.30 6.45
CA THR A 9 1.51 -4.36 7.50
C THR A 9 0.95 -3.06 6.92
N ALA A 10 -0.18 -2.60 7.46
CA ALA A 10 -0.80 -1.36 6.99
C ALA A 10 0.01 -0.06 7.34
N GLY A 11 0.13 0.84 6.38
CA GLY A 11 0.91 2.09 6.53
C GLY A 11 0.33 3.26 7.30
N VAL A 12 -0.54 2.99 8.27
CA VAL A 12 -1.24 4.01 9.14
C VAL A 12 -2.25 4.92 8.39
N PRO A 13 -3.52 4.97 8.87
CA PRO A 13 -4.48 5.85 8.15
C PRO A 13 -4.12 7.34 8.27
N GLY A 14 -4.50 8.11 7.25
CA GLY A 14 -4.10 9.52 7.17
C GLY A 14 -3.06 9.79 6.09
N PHE A 15 -2.26 8.78 5.77
CA PHE A 15 -1.20 8.87 4.73
C PHE A 15 -1.29 7.75 3.67
N VAL A 16 -1.46 8.11 2.39
CA VAL A 16 -1.49 7.09 1.29
C VAL A 16 -0.71 7.41 0.02
N LEU A 17 -0.48 6.37 -0.77
CA LEU A 17 0.16 6.47 -2.08
C LEU A 17 -0.63 7.29 -3.14
N ASP A 18 0.16 8.01 -3.91
CA ASP A 18 -0.28 8.80 -5.07
C ASP A 18 0.32 8.14 -6.33
N THR A 19 -0.47 7.30 -6.98
CA THR A 19 0.08 6.45 -8.07
C THR A 19 0.54 7.13 -9.32
N GLN A 20 -0.19 8.12 -9.83
CA GLN A 20 0.26 8.83 -11.05
C GLN A 20 1.50 9.68 -10.78
N ALA A 21 1.80 9.87 -9.51
CA ALA A 21 2.99 10.63 -9.11
C ALA A 21 4.21 9.71 -8.94
N SER A 22 3.99 8.51 -8.40
CA SER A 22 5.07 7.54 -8.22
C SER A 22 5.42 6.78 -9.50
N VAL A 23 4.41 6.50 -10.32
CA VAL A 23 4.65 5.80 -11.62
C VAL A 23 5.35 6.69 -12.63
N SER A 24 5.22 7.99 -12.41
CA SER A 24 5.98 9.01 -13.16
C SER A 24 7.43 9.18 -12.62
N ASN A 25 7.67 8.63 -11.44
CA ASN A 25 8.99 8.64 -10.77
C ASN A 25 9.72 7.26 -10.84
N GLY A 26 9.02 6.29 -11.40
CA GLY A 26 9.57 4.94 -11.61
C GLY A 26 8.73 3.71 -11.19
N ALA A 27 7.69 3.91 -10.41
CA ALA A 27 6.79 2.82 -9.98
C ALA A 27 5.91 2.24 -11.12
N THR A 28 5.30 1.10 -10.82
CA THR A 28 4.41 0.43 -11.80
C THR A 28 3.08 -0.02 -11.25
N PHE A 29 2.01 0.39 -11.91
CA PHE A 29 0.68 -0.15 -11.63
C PHE A 29 0.54 -1.50 -12.35
N LEU A 30 0.47 -2.58 -11.58
CA LEU A 30 0.46 -3.95 -12.16
C LEU A 30 -0.91 -4.64 -12.12
N GLU A 31 -1.54 -4.64 -10.95
CA GLU A 31 -2.89 -5.22 -10.80
C GLU A 31 -3.98 -4.27 -10.28
N SER A 32 -5.20 -4.52 -10.70
CA SER A 32 -6.39 -3.73 -10.29
C SER A 32 -7.59 -4.60 -9.85
N PRO A 33 -7.42 -5.46 -8.84
CA PRO A 33 -8.54 -6.35 -8.49
C PRO A 33 -9.75 -5.67 -7.80
N THR A 34 -10.93 -6.20 -8.07
CA THR A 34 -12.22 -5.67 -7.53
C THR A 34 -12.72 -6.41 -6.26
N VAL A 35 -11.78 -6.83 -5.43
CA VAL A 35 -12.12 -7.54 -4.16
C VAL A 35 -12.88 -6.65 -3.17
N ARG A 36 -13.69 -7.29 -2.35
CA ARG A 36 -14.55 -6.58 -1.36
C ARG A 36 -14.00 -6.31 0.05
N ARG A 37 -12.76 -6.71 0.33
CA ARG A 37 -12.12 -6.41 1.66
C ARG A 37 -10.66 -5.96 1.60
N GLY A 38 -10.24 -5.15 2.56
CA GLY A 38 -8.83 -4.72 2.65
C GLY A 38 -7.83 -5.87 2.77
N TRP A 39 -8.15 -6.90 3.54
CA TRP A 39 -7.31 -8.12 3.62
C TRP A 39 -7.31 -8.98 2.33
N ASP A 40 -8.37 -8.90 1.55
CA ASP A 40 -8.42 -9.56 0.23
C ASP A 40 -7.54 -8.81 -0.82
N CYS A 41 -7.29 -7.53 -0.58
CA CYS A 41 -6.39 -6.71 -1.42
C CYS A 41 -4.89 -7.02 -1.20
N VAL A 42 -4.49 -7.15 0.06
CA VAL A 42 -3.06 -7.50 0.37
C VAL A 42 -2.69 -8.94 -0.03
N ARG A 43 -3.60 -9.89 0.17
CA ARG A 43 -3.36 -11.29 -0.33
C ARG A 43 -3.22 -11.36 -1.87
N ALA A 44 -3.79 -10.38 -2.57
CA ALA A 44 -3.61 -10.25 -4.02
C ALA A 44 -2.18 -9.71 -4.39
N CYS A 45 -1.62 -8.87 -3.52
CA CYS A 45 -0.24 -8.37 -3.68
C CYS A 45 0.82 -9.48 -3.47
N CYS A 46 0.40 -10.57 -2.84
CA CYS A 46 1.21 -11.80 -2.72
C CYS A 46 1.21 -12.67 -3.99
N THR A 47 0.13 -12.61 -4.76
CA THR A 47 0.02 -13.39 -6.04
C THR A 47 0.50 -12.60 -7.26
N THR A 48 0.46 -11.27 -7.17
CA THR A 48 1.06 -10.37 -8.19
C THR A 48 2.55 -10.20 -7.89
N GLN A 49 3.39 -10.90 -8.64
CA GLN A 49 4.84 -11.02 -8.35
C GLN A 49 5.69 -9.79 -7.99
N ASN A 50 5.45 -8.68 -8.66
CA ASN A 50 6.25 -7.47 -8.45
C ASN A 50 5.50 -6.38 -7.63
N CYS A 51 4.47 -6.81 -6.94
CA CYS A 51 3.69 -5.90 -6.07
C CYS A 51 4.27 -5.72 -4.63
N ASN A 52 4.51 -4.47 -4.24
CA ASN A 52 4.98 -4.15 -2.88
C ASN A 52 4.06 -3.15 -2.12
N LEU A 53 3.04 -2.67 -2.82
CA LEU A 53 2.03 -1.72 -2.27
C LEU A 53 0.59 -2.16 -2.64
N ALA A 54 -0.25 -2.22 -1.63
CA ALA A 54 -1.68 -2.60 -1.79
C ALA A 54 -2.68 -1.52 -1.27
N LEU A 55 -3.02 -0.58 -2.14
CA LEU A 55 -3.90 0.56 -1.86
C LEU A 55 -5.42 0.24 -1.96
N VAL A 56 -6.19 0.71 -1.00
CA VAL A 56 -7.67 0.50 -1.00
C VAL A 56 -8.54 1.72 -0.73
N GLU A 57 -9.76 1.64 -1.26
CA GLU A 57 -10.81 2.66 -1.06
C GLU A 57 -11.90 2.13 -0.10
N LEU A 58 -12.08 2.78 1.03
CA LEU A 58 -12.99 2.29 2.10
C LEU A 58 -14.47 2.80 2.01
N GLN A 59 -15.24 2.50 3.06
CA GLN A 59 -16.66 2.95 3.24
C GLN A 59 -17.75 2.52 2.22
N PRO A 60 -17.67 1.27 1.67
CA PRO A 60 -18.71 0.83 0.71
C PRO A 60 -20.07 0.39 1.30
N ASP A 61 -20.01 -0.18 2.51
CA ASP A 61 -21.16 -0.80 3.19
C ASP A 61 -20.90 -0.96 4.72
N ARG A 62 -19.72 -1.50 5.02
CA ARG A 62 -19.31 -1.89 6.42
C ARG A 62 -18.19 -1.05 7.05
N GLY A 63 -17.83 -0.01 6.33
CA GLY A 63 -16.77 0.92 6.75
C GLY A 63 -15.34 0.50 6.44
N GLU A 64 -14.79 -0.36 7.29
CA GLU A 64 -13.37 -0.81 7.19
C GLU A 64 -13.19 -2.31 6.94
N ASP A 65 -14.16 -3.11 7.40
CA ASP A 65 -14.16 -4.55 7.13
C ASP A 65 -14.38 -4.87 5.62
N ALA A 66 -14.91 -3.87 4.92
CA ALA A 66 -15.17 -3.96 3.49
C ALA A 66 -14.56 -2.76 2.72
N ILE A 67 -14.25 -2.95 1.44
CA ILE A 67 -13.70 -1.87 0.58
C ILE A 67 -14.44 -1.76 -0.77
N ALA A 68 -14.37 -0.58 -1.37
CA ALA A 68 -14.97 -0.30 -2.67
C ALA A 68 -14.06 -0.80 -3.84
N ALA A 69 -12.76 -0.63 -3.70
CA ALA A 69 -11.79 -1.06 -4.73
C ALA A 69 -10.33 -1.32 -4.22
N CYS A 70 -9.57 -2.13 -4.96
CA CYS A 70 -8.14 -2.42 -4.65
C CYS A 70 -7.15 -2.13 -5.81
N PHE A 71 -6.13 -1.34 -5.51
CA PHE A 71 -5.09 -0.93 -6.47
C PHE A 71 -3.66 -1.38 -6.09
N LEU A 72 -3.04 -2.23 -6.91
CA LEU A 72 -1.68 -2.73 -6.62
C LEU A 72 -0.55 -2.01 -7.39
N ILE A 73 0.46 -1.58 -6.66
CA ILE A 73 1.62 -0.83 -7.20
C ILE A 73 3.00 -1.39 -6.76
N ASN A 74 3.96 -1.40 -7.69
CA ASN A 74 5.33 -1.85 -7.39
C ASN A 74 6.08 -0.88 -6.41
N CYS A 75 5.99 0.42 -6.69
CA CYS A 75 6.62 1.52 -5.90
C CYS A 75 8.16 1.49 -5.77
N LEU A 76 8.77 0.58 -6.52
CA LEU A 76 10.23 0.44 -6.60
C LEU A 76 10.77 0.62 -8.02
N TYR A 77 11.95 1.22 -8.09
CA TYR A 77 12.66 1.47 -9.35
C TYR A 77 14.17 1.41 -9.14
N GLU A 78 14.83 0.52 -9.87
CA GLU A 78 16.26 0.18 -9.65
C GLU A 78 16.51 -0.23 -8.16
N GLN A 79 15.52 -0.94 -7.63
CA GLN A 79 15.43 -1.39 -6.22
C GLN A 79 15.21 -0.25 -5.17
N ASN A 80 15.09 0.98 -5.63
CA ASN A 80 14.86 2.13 -4.73
C ASN A 80 13.38 2.47 -4.51
N PHE A 81 13.11 3.05 -3.37
CA PHE A 81 11.74 3.42 -2.96
C PHE A 81 11.29 4.78 -3.54
N VAL A 82 10.77 4.73 -4.76
CA VAL A 82 10.32 5.95 -5.53
C VAL A 82 8.85 6.29 -5.29
N CYS A 83 8.29 5.66 -4.27
CA CYS A 83 6.90 5.84 -3.86
C CYS A 83 6.53 7.29 -3.40
N LYS A 84 5.40 7.80 -3.88
CA LYS A 84 4.92 9.18 -3.57
C LYS A 84 3.63 9.20 -2.76
N PHE A 85 3.46 10.22 -1.92
CA PHE A 85 2.32 10.27 -0.98
C PHE A 85 1.51 11.57 -0.81
N ALA A 86 0.31 11.41 -0.28
CA ALA A 86 -0.60 12.52 0.01
C ALA A 86 -1.50 12.24 1.26
N PRO A 87 -1.96 13.31 1.96
CA PRO A 87 -2.86 13.08 3.11
C PRO A 87 -4.26 12.62 2.68
N ARG A 88 -4.89 11.78 3.48
CA ARG A 88 -6.23 11.20 3.14
C ARG A 88 -7.13 10.71 4.29
N GLU A 89 -8.42 10.65 4.00
CA GLU A 89 -9.45 10.17 4.98
C GLU A 89 -10.28 8.91 4.55
N GLY A 90 -10.40 8.69 3.25
CA GLY A 90 -11.14 7.51 2.72
C GLY A 90 -10.29 6.39 2.12
N PHE A 91 -8.98 6.42 2.35
CA PHE A 91 -8.04 5.42 1.77
C PHE A 91 -6.91 4.93 2.71
N ILE A 92 -6.48 3.69 2.48
CA ILE A 92 -5.25 3.12 3.10
C ILE A 92 -4.43 2.19 2.21
N ASN A 93 -3.23 1.88 2.64
CA ASN A 93 -2.38 0.89 1.94
C ASN A 93 -1.53 -0.08 2.82
N TYR A 94 -1.53 -1.35 2.44
CA TYR A 94 -0.64 -2.35 3.06
C TYR A 94 0.73 -2.43 2.32
N LEU A 95 1.78 -2.70 3.08
CA LEU A 95 3.16 -2.80 2.56
C LEU A 95 3.80 -4.15 2.96
N THR A 96 4.84 -4.57 2.24
CA THR A 96 5.53 -5.85 2.57
C THR A 96 6.50 -5.67 3.74
N ARG A 97 6.89 -6.78 4.36
CA ARG A 97 7.87 -6.75 5.50
C ARG A 97 9.21 -6.07 5.15
N GLU A 98 9.53 -6.07 3.87
CA GLU A 98 10.78 -5.50 3.35
C GLU A 98 10.71 -4.00 3.08
N VAL A 99 9.53 -3.58 2.62
CA VAL A 99 9.31 -2.18 2.20
C VAL A 99 8.55 -1.27 3.19
N TYR A 100 7.86 -1.89 4.14
CA TYR A 100 7.17 -1.17 5.23
C TYR A 100 8.14 -0.36 6.11
N ARG A 101 9.38 -0.85 6.19
CA ARG A 101 10.47 -0.18 6.95
C ARG A 101 10.76 1.23 6.44
N SER A 102 10.70 1.39 5.12
CA SER A 102 10.87 2.71 4.46
C SER A 102 9.63 3.59 4.51
N TYR A 103 8.45 2.98 4.44
CA TYR A 103 7.19 3.75 4.53
C TYR A 103 7.02 4.41 5.92
N ARG A 104 7.47 3.72 6.97
CA ARG A 104 7.41 4.26 8.35
C ARG A 104 8.45 5.32 8.66
N GLN A 105 9.64 5.23 8.06
CA GLN A 105 10.71 6.22 8.30
C GLN A 105 10.38 7.66 7.80
N LEU A 106 9.37 7.77 6.95
CA LEU A 106 8.93 9.05 6.38
C LEU A 106 7.56 9.58 6.93
N VAL A 107 6.92 8.79 7.78
CA VAL A 107 5.67 9.23 8.50
C VAL A 107 5.81 9.33 10.03
N ASP A 108 6.77 8.62 10.60
CA ASP A 108 7.01 8.67 12.05
C ASP A 108 7.76 9.94 12.53
N HIS A 109 7.04 10.77 13.28
CA HIS A 109 7.59 12.03 13.81
C HIS A 109 7.04 12.41 15.20
N HIS A 110 7.70 13.37 15.85
CA HIS A 110 7.33 13.81 17.22
C HIS A 110 7.45 15.33 17.48
N HIS A 111 6.98 15.76 18.64
CA HIS A 111 7.04 17.18 19.05
C HIS A 111 8.49 17.72 19.22
N HIS A 112 8.67 19.03 19.02
CA HIS A 112 10.00 19.65 19.18
C HIS A 112 10.61 19.48 20.60
N HIS A 113 11.91 19.24 20.65
CA HIS A 113 12.68 18.99 21.90
C HIS A 113 12.17 17.85 22.85
N HIS A 114 11.35 16.95 22.31
CA HIS A 114 10.84 15.77 23.06
C HIS A 114 11.84 14.58 23.16
N GLY A 1 4.04 -19.89 7.77
CA GLY A 1 2.65 -19.81 8.23
C GLY A 1 1.75 -19.34 7.14
N ALA A 2 0.66 -18.66 7.46
CA ALA A 2 -0.26 -18.06 6.47
C ALA A 2 0.32 -16.72 5.85
N ASP A 3 1.62 -16.75 5.58
CA ASP A 3 2.42 -15.57 5.20
C ASP A 3 1.98 -14.83 3.91
N CYS A 4 1.34 -15.52 2.98
CA CYS A 4 0.77 -14.91 1.75
C CYS A 4 -0.32 -13.85 2.04
N LEU A 5 -0.77 -13.81 3.29
CA LEU A 5 -1.75 -12.80 3.74
C LEU A 5 -1.31 -12.03 5.01
N ASN A 6 -0.67 -12.73 5.93
CA ASN A 6 -0.17 -12.12 7.17
C ASN A 6 1.30 -11.56 7.18
N SER A 7 2.04 -11.69 6.08
CA SER A 7 3.41 -11.10 6.00
C SER A 7 3.40 -9.57 5.85
N PHE A 8 2.32 -9.06 5.27
CA PHE A 8 2.09 -7.62 5.07
C PHE A 8 1.74 -6.81 6.34
N THR A 9 2.13 -5.53 6.32
CA THR A 9 1.81 -4.58 7.41
C THR A 9 1.20 -3.30 6.87
N ALA A 10 0.07 -2.89 7.44
CA ALA A 10 -0.61 -1.66 6.99
C ALA A 10 0.19 -0.36 7.31
N GLY A 11 0.16 0.59 6.37
CA GLY A 11 0.77 1.90 6.60
C GLY A 11 -0.10 2.81 7.43
N VAL A 12 0.45 3.92 7.92
CA VAL A 12 -0.34 4.86 8.77
C VAL A 12 -1.53 5.49 8.03
N PRO A 13 -2.71 5.56 8.69
CA PRO A 13 -3.85 6.18 7.98
C PRO A 13 -3.71 7.69 7.83
N GLY A 14 -4.43 8.26 6.89
CA GLY A 14 -4.30 9.70 6.60
C GLY A 14 -3.27 10.03 5.52
N PHE A 15 -2.26 9.19 5.37
CA PHE A 15 -1.28 9.30 4.27
C PHE A 15 -1.23 8.04 3.38
N VAL A 16 -1.52 8.20 2.10
CA VAL A 16 -1.49 7.07 1.12
C VAL A 16 -0.79 7.38 -0.19
N LEU A 17 -0.51 6.30 -0.91
CA LEU A 17 0.09 6.38 -2.25
C LEU A 17 -0.74 7.17 -3.28
N ASP A 18 0.04 7.85 -4.09
CA ASP A 18 -0.42 8.68 -5.22
C ASP A 18 0.19 8.06 -6.49
N THR A 19 -0.57 7.20 -7.14
CA THR A 19 -0.01 6.35 -8.22
C THR A 19 0.48 7.01 -9.47
N GLN A 20 -0.25 7.98 -9.98
CA GLN A 20 0.23 8.68 -11.18
C GLN A 20 1.49 9.53 -10.90
N ALA A 21 1.78 9.70 -9.62
CA ALA A 21 2.95 10.46 -9.19
C ALA A 21 4.19 9.56 -8.96
N SER A 22 3.97 8.36 -8.42
CA SER A 22 5.06 7.41 -8.22
C SER A 22 5.42 6.65 -9.49
N VAL A 23 4.40 6.34 -10.28
CA VAL A 23 4.63 5.63 -11.57
C VAL A 23 5.33 6.52 -12.59
N SER A 24 5.18 7.82 -12.41
CA SER A 24 5.90 8.82 -13.18
C SER A 24 7.32 9.08 -12.64
N ASN A 25 7.58 8.54 -11.44
CA ASN A 25 8.92 8.65 -10.78
C ASN A 25 9.69 7.31 -10.84
N GLY A 26 8.99 6.26 -11.27
CA GLY A 26 9.58 4.94 -11.50
C GLY A 26 8.80 3.69 -11.07
N ALA A 27 7.74 3.88 -10.30
CA ALA A 27 6.84 2.77 -9.90
C ALA A 27 6.00 2.19 -11.05
N THR A 28 5.33 1.10 -10.77
CA THR A 28 4.45 0.46 -11.75
C THR A 28 3.12 -0.01 -11.23
N PHE A 29 2.06 0.43 -11.89
CA PHE A 29 0.73 -0.15 -11.66
C PHE A 29 0.64 -1.50 -12.41
N LEU A 30 0.57 -2.58 -11.66
CA LEU A 30 0.61 -3.93 -12.25
C LEU A 30 -0.77 -4.63 -12.25
N GLU A 31 -1.36 -4.72 -11.05
CA GLU A 31 -2.67 -5.33 -10.91
C GLU A 31 -3.80 -4.38 -10.43
N SER A 32 -5.01 -4.72 -10.86
CA SER A 32 -6.21 -3.96 -10.51
C SER A 32 -7.34 -4.95 -10.10
N PRO A 33 -7.20 -5.60 -8.92
CA PRO A 33 -8.12 -6.68 -8.47
C PRO A 33 -9.61 -6.37 -8.31
N THR A 34 -9.95 -5.08 -8.18
CA THR A 34 -11.36 -4.58 -7.97
C THR A 34 -12.18 -5.32 -6.90
N VAL A 35 -11.45 -5.97 -6.00
CA VAL A 35 -12.01 -6.74 -4.86
C VAL A 35 -12.76 -5.86 -3.85
N ARG A 36 -13.58 -6.52 -3.05
CA ARG A 36 -14.47 -5.85 -2.05
C ARG A 36 -14.22 -6.17 -0.57
N ARG A 37 -13.05 -6.76 -0.29
CA ARG A 37 -12.56 -6.97 1.10
C ARG A 37 -11.10 -6.55 1.29
N GLY A 38 -10.77 -5.97 2.44
CA GLY A 38 -9.38 -5.51 2.68
C GLY A 38 -8.38 -6.65 2.58
N TRP A 39 -8.75 -7.79 3.17
CA TRP A 39 -7.94 -9.03 3.08
C TRP A 39 -7.85 -9.65 1.68
N ASP A 40 -8.86 -9.43 0.84
CA ASP A 40 -8.80 -9.85 -0.58
C ASP A 40 -7.83 -8.96 -1.41
N CYS A 41 -7.60 -7.73 -0.99
CA CYS A 41 -6.65 -6.82 -1.67
C CYS A 41 -5.18 -7.15 -1.27
N VAL A 42 -4.97 -7.46 0.00
CA VAL A 42 -3.65 -7.89 0.53
C VAL A 42 -3.16 -9.22 -0.05
N ARG A 43 -4.04 -10.22 -0.09
CA ARG A 43 -3.69 -11.56 -0.69
C ARG A 43 -3.45 -11.46 -2.21
N ALA A 44 -4.00 -10.44 -2.85
CA ALA A 44 -3.74 -10.21 -4.27
C ALA A 44 -2.30 -9.72 -4.53
N CYS A 45 -1.77 -8.92 -3.60
CA CYS A 45 -0.37 -8.43 -3.71
C CYS A 45 0.68 -9.55 -3.51
N CYS A 46 0.25 -10.64 -2.87
CA CYS A 46 1.03 -11.88 -2.78
C CYS A 46 1.10 -12.61 -4.15
N THR A 47 -0.04 -12.67 -4.84
CA THR A 47 -0.13 -13.37 -6.17
C THR A 47 0.48 -12.59 -7.33
N THR A 48 0.50 -11.27 -7.23
CA THR A 48 1.17 -10.40 -8.21
C THR A 48 2.63 -10.24 -7.83
N GLN A 49 3.48 -10.97 -8.53
CA GLN A 49 4.90 -11.07 -8.20
C GLN A 49 5.74 -9.82 -7.84
N ASN A 50 5.55 -8.73 -8.56
CA ASN A 50 6.30 -7.49 -8.33
C ASN A 50 5.55 -6.41 -7.53
N CYS A 51 4.49 -6.85 -6.93
CA CYS A 51 3.64 -5.96 -6.08
C CYS A 51 4.20 -5.83 -4.63
N ASN A 52 4.41 -4.58 -4.22
CA ASN A 52 4.88 -4.29 -2.86
C ASN A 52 3.95 -3.26 -2.10
N LEU A 53 2.95 -2.71 -2.82
CA LEU A 53 1.94 -1.80 -2.28
C LEU A 53 0.50 -2.19 -2.65
N ALA A 54 -0.37 -2.14 -1.67
CA ALA A 54 -1.78 -2.50 -1.86
C ALA A 54 -2.76 -1.42 -1.33
N LEU A 55 -3.11 -0.49 -2.22
CA LEU A 55 -3.98 0.66 -1.91
C LEU A 55 -5.50 0.37 -1.92
N VAL A 56 -6.20 0.81 -0.91
CA VAL A 56 -7.67 0.60 -0.83
C VAL A 56 -8.57 1.78 -0.45
N GLU A 57 -9.81 1.67 -0.89
CA GLU A 57 -10.90 2.65 -0.59
C GLU A 57 -11.91 2.01 0.36
N LEU A 58 -12.09 2.64 1.52
CA LEU A 58 -12.81 2.05 2.65
C LEU A 58 -14.29 2.54 2.96
N GLN A 59 -14.90 1.87 3.93
CA GLN A 59 -16.31 2.11 4.40
C GLN A 59 -17.43 1.89 3.30
N PRO A 60 -17.38 0.70 2.64
CA PRO A 60 -18.44 0.36 1.67
C PRO A 60 -19.77 -0.13 2.29
N ASP A 61 -19.66 -0.73 3.47
CA ASP A 61 -20.76 -1.45 4.15
C ASP A 61 -20.43 -1.69 5.63
N ARG A 62 -19.15 -2.01 5.89
CA ARG A 62 -18.68 -2.41 7.26
C ARG A 62 -17.46 -1.72 7.87
N GLY A 63 -16.53 -1.19 7.09
CA GLY A 63 -15.32 -0.53 7.61
C GLY A 63 -14.03 -0.79 6.84
N GLU A 64 -13.22 -1.73 7.31
CA GLU A 64 -11.91 -2.11 6.68
C GLU A 64 -11.85 -3.58 6.24
N ASP A 65 -12.57 -4.46 6.91
CA ASP A 65 -12.72 -5.86 6.47
C ASP A 65 -13.41 -5.92 5.08
N ALA A 66 -14.25 -4.95 4.82
CA ALA A 66 -14.88 -4.74 3.51
C ALA A 66 -14.32 -3.42 2.88
N ILE A 67 -14.09 -3.39 1.59
CA ILE A 67 -13.60 -2.19 0.87
C ILE A 67 -14.40 -1.92 -0.40
N ALA A 68 -14.32 -0.69 -0.90
CA ALA A 68 -14.99 -0.29 -2.14
C ALA A 68 -14.11 -0.63 -3.40
N ALA A 69 -12.80 -0.42 -3.29
CA ALA A 69 -11.86 -0.67 -4.40
C ALA A 69 -10.41 -1.04 -3.93
N CYS A 70 -9.66 -1.66 -4.83
CA CYS A 70 -8.25 -2.09 -4.59
C CYS A 70 -7.27 -1.87 -5.78
N PHE A 71 -6.17 -1.20 -5.51
CA PHE A 71 -5.11 -0.89 -6.49
C PHE A 71 -3.68 -1.36 -6.08
N LEU A 72 -3.05 -2.19 -6.91
CA LEU A 72 -1.69 -2.72 -6.62
C LEU A 72 -0.54 -2.01 -7.38
N ILE A 73 0.48 -1.62 -6.65
CA ILE A 73 1.63 -0.86 -7.22
C ILE A 73 3.02 -1.44 -6.78
N ASN A 74 3.96 -1.44 -7.71
CA ASN A 74 5.36 -1.87 -7.43
C ASN A 74 6.12 -0.93 -6.42
N CYS A 75 6.03 0.38 -6.69
CA CYS A 75 6.64 1.48 -5.88
C CYS A 75 8.18 1.44 -5.75
N LEU A 76 8.83 0.61 -6.54
CA LEU A 76 10.30 0.49 -6.58
C LEU A 76 10.86 0.75 -7.99
N TYR A 77 12.04 1.35 -8.02
CA TYR A 77 12.76 1.66 -9.26
C TYR A 77 14.27 1.70 -8.99
N GLU A 78 15.02 0.88 -9.72
CA GLU A 78 16.48 0.69 -9.49
C GLU A 78 16.78 0.30 -8.02
N GLN A 79 15.90 -0.55 -7.49
CA GLN A 79 15.89 -1.03 -6.08
C GLN A 79 15.55 0.05 -5.02
N ASN A 80 15.19 1.23 -5.47
CA ASN A 80 14.85 2.35 -4.56
C ASN A 80 13.37 2.62 -4.38
N PHE A 81 13.05 3.20 -3.24
CA PHE A 81 11.65 3.47 -2.87
C PHE A 81 11.10 4.80 -3.43
N VAL A 82 10.84 4.84 -4.72
CA VAL A 82 10.31 6.06 -5.46
C VAL A 82 8.83 6.34 -5.20
N CYS A 83 8.30 5.64 -4.23
CA CYS A 83 6.92 5.73 -3.84
C CYS A 83 6.52 7.15 -3.36
N LYS A 84 5.45 7.67 -3.97
CA LYS A 84 4.94 9.04 -3.65
C LYS A 84 3.63 9.00 -2.87
N PHE A 85 3.50 9.96 -1.99
CA PHE A 85 2.35 10.04 -1.08
C PHE A 85 1.64 11.39 -0.95
N ALA A 86 0.39 11.34 -0.53
CA ALA A 86 -0.42 12.55 -0.33
C ALA A 86 -1.46 12.40 0.83
N PRO A 87 -1.88 13.53 1.43
CA PRO A 87 -2.88 13.44 2.50
C PRO A 87 -4.25 13.05 1.99
N ARG A 88 -4.89 12.15 2.71
CA ARG A 88 -6.19 11.58 2.34
C ARG A 88 -7.14 11.33 3.55
N GLU A 89 -8.40 11.02 3.27
CA GLU A 89 -9.42 10.81 4.27
C GLU A 89 -10.02 9.38 4.29
N GLY A 90 -9.60 8.64 5.29
CA GLY A 90 -10.06 7.25 5.49
C GLY A 90 -9.22 6.19 4.77
N PHE A 91 -8.68 6.54 3.60
CA PHE A 91 -7.89 5.62 2.74
C PHE A 91 -6.65 5.05 3.40
N ILE A 92 -6.39 3.78 3.08
CA ILE A 92 -5.14 3.11 3.47
C ILE A 92 -4.45 2.27 2.42
N ASN A 93 -3.24 1.87 2.77
CA ASN A 93 -2.45 0.91 2.00
C ASN A 93 -1.50 -0.02 2.79
N TYR A 94 -1.49 -1.27 2.37
CA TYR A 94 -0.63 -2.31 2.96
C TYR A 94 0.75 -2.40 2.26
N LEU A 95 1.78 -2.67 3.04
CA LEU A 95 3.18 -2.78 2.59
C LEU A 95 3.79 -4.12 2.95
N THR A 96 4.87 -4.48 2.26
CA THR A 96 5.59 -5.76 2.56
C THR A 96 6.65 -5.49 3.59
N ARG A 97 7.18 -6.56 4.16
CA ARG A 97 8.26 -6.45 5.19
C ARG A 97 9.50 -5.71 4.69
N GLU A 98 9.71 -5.75 3.38
CA GLU A 98 10.84 -5.07 2.71
C GLU A 98 10.64 -3.56 2.47
N VAL A 99 9.42 -3.16 2.08
CA VAL A 99 9.10 -1.71 1.84
C VAL A 99 8.44 -0.97 2.99
N TYR A 100 7.88 -1.68 3.97
CA TYR A 100 7.29 -1.03 5.16
C TYR A 100 8.33 -0.25 5.98
N ARG A 101 9.58 -0.73 5.97
CA ARG A 101 10.67 -0.02 6.66
C ARG A 101 10.92 1.39 6.09
N SER A 102 10.84 1.48 4.78
CA SER A 102 10.99 2.73 4.05
C SER A 102 9.76 3.60 4.09
N TYR A 103 8.56 3.02 4.18
CA TYR A 103 7.31 3.78 4.36
C TYR A 103 7.26 4.44 5.70
N ARG A 104 7.87 3.79 6.73
CA ARG A 104 7.89 4.40 8.07
C ARG A 104 8.95 5.48 8.26
N GLN A 105 10.08 5.37 7.59
CA GLN A 105 11.15 6.32 7.76
C GLN A 105 10.87 7.72 7.20
N LEU A 106 9.82 7.83 6.40
CA LEU A 106 9.40 9.09 5.78
C LEU A 106 8.13 9.73 6.42
N VAL A 107 7.55 9.02 7.39
CA VAL A 107 6.45 9.54 8.23
C VAL A 107 6.74 9.66 9.73
N ASP A 108 7.75 8.96 10.20
CA ASP A 108 8.19 9.04 11.62
C ASP A 108 9.12 10.24 11.95
N HIS A 109 9.50 11.01 10.93
CA HIS A 109 10.36 12.20 11.09
C HIS A 109 9.74 13.50 10.54
N HIS A 110 9.84 14.58 11.31
CA HIS A 110 9.22 15.87 10.93
C HIS A 110 9.88 16.68 9.78
N HIS A 111 11.11 16.32 9.41
CA HIS A 111 11.86 17.05 8.37
C HIS A 111 12.61 16.16 7.34
N HIS A 112 12.51 16.52 6.07
CA HIS A 112 13.23 15.81 4.99
C HIS A 112 14.74 16.19 4.86
N HIS A 113 15.44 15.49 3.99
CA HIS A 113 16.88 15.76 3.75
C HIS A 113 17.20 16.24 2.30
N HIS A 114 18.45 16.63 2.09
CA HIS A 114 18.95 17.10 0.76
C HIS A 114 20.18 16.31 0.23
N GLY A 1 1.36 -18.65 11.63
CA GLY A 1 1.99 -19.75 10.88
C GLY A 1 2.74 -19.21 9.71
N ALA A 2 2.89 -20.00 8.65
CA ALA A 2 3.58 -19.56 7.40
C ALA A 2 2.70 -18.63 6.48
N ASP A 3 1.68 -18.03 7.07
CA ASP A 3 0.71 -17.18 6.37
C ASP A 3 1.22 -15.90 5.67
N CYS A 4 1.02 -15.80 4.36
CA CYS A 4 1.49 -14.62 3.60
C CYS A 4 0.90 -13.26 4.07
N LEU A 5 -0.31 -13.27 4.60
CA LEU A 5 -0.95 -12.05 5.12
C LEU A 5 -0.28 -11.48 6.40
N ASN A 6 0.46 -12.33 7.11
CA ASN A 6 1.23 -11.89 8.29
C ASN A 6 2.50 -11.06 7.90
N SER A 7 2.86 -11.10 6.62
CA SER A 7 4.02 -10.34 6.09
C SER A 7 3.68 -8.92 5.58
N PHE A 8 2.41 -8.53 5.73
CA PHE A 8 1.93 -7.19 5.32
C PHE A 8 1.34 -6.32 6.46
N THR A 9 1.49 -5.01 6.31
CA THR A 9 0.89 -4.03 7.27
C THR A 9 0.25 -2.83 6.54
N ALA A 10 -0.98 -2.48 6.91
CA ALA A 10 -1.77 -1.41 6.24
C ALA A 10 -1.24 0.08 6.26
N GLY A 11 0.02 0.28 6.62
CA GLY A 11 0.59 1.63 6.68
C GLY A 11 0.18 2.48 7.90
N VAL A 12 0.15 3.78 7.71
CA VAL A 12 -0.28 4.75 8.77
C VAL A 12 -1.47 5.58 8.26
N PRO A 13 -2.63 5.54 8.96
CA PRO A 13 -3.75 6.31 8.39
C PRO A 13 -3.50 7.82 8.43
N GLY A 14 -3.96 8.49 7.39
CA GLY A 14 -3.67 9.92 7.20
C GLY A 14 -2.70 10.19 6.05
N PHE A 15 -1.90 9.19 5.65
CA PHE A 15 -0.99 9.30 4.49
C PHE A 15 -1.10 8.13 3.48
N VAL A 16 -1.45 8.44 2.23
CA VAL A 16 -1.55 7.39 1.15
C VAL A 16 -0.94 7.74 -0.20
N LEU A 17 -0.77 6.70 -1.00
CA LEU A 17 -0.13 6.77 -2.31
C LEU A 17 -0.82 7.60 -3.44
N ASP A 18 -0.05 8.51 -4.03
CA ASP A 18 -0.43 9.17 -5.29
C ASP A 18 0.10 8.34 -6.47
N THR A 19 -0.68 7.39 -6.96
CA THR A 19 -0.15 6.45 -7.99
C THR A 19 0.26 7.03 -9.31
N GLN A 20 -0.43 8.04 -9.83
CA GLN A 20 -0.01 8.68 -11.10
C GLN A 20 1.27 9.54 -10.93
N ALA A 21 1.61 9.82 -9.68
CA ALA A 21 2.80 10.63 -9.39
C ALA A 21 4.00 9.67 -9.11
N SER A 22 3.69 8.53 -8.52
CA SER A 22 4.66 7.47 -8.27
C SER A 22 5.11 6.74 -9.52
N VAL A 23 4.18 6.49 -10.43
CA VAL A 23 4.49 5.78 -11.72
C VAL A 23 5.25 6.68 -12.68
N SER A 24 5.11 7.98 -12.47
CA SER A 24 5.89 9.01 -13.20
C SER A 24 7.31 9.17 -12.63
N ASN A 25 7.54 8.58 -11.45
CA ASN A 25 8.85 8.59 -10.79
C ASN A 25 9.59 7.23 -10.85
N GLY A 26 8.90 6.24 -11.41
CA GLY A 26 9.46 4.89 -11.63
C GLY A 26 8.68 3.66 -11.10
N ALA A 27 7.65 3.89 -10.31
CA ALA A 27 6.79 2.82 -9.79
C ALA A 27 5.90 2.22 -10.91
N THR A 28 5.35 1.05 -10.65
CA THR A 28 4.48 0.38 -11.64
C THR A 28 3.13 -0.05 -11.12
N PHE A 29 2.09 0.42 -11.79
CA PHE A 29 0.71 -0.04 -11.53
C PHE A 29 0.48 -1.38 -12.28
N LEU A 30 0.67 -2.48 -11.58
CA LEU A 30 0.67 -3.82 -12.21
C LEU A 30 -0.69 -4.56 -12.22
N GLU A 31 -1.36 -4.57 -11.08
CA GLU A 31 -2.67 -5.24 -10.96
C GLU A 31 -3.80 -4.39 -10.30
N SER A 32 -5.02 -4.60 -10.76
CA SER A 32 -6.22 -3.92 -10.19
C SER A 32 -7.45 -4.87 -10.03
N PRO A 33 -7.43 -5.75 -9.01
CA PRO A 33 -8.45 -6.79 -8.74
C PRO A 33 -9.92 -6.40 -8.48
N THR A 34 -10.18 -5.11 -8.24
CA THR A 34 -11.54 -4.57 -7.87
C THR A 34 -12.33 -5.36 -6.78
N VAL A 35 -11.58 -6.07 -5.95
CA VAL A 35 -12.14 -6.86 -4.81
C VAL A 35 -12.83 -6.03 -3.73
N ARG A 36 -13.74 -6.69 -3.02
CA ARG A 36 -14.62 -6.04 -2.00
C ARG A 36 -14.18 -6.08 -0.53
N ARG A 37 -13.02 -6.66 -0.24
CA ARG A 37 -12.45 -6.65 1.15
C ARG A 37 -10.98 -6.22 1.25
N GLY A 38 -10.63 -5.56 2.35
CA GLY A 38 -9.25 -5.12 2.56
C GLY A 38 -8.22 -6.24 2.52
N TRP A 39 -8.55 -7.37 3.13
CA TRP A 39 -7.68 -8.57 3.07
C TRP A 39 -7.69 -9.32 1.72
N ASP A 40 -8.71 -9.13 0.91
CA ASP A 40 -8.75 -9.66 -0.47
C ASP A 40 -7.79 -8.87 -1.41
N CYS A 41 -7.53 -7.61 -1.08
CA CYS A 41 -6.60 -6.76 -1.83
C CYS A 41 -5.11 -7.11 -1.59
N VAL A 42 -4.73 -7.27 -0.33
CA VAL A 42 -3.33 -7.66 0.01
C VAL A 42 -2.97 -9.11 -0.35
N ARG A 43 -3.92 -10.04 -0.23
CA ARG A 43 -3.68 -11.45 -0.72
C ARG A 43 -3.40 -11.52 -2.22
N ALA A 44 -3.94 -10.57 -2.98
CA ALA A 44 -3.63 -10.43 -4.41
C ALA A 44 -2.17 -9.89 -4.63
N CYS A 45 -1.72 -8.99 -3.75
CA CYS A 45 -0.33 -8.49 -3.81
C CYS A 45 0.70 -9.60 -3.46
N CYS A 46 0.27 -10.59 -2.69
CA CYS A 46 1.09 -11.79 -2.42
C CYS A 46 1.29 -12.68 -3.67
N THR A 47 0.26 -12.81 -4.51
CA THR A 47 0.34 -13.61 -5.76
C THR A 47 0.95 -12.86 -6.96
N THR A 48 0.88 -11.54 -6.95
CA THR A 48 1.55 -10.69 -7.98
C THR A 48 3.01 -10.46 -7.60
N GLN A 49 3.91 -11.20 -8.24
CA GLN A 49 5.36 -11.23 -7.88
C GLN A 49 6.11 -9.91 -7.62
N ASN A 50 5.82 -8.90 -8.40
CA ASN A 50 6.48 -7.59 -8.26
C ASN A 50 5.66 -6.52 -7.49
N CYS A 51 4.59 -6.96 -6.85
CA CYS A 51 3.75 -6.04 -6.03
C CYS A 51 4.27 -5.85 -4.57
N ASN A 52 4.51 -4.60 -4.20
CA ASN A 52 4.92 -4.26 -2.81
C ASN A 52 3.94 -3.29 -2.06
N LEU A 53 2.92 -2.84 -2.78
CA LEU A 53 1.92 -1.91 -2.24
C LEU A 53 0.49 -2.27 -2.67
N ALA A 54 -0.42 -2.34 -1.71
CA ALA A 54 -1.85 -2.61 -1.99
C ALA A 54 -2.81 -1.54 -1.38
N LEU A 55 -3.10 -0.53 -2.19
CA LEU A 55 -3.96 0.62 -1.83
C LEU A 55 -5.48 0.31 -1.88
N VAL A 56 -6.19 0.73 -0.84
CA VAL A 56 -7.66 0.49 -0.76
C VAL A 56 -8.51 1.69 -0.35
N GLU A 57 -9.74 1.69 -0.86
CA GLU A 57 -10.78 2.71 -0.55
C GLU A 57 -11.81 2.13 0.44
N LEU A 58 -11.96 2.74 1.61
CA LEU A 58 -12.84 2.21 2.69
C LEU A 58 -14.29 2.76 2.70
N GLN A 59 -15.06 2.31 3.70
CA GLN A 59 -16.45 2.73 4.00
C GLN A 59 -17.59 2.46 2.96
N PRO A 60 -17.52 1.33 2.19
CA PRO A 60 -18.64 1.10 1.24
C PRO A 60 -19.99 0.71 1.88
N ASP A 61 -19.96 -0.23 2.81
CA ASP A 61 -21.17 -0.72 3.52
C ASP A 61 -20.93 -1.29 4.95
N ARG A 62 -19.76 -1.87 5.18
CA ARG A 62 -19.37 -2.45 6.51
C ARG A 62 -18.27 -1.69 7.27
N GLY A 63 -17.82 -0.59 6.66
CA GLY A 63 -16.74 0.25 7.21
C GLY A 63 -15.33 -0.10 6.76
N GLU A 64 -14.70 -1.01 7.48
CA GLU A 64 -13.31 -1.46 7.17
C GLU A 64 -13.17 -2.97 6.87
N ASP A 65 -14.19 -3.74 7.27
CA ASP A 65 -14.29 -5.18 6.92
C ASP A 65 -14.43 -5.36 5.38
N ALA A 66 -14.97 -4.32 4.75
CA ALA A 66 -15.19 -4.26 3.32
C ALA A 66 -14.58 -2.97 2.70
N ILE A 67 -14.27 -3.03 1.42
CA ILE A 67 -13.68 -1.88 0.66
C ILE A 67 -14.41 -1.64 -0.66
N ALA A 68 -14.30 -0.42 -1.15
CA ALA A 68 -14.94 -0.02 -2.41
C ALA A 68 -14.04 -0.35 -3.64
N ALA A 69 -12.72 -0.22 -3.48
CA ALA A 69 -11.77 -0.49 -4.56
C ALA A 69 -10.33 -0.91 -4.09
N CYS A 70 -9.61 -1.59 -4.98
CA CYS A 70 -8.23 -2.10 -4.73
C CYS A 70 -7.20 -1.88 -5.88
N PHE A 71 -6.06 -1.29 -5.55
CA PHE A 71 -4.98 -1.01 -6.52
C PHE A 71 -3.58 -1.47 -6.08
N LEU A 72 -2.91 -2.23 -6.93
CA LEU A 72 -1.56 -2.79 -6.62
C LEU A 72 -0.41 -2.11 -7.38
N ILE A 73 0.59 -1.68 -6.62
CA ILE A 73 1.77 -0.95 -7.14
C ILE A 73 3.15 -1.54 -6.70
N ASN A 74 4.08 -1.58 -7.63
CA ASN A 74 5.46 -2.09 -7.39
C ASN A 74 6.27 -1.20 -6.39
N CYS A 75 6.12 0.12 -6.59
CA CYS A 75 6.78 1.19 -5.78
C CYS A 75 8.31 1.26 -5.79
N LEU A 76 8.94 0.33 -6.50
CA LEU A 76 10.40 0.29 -6.62
C LEU A 76 10.97 0.51 -8.04
N TYR A 77 12.06 1.27 -8.08
CA TYR A 77 12.80 1.60 -9.31
C TYR A 77 14.30 1.76 -9.00
N GLU A 78 15.14 1.04 -9.73
CA GLU A 78 16.60 0.92 -9.41
C GLU A 78 16.82 0.46 -7.94
N GLN A 79 15.90 -0.41 -7.49
CA GLN A 79 15.82 -0.94 -6.11
C GLN A 79 15.43 0.12 -5.03
N ASN A 80 15.15 1.33 -5.45
CA ASN A 80 14.76 2.41 -4.52
C ASN A 80 13.23 2.66 -4.39
N PHE A 81 12.85 3.19 -3.24
CA PHE A 81 11.42 3.49 -2.93
C PHE A 81 10.97 4.85 -3.50
N VAL A 82 10.58 4.83 -4.76
CA VAL A 82 10.25 6.08 -5.52
C VAL A 82 8.81 6.58 -5.44
N CYS A 83 7.97 5.90 -4.68
CA CYS A 83 6.57 6.28 -4.49
C CYS A 83 6.29 7.63 -3.78
N LYS A 84 5.20 8.27 -4.20
CA LYS A 84 4.74 9.60 -3.72
C LYS A 84 3.51 9.51 -2.84
N PHE A 85 3.44 10.37 -1.84
CA PHE A 85 2.34 10.35 -0.86
C PHE A 85 1.78 11.74 -0.46
N ALA A 86 0.52 11.75 -0.04
CA ALA A 86 -0.17 13.00 0.34
C ALA A 86 -1.15 12.81 1.56
N PRO A 87 -1.49 13.91 2.27
CA PRO A 87 -2.46 13.75 3.37
C PRO A 87 -3.87 13.39 2.85
N ARG A 88 -4.57 12.55 3.59
CA ARG A 88 -5.89 12.00 3.13
C ARG A 88 -7.06 11.80 4.09
N GLU A 89 -8.08 11.26 3.46
CA GLU A 89 -9.36 10.86 4.03
C GLU A 89 -9.89 9.67 3.19
N GLY A 90 -10.56 8.72 3.83
CA GLY A 90 -11.10 7.54 3.13
C GLY A 90 -10.21 6.41 2.59
N PHE A 91 -8.88 6.50 2.72
CA PHE A 91 -7.96 5.46 2.19
C PHE A 91 -6.85 4.90 3.16
N ILE A 92 -6.34 3.71 2.81
CA ILE A 92 -5.06 3.13 3.38
C ILE A 92 -4.34 2.19 2.40
N ASN A 93 -3.12 1.82 2.73
CA ASN A 93 -2.33 0.91 1.86
C ASN A 93 -1.40 -0.12 2.56
N TYR A 94 -1.57 -1.39 2.21
CA TYR A 94 -0.68 -2.44 2.75
C TYR A 94 0.70 -2.45 2.11
N LEU A 95 1.72 -2.50 2.95
CA LEU A 95 3.15 -2.58 2.54
C LEU A 95 3.69 -3.99 2.85
N THR A 96 4.67 -4.46 2.10
CA THR A 96 5.32 -5.79 2.41
C THR A 96 6.41 -5.63 3.44
N ARG A 97 6.82 -6.72 4.07
CA ARG A 97 7.94 -6.70 5.06
C ARG A 97 9.26 -6.13 4.54
N GLU A 98 9.44 -6.10 3.23
CA GLU A 98 10.64 -5.49 2.58
C GLU A 98 10.55 -3.95 2.42
N VAL A 99 9.39 -3.44 2.03
CA VAL A 99 9.17 -1.97 1.88
C VAL A 99 8.57 -1.26 3.09
N TYR A 100 7.96 -1.98 4.01
CA TYR A 100 7.40 -1.40 5.24
C TYR A 100 8.48 -0.76 6.13
N ARG A 101 9.69 -1.33 6.11
CA ARG A 101 10.83 -0.77 6.86
C ARG A 101 11.23 0.62 6.36
N SER A 102 11.15 0.80 5.06
CA SER A 102 11.41 2.13 4.41
C SER A 102 10.24 3.11 4.54
N TYR A 103 9.02 2.61 4.41
CA TYR A 103 7.80 3.43 4.60
C TYR A 103 7.68 4.03 6.01
N ARG A 104 8.16 3.31 7.02
CA ARG A 104 8.19 3.81 8.43
C ARG A 104 9.27 4.89 8.68
N GLN A 105 10.26 4.98 7.81
CA GLN A 105 11.30 6.05 7.89
C GLN A 105 10.88 7.41 7.30
N LEU A 106 9.82 7.43 6.49
CA LEU A 106 9.30 8.68 5.90
C LEU A 106 8.00 9.23 6.54
N VAL A 107 7.42 8.46 7.45
CA VAL A 107 6.24 8.89 8.25
C VAL A 107 6.56 9.17 9.74
N ASP A 108 7.71 8.70 10.19
CA ASP A 108 8.20 8.95 11.56
C ASP A 108 9.63 9.54 11.62
N HIS A 109 9.85 10.46 12.54
CA HIS A 109 11.17 11.13 12.73
C HIS A 109 12.23 10.31 13.54
N HIS A 110 11.85 9.13 14.02
CA HIS A 110 12.75 8.29 14.84
C HIS A 110 12.72 6.75 14.57
N HIS A 111 13.90 6.16 14.50
CA HIS A 111 14.03 4.70 14.29
C HIS A 111 13.77 3.87 15.58
N HIS A 112 12.55 3.38 15.71
CA HIS A 112 12.13 2.60 16.90
C HIS A 112 12.76 1.17 17.04
N HIS A 113 13.23 0.86 18.24
CA HIS A 113 13.85 -0.46 18.57
C HIS A 113 13.37 -1.05 19.92
N HIS A 114 13.81 -2.26 20.23
CA HIS A 114 13.51 -2.95 21.51
C HIS A 114 14.75 -3.60 22.17
N GLY A 1 3.43 -23.58 2.48
CA GLY A 1 2.13 -23.61 1.78
C GLY A 1 1.92 -22.35 1.01
N ALA A 2 0.69 -21.90 0.84
CA ALA A 2 0.45 -20.60 0.16
C ALA A 2 0.95 -19.39 1.03
N ASP A 3 0.82 -19.56 2.35
CA ASP A 3 1.38 -18.65 3.39
C ASP A 3 1.20 -17.10 3.26
N CYS A 4 0.16 -16.69 2.55
CA CYS A 4 -0.17 -15.26 2.34
C CYS A 4 -0.65 -14.44 3.58
N LEU A 5 -0.76 -13.14 3.36
CA LEU A 5 -1.23 -12.11 4.35
C LEU A 5 -0.29 -11.80 5.54
N ASN A 6 0.33 -12.83 6.14
CA ASN A 6 1.31 -12.64 7.24
C ASN A 6 2.56 -11.83 6.79
N SER A 7 2.87 -11.88 5.50
CA SER A 7 3.99 -11.12 4.87
C SER A 7 3.74 -9.61 4.69
N PHE A 8 2.60 -9.12 5.16
CA PHE A 8 2.19 -7.71 5.00
C PHE A 8 1.78 -6.94 6.29
N THR A 9 2.00 -5.63 6.26
CA THR A 9 1.63 -4.72 7.39
C THR A 9 1.01 -3.39 6.92
N ALA A 10 -0.08 -2.97 7.54
CA ALA A 10 -0.77 -1.72 7.17
C ALA A 10 -0.03 -0.40 7.61
N GLY A 11 -0.13 0.62 6.77
CA GLY A 11 0.46 1.94 7.08
C GLY A 11 -0.41 2.87 7.93
N VAL A 12 0.11 4.03 8.28
CA VAL A 12 -0.63 5.04 9.09
C VAL A 12 -1.82 5.65 8.32
N PRO A 13 -3.05 5.61 8.89
CA PRO A 13 -4.18 6.18 8.13
C PRO A 13 -4.08 7.71 7.96
N GLY A 14 -4.66 8.19 6.86
CA GLY A 14 -4.53 9.62 6.51
C GLY A 14 -3.37 9.92 5.56
N PHE A 15 -2.34 9.08 5.55
CA PHE A 15 -1.20 9.20 4.61
C PHE A 15 -1.10 8.01 3.65
N VAL A 16 -1.40 8.23 2.36
CA VAL A 16 -1.37 7.14 1.34
C VAL A 16 -0.76 7.49 -0.01
N LEU A 17 -0.52 6.45 -0.80
CA LEU A 17 -0.03 6.56 -2.18
C LEU A 17 -0.96 7.39 -3.13
N ASP A 18 -0.37 8.31 -3.89
CA ASP A 18 -1.11 9.08 -4.91
C ASP A 18 -1.14 8.40 -6.32
N THR A 19 -0.39 7.31 -6.39
CA THR A 19 -0.14 6.46 -7.60
C THR A 19 0.45 7.14 -8.84
N GLN A 20 -0.25 8.10 -9.42
CA GLN A 20 0.20 8.77 -10.66
C GLN A 20 1.54 9.55 -10.57
N ALA A 21 1.86 10.12 -9.41
CA ALA A 21 3.13 10.83 -9.25
C ALA A 21 4.31 9.85 -9.07
N SER A 22 4.04 8.70 -8.45
CA SER A 22 5.08 7.68 -8.25
C SER A 22 5.38 6.89 -9.51
N VAL A 23 4.34 6.60 -10.30
CA VAL A 23 4.53 5.87 -11.60
C VAL A 23 5.21 6.73 -12.65
N SER A 24 5.10 8.04 -12.46
CA SER A 24 5.85 9.03 -13.26
C SER A 24 7.32 9.20 -12.78
N ASN A 25 7.59 8.69 -11.58
CA ASN A 25 8.93 8.72 -10.96
C ASN A 25 9.65 7.34 -11.02
N GLY A 26 8.93 6.34 -11.53
CA GLY A 26 9.46 4.97 -11.72
C GLY A 26 8.67 3.76 -11.21
N ALA A 27 7.62 3.97 -10.43
CA ALA A 27 6.74 2.88 -9.96
C ALA A 27 5.90 2.23 -11.07
N THR A 28 5.42 1.04 -10.80
CA THR A 28 4.55 0.32 -11.75
C THR A 28 3.24 -0.12 -11.16
N PHE A 29 2.17 0.30 -11.80
CA PHE A 29 0.81 -0.15 -11.49
C PHE A 29 0.60 -1.50 -12.22
N LEU A 30 0.55 -2.60 -11.47
CA LEU A 30 0.51 -3.95 -12.08
C LEU A 30 -0.86 -4.65 -12.06
N GLU A 31 -1.48 -4.72 -10.88
CA GLU A 31 -2.80 -5.33 -10.74
C GLU A 31 -3.89 -4.36 -10.20
N SER A 32 -5.11 -4.51 -10.67
CA SER A 32 -6.23 -3.65 -10.22
C SER A 32 -7.57 -4.38 -9.91
N PRO A 33 -7.56 -5.23 -8.86
CA PRO A 33 -8.77 -5.98 -8.49
C PRO A 33 -10.00 -5.16 -8.08
N THR A 34 -11.17 -5.70 -8.41
CA THR A 34 -12.48 -5.10 -8.03
C THR A 34 -13.04 -5.69 -6.71
N VAL A 35 -12.15 -6.23 -5.91
CA VAL A 35 -12.51 -6.86 -4.60
C VAL A 35 -13.10 -5.89 -3.58
N ARG A 36 -13.97 -6.45 -2.74
CA ARG A 36 -14.76 -5.70 -1.73
C ARG A 36 -14.27 -5.72 -0.28
N ARG A 37 -13.12 -6.36 -0.03
CA ARG A 37 -12.48 -6.37 1.33
C ARG A 37 -10.98 -6.04 1.32
N GLY A 38 -10.52 -5.40 2.39
CA GLY A 38 -9.09 -5.09 2.52
C GLY A 38 -8.15 -6.30 2.44
N TRP A 39 -8.49 -7.39 3.12
CA TRP A 39 -7.69 -8.63 3.02
C TRP A 39 -7.78 -9.35 1.66
N ASP A 40 -8.87 -9.14 0.92
CA ASP A 40 -8.98 -9.65 -0.46
C ASP A 40 -8.03 -8.89 -1.42
N CYS A 41 -7.73 -7.64 -1.08
CA CYS A 41 -6.73 -6.83 -1.81
C CYS A 41 -5.28 -7.24 -1.47
N VAL A 42 -5.02 -7.51 -0.19
CA VAL A 42 -3.68 -7.96 0.28
C VAL A 42 -3.30 -9.36 -0.23
N ARG A 43 -4.27 -10.29 -0.24
CA ARG A 43 -4.02 -11.66 -0.79
C ARG A 43 -3.73 -11.65 -2.30
N ALA A 44 -4.23 -10.64 -3.01
CA ALA A 44 -3.90 -10.46 -4.42
C ALA A 44 -2.40 -10.04 -4.59
N CYS A 45 -1.91 -9.17 -3.71
CA CYS A 45 -0.48 -8.74 -3.75
C CYS A 45 0.49 -9.89 -3.40
N CYS A 46 -0.02 -10.90 -2.72
CA CYS A 46 0.73 -12.15 -2.46
C CYS A 46 0.92 -13.01 -3.74
N THR A 47 -0.05 -12.94 -4.66
CA THR A 47 0.01 -13.71 -5.95
C THR A 47 0.60 -12.94 -7.13
N THR A 48 0.55 -11.61 -7.07
CA THR A 48 1.19 -10.74 -8.08
C THR A 48 2.67 -10.58 -7.75
N GLN A 49 3.52 -11.30 -8.45
CA GLN A 49 4.98 -11.40 -8.11
C GLN A 49 5.79 -10.12 -7.83
N ASN A 50 5.52 -9.07 -8.58
CA ASN A 50 6.25 -7.81 -8.42
C ASN A 50 5.46 -6.72 -7.64
N CYS A 51 4.44 -7.14 -6.92
CA CYS A 51 3.65 -6.22 -6.06
C CYS A 51 4.27 -6.00 -4.64
N ASN A 52 4.48 -4.74 -4.29
CA ASN A 52 5.05 -4.36 -2.97
C ASN A 52 4.07 -3.54 -2.09
N LEU A 53 3.10 -2.88 -2.73
CA LEU A 53 2.07 -2.09 -2.06
C LEU A 53 0.64 -2.40 -2.54
N ALA A 54 -0.26 -2.53 -1.57
CA ALA A 54 -1.69 -2.79 -1.83
C ALA A 54 -2.60 -1.64 -1.26
N LEU A 55 -3.01 -0.76 -2.15
CA LEU A 55 -3.80 0.45 -1.85
C LEU A 55 -5.33 0.19 -1.92
N VAL A 56 -6.08 0.69 -0.94
CA VAL A 56 -7.56 0.52 -0.93
C VAL A 56 -8.43 1.76 -0.68
N GLU A 57 -9.62 1.69 -1.28
CA GLU A 57 -10.66 2.72 -1.13
C GLU A 57 -11.63 2.38 0.02
N LEU A 58 -11.81 3.28 0.98
CA LEU A 58 -12.62 3.01 2.19
C LEU A 58 -14.02 3.68 2.38
N GLN A 59 -14.68 3.26 3.45
CA GLN A 59 -16.04 3.71 3.86
C GLN A 59 -17.24 3.32 2.90
N PRO A 60 -17.20 2.12 2.29
CA PRO A 60 -18.34 1.74 1.41
C PRO A 60 -19.64 1.30 2.09
N ASP A 61 -19.51 0.68 3.26
CA ASP A 61 -20.65 0.06 3.98
C ASP A 61 -20.38 -0.42 5.44
N ARG A 62 -19.20 -1.00 5.68
CA ARG A 62 -18.92 -1.76 6.95
C ARG A 62 -17.83 -1.29 7.93
N GLY A 63 -17.06 -0.28 7.54
CA GLY A 63 -16.01 0.27 8.43
C GLY A 63 -14.63 -0.40 8.54
N GLU A 64 -13.92 -0.49 7.42
CA GLU A 64 -12.54 -1.03 7.25
C GLU A 64 -12.58 -2.53 6.98
N ASP A 65 -13.65 -3.15 7.45
CA ASP A 65 -13.95 -4.52 7.12
C ASP A 65 -14.24 -4.72 5.59
N ALA A 66 -14.71 -3.65 4.98
CA ALA A 66 -15.01 -3.61 3.55
C ALA A 66 -14.38 -2.38 2.84
N ILE A 67 -14.13 -2.54 1.55
CA ILE A 67 -13.53 -1.48 0.68
C ILE A 67 -14.31 -1.31 -0.63
N ALA A 68 -14.20 -0.17 -1.29
CA ALA A 68 -14.90 0.06 -2.55
C ALA A 68 -14.07 -0.41 -3.80
N ALA A 69 -12.75 -0.29 -3.71
CA ALA A 69 -11.83 -0.71 -4.78
C ALA A 69 -10.38 -1.05 -4.30
N CYS A 70 -9.65 -1.81 -5.10
CA CYS A 70 -8.27 -2.23 -4.78
C CYS A 70 -7.20 -1.97 -5.90
N PHE A 71 -6.07 -1.39 -5.52
CA PHE A 71 -4.97 -1.04 -6.45
C PHE A 71 -3.57 -1.50 -6.01
N LEU A 72 -2.90 -2.30 -6.83
CA LEU A 72 -1.57 -2.83 -6.51
C LEU A 72 -0.44 -2.14 -7.28
N ILE A 73 0.55 -1.66 -6.55
CA ILE A 73 1.70 -0.91 -7.11
C ILE A 73 3.08 -1.41 -6.61
N ASN A 74 4.04 -1.49 -7.52
CA ASN A 74 5.42 -1.91 -7.17
C ASN A 74 6.20 -0.86 -6.31
N CYS A 75 6.03 0.41 -6.64
CA CYS A 75 6.65 1.56 -5.93
C CYS A 75 8.19 1.62 -5.81
N LEU A 76 8.87 0.76 -6.56
CA LEU A 76 10.33 0.70 -6.61
C LEU A 76 10.89 1.01 -8.02
N TYR A 77 12.06 1.62 -8.03
CA TYR A 77 12.82 1.86 -9.28
C TYR A 77 14.31 1.78 -8.96
N GLU A 78 14.99 0.81 -9.55
CA GLU A 78 16.40 0.47 -9.17
C GLU A 78 16.51 0.24 -7.64
N GLN A 79 15.45 -0.34 -7.08
CA GLN A 79 15.26 -0.61 -5.63
C GLN A 79 15.16 0.65 -4.71
N ASN A 80 15.13 1.83 -5.30
CA ASN A 80 15.16 3.12 -4.52
C ASN A 80 13.90 3.68 -3.82
N PHE A 81 12.87 2.89 -3.89
CA PHE A 81 11.52 3.19 -3.34
C PHE A 81 10.97 4.62 -3.69
N VAL A 82 10.80 4.82 -4.99
CA VAL A 82 10.31 6.09 -5.61
C VAL A 82 8.82 6.42 -5.35
N CYS A 83 8.28 5.81 -4.33
CA CYS A 83 6.89 5.95 -3.91
C CYS A 83 6.51 7.39 -3.45
N LYS A 84 5.36 7.87 -3.92
CA LYS A 84 4.86 9.25 -3.61
C LYS A 84 3.54 9.27 -2.85
N PHE A 85 3.41 10.23 -1.96
CA PHE A 85 2.26 10.28 -1.03
C PHE A 85 1.55 11.63 -0.85
N ALA A 86 0.30 11.55 -0.41
CA ALA A 86 -0.52 12.74 -0.15
C ALA A 86 -1.54 12.52 1.02
N PRO A 87 -1.95 13.61 1.70
CA PRO A 87 -2.96 13.40 2.76
C PRO A 87 -4.34 13.05 2.18
N ARG A 88 -5.05 12.15 2.87
CA ARG A 88 -6.37 11.65 2.41
C ARG A 88 -7.50 11.57 3.44
N GLU A 89 -8.71 11.63 2.91
CA GLU A 89 -9.97 11.62 3.71
C GLU A 89 -10.47 10.28 4.30
N GLY A 90 -9.87 9.18 3.85
CA GLY A 90 -10.25 7.85 4.35
C GLY A 90 -9.42 6.65 3.88
N PHE A 91 -8.67 6.81 2.80
CA PHE A 91 -7.82 5.73 2.24
C PHE A 91 -6.72 5.16 3.16
N ILE A 92 -6.39 3.90 2.89
CA ILE A 92 -5.19 3.22 3.47
C ILE A 92 -4.47 2.29 2.50
N ASN A 93 -3.27 1.92 2.89
CA ASN A 93 -2.48 0.93 2.15
C ASN A 93 -1.58 -0.03 2.98
N TYR A 94 -1.50 -1.27 2.50
CA TYR A 94 -0.63 -2.30 3.08
C TYR A 94 0.71 -2.42 2.34
N LEU A 95 1.76 -2.72 3.08
CA LEU A 95 3.13 -2.87 2.54
C LEU A 95 3.71 -4.24 2.91
N THR A 96 4.71 -4.71 2.15
CA THR A 96 5.36 -6.00 2.49
C THR A 96 6.35 -5.86 3.62
N ARG A 97 6.68 -6.97 4.28
CA ARG A 97 7.69 -7.01 5.39
C ARG A 97 9.11 -6.53 5.02
N GLU A 98 9.32 -6.34 3.73
CA GLU A 98 10.60 -5.84 3.19
C GLU A 98 10.57 -4.33 2.87
N VAL A 99 9.41 -3.85 2.40
CA VAL A 99 9.24 -2.42 2.02
C VAL A 99 8.52 -1.51 3.04
N TYR A 100 7.86 -2.12 4.02
CA TYR A 100 7.18 -1.38 5.12
C TYR A 100 8.17 -0.57 5.98
N ARG A 101 9.43 -1.00 5.97
CA ARG A 101 10.53 -0.34 6.72
C ARG A 101 10.75 1.11 6.27
N SER A 102 10.75 1.30 4.96
CA SER A 102 10.92 2.65 4.35
C SER A 102 9.68 3.52 4.50
N TYR A 103 8.51 2.89 4.45
CA TYR A 103 7.23 3.62 4.65
C TYR A 103 7.14 4.21 6.07
N ARG A 104 7.70 3.50 7.04
CA ARG A 104 7.76 3.96 8.45
C ARG A 104 8.81 5.04 8.73
N GLN A 105 9.85 5.11 7.93
CA GLN A 105 10.89 6.15 8.05
C GLN A 105 10.46 7.55 7.54
N LEU A 106 9.38 7.62 6.77
CA LEU A 106 8.86 8.90 6.23
C LEU A 106 7.53 9.41 6.87
N VAL A 107 6.98 8.61 7.78
CA VAL A 107 5.76 9.00 8.59
C VAL A 107 6.01 9.13 10.09
N ASP A 108 7.22 8.82 10.48
CA ASP A 108 7.66 8.86 11.89
C ASP A 108 9.01 9.60 12.08
N HIS A 109 9.17 10.29 13.19
CA HIS A 109 10.39 11.07 13.49
C HIS A 109 11.25 10.48 14.64
N HIS A 110 10.72 9.44 15.29
CA HIS A 110 11.40 8.78 16.42
C HIS A 110 11.60 7.27 16.21
N HIS A 111 12.57 6.92 15.37
CA HIS A 111 12.85 5.52 15.02
C HIS A 111 13.23 4.62 16.21
N HIS A 112 12.83 3.35 16.16
CA HIS A 112 13.01 2.41 17.28
C HIS A 112 14.46 2.09 17.71
N HIS A 113 14.65 1.95 19.03
CA HIS A 113 15.98 1.68 19.63
C HIS A 113 15.92 0.87 20.95
N HIS A 114 16.94 0.06 21.20
CA HIS A 114 17.04 -0.77 22.44
C HIS A 114 18.48 -1.06 22.92
N GLY A 1 5.38 -15.82 9.57
CA GLY A 1 6.77 -15.90 9.15
C GLY A 1 6.98 -15.17 7.87
N ALA A 2 7.57 -15.81 6.86
CA ALA A 2 7.81 -15.20 5.54
C ALA A 2 6.52 -15.15 4.64
N ASP A 3 5.45 -15.71 5.17
CA ASP A 3 4.14 -15.86 4.49
C ASP A 3 3.32 -14.60 4.06
N CYS A 4 2.52 -14.76 3.01
CA CYS A 4 1.58 -13.69 2.60
C CYS A 4 0.52 -13.39 3.69
N LEU A 5 -0.04 -12.18 3.63
CA LEU A 5 -0.95 -11.59 4.65
C LEU A 5 -0.25 -11.28 6.02
N ASN A 6 0.54 -12.24 6.51
CA ASN A 6 1.33 -12.08 7.75
C ASN A 6 2.60 -11.16 7.55
N SER A 7 3.14 -11.15 6.35
CA SER A 7 4.29 -10.26 5.98
C SER A 7 3.90 -8.82 5.61
N PHE A 8 2.62 -8.48 5.78
CA PHE A 8 2.10 -7.14 5.42
C PHE A 8 1.55 -6.28 6.58
N THR A 9 1.68 -4.96 6.43
CA THR A 9 1.12 -3.97 7.42
C THR A 9 0.45 -2.79 6.70
N ALA A 10 -0.74 -2.39 7.18
CA ALA A 10 -1.56 -1.34 6.56
C ALA A 10 -1.03 0.16 6.55
N GLY A 11 0.28 0.34 6.63
CA GLY A 11 0.87 1.68 6.67
C GLY A 11 0.51 2.51 7.89
N VAL A 12 0.24 3.79 7.65
CA VAL A 12 -0.25 4.76 8.68
C VAL A 12 -1.48 5.48 8.11
N PRO A 13 -2.63 5.48 8.82
CA PRO A 13 -3.82 6.11 8.21
C PRO A 13 -3.73 7.64 8.09
N GLY A 14 -4.44 8.18 7.11
CA GLY A 14 -4.39 9.63 6.81
C GLY A 14 -3.35 10.02 5.74
N PHE A 15 -2.44 9.10 5.44
CA PHE A 15 -1.42 9.27 4.38
C PHE A 15 -1.40 8.08 3.40
N VAL A 16 -1.58 8.35 2.11
CA VAL A 16 -1.59 7.26 1.08
C VAL A 16 -0.94 7.59 -0.26
N LEU A 17 -0.70 6.55 -1.04
CA LEU A 17 -0.15 6.67 -2.40
C LEU A 17 -1.02 7.52 -3.38
N ASP A 18 -0.40 8.48 -4.07
CA ASP A 18 -1.09 9.30 -5.11
C ASP A 18 -1.13 8.61 -6.51
N THR A 19 -0.44 7.49 -6.59
CA THR A 19 -0.23 6.63 -7.80
C THR A 19 0.44 7.27 -9.01
N GLN A 20 -0.20 8.26 -9.62
CA GLN A 20 0.33 8.89 -10.84
C GLN A 20 1.70 9.60 -10.70
N ALA A 21 1.99 10.19 -9.56
CA ALA A 21 3.30 10.86 -9.36
C ALA A 21 4.42 9.84 -9.12
N SER A 22 4.10 8.71 -8.48
CA SER A 22 5.10 7.67 -8.27
C SER A 22 5.43 6.84 -9.50
N VAL A 23 4.41 6.57 -10.33
CA VAL A 23 4.65 5.84 -11.62
C VAL A 23 5.39 6.70 -12.63
N SER A 24 5.32 8.01 -12.42
CA SER A 24 6.14 8.99 -13.19
C SER A 24 7.56 9.14 -12.61
N ASN A 25 7.80 8.56 -11.44
CA ASN A 25 9.11 8.57 -10.76
C ASN A 25 9.81 7.18 -10.82
N GLY A 26 9.08 6.22 -11.38
CA GLY A 26 9.58 4.84 -11.55
C GLY A 26 8.73 3.63 -11.07
N ALA A 27 7.67 3.88 -10.31
CA ALA A 27 6.76 2.81 -9.86
C ALA A 27 5.93 2.20 -11.02
N THR A 28 5.39 1.02 -10.78
CA THR A 28 4.55 0.34 -11.78
C THR A 28 3.19 -0.08 -11.27
N PHE A 29 2.15 0.38 -11.94
CA PHE A 29 0.77 -0.05 -11.66
C PHE A 29 0.52 -1.38 -12.42
N LEU A 30 0.35 -2.48 -11.69
CA LEU A 30 0.26 -3.83 -12.31
C LEU A 30 -1.12 -4.50 -12.30
N GLU A 31 -1.77 -4.55 -11.16
CA GLU A 31 -3.15 -5.09 -11.06
C GLU A 31 -4.12 -4.14 -10.32
N SER A 32 -5.39 -4.19 -10.67
CA SER A 32 -6.44 -3.34 -10.02
C SER A 32 -7.73 -4.12 -9.67
N PRO A 33 -7.68 -5.01 -8.64
CA PRO A 33 -8.86 -5.80 -8.26
C PRO A 33 -10.10 -5.03 -7.78
N THR A 34 -11.25 -5.68 -7.93
CA THR A 34 -12.58 -5.15 -7.48
C THR A 34 -13.12 -5.95 -6.26
N VAL A 35 -12.18 -6.50 -5.50
CA VAL A 35 -12.48 -7.29 -4.27
C VAL A 35 -13.11 -6.46 -3.15
N ARG A 36 -13.90 -7.14 -2.33
CA ARG A 36 -14.68 -6.50 -1.22
C ARG A 36 -14.03 -6.38 0.17
N ARG A 37 -12.82 -6.90 0.35
CA ARG A 37 -12.08 -6.76 1.66
C ARG A 37 -10.62 -6.35 1.55
N GLY A 38 -10.13 -5.66 2.57
CA GLY A 38 -8.72 -5.27 2.60
C GLY A 38 -7.76 -6.46 2.51
N TRP A 39 -8.05 -7.55 3.20
CA TRP A 39 -7.24 -8.78 3.08
C TRP A 39 -7.36 -9.52 1.71
N ASP A 40 -8.49 -9.37 1.01
CA ASP A 40 -8.60 -9.88 -0.37
C ASP A 40 -7.68 -9.08 -1.35
N CYS A 41 -7.44 -7.81 -1.02
CA CYS A 41 -6.50 -6.95 -1.75
C CYS A 41 -5.02 -7.33 -1.47
N VAL A 42 -4.71 -7.62 -0.21
CA VAL A 42 -3.36 -8.07 0.19
C VAL A 42 -2.95 -9.44 -0.41
N ARG A 43 -3.89 -10.40 -0.45
CA ARG A 43 -3.61 -11.72 -1.10
C ARG A 43 -3.48 -11.61 -2.63
N ALA A 44 -4.03 -10.57 -3.23
CA ALA A 44 -3.82 -10.29 -4.67
C ALA A 44 -2.35 -9.81 -4.92
N CYS A 45 -1.81 -9.05 -3.97
CA CYS A 45 -0.39 -8.63 -3.99
C CYS A 45 0.60 -9.82 -3.75
N CYS A 46 0.07 -10.92 -3.19
CA CYS A 46 0.84 -12.17 -3.03
C CYS A 46 1.01 -12.93 -4.38
N THR A 47 -0.05 -12.97 -5.19
CA THR A 47 -0.01 -13.64 -6.52
C THR A 47 0.63 -12.79 -7.61
N THR A 48 0.58 -11.46 -7.44
CA THR A 48 1.24 -10.52 -8.38
C THR A 48 2.70 -10.30 -8.00
N GLN A 49 3.59 -11.01 -8.69
CA GLN A 49 5.03 -11.06 -8.35
C GLN A 49 5.81 -9.74 -8.10
N ASN A 50 5.51 -8.69 -8.83
CA ASN A 50 6.20 -7.39 -8.67
C ASN A 50 5.37 -6.37 -7.82
N CYS A 51 4.38 -6.86 -7.10
CA CYS A 51 3.57 -5.98 -6.20
C CYS A 51 4.14 -5.85 -4.77
N ASN A 52 4.43 -4.63 -4.36
CA ASN A 52 4.92 -4.35 -2.99
C ASN A 52 4.00 -3.36 -2.20
N LEU A 53 2.99 -2.84 -2.87
CA LEU A 53 1.99 -1.91 -2.29
C LEU A 53 0.54 -2.26 -2.71
N ALA A 54 -0.35 -2.32 -1.73
CA ALA A 54 -1.78 -2.59 -1.98
C ALA A 54 -2.70 -1.49 -1.40
N LEU A 55 -3.09 -0.56 -2.25
CA LEU A 55 -3.93 0.60 -1.90
C LEU A 55 -5.45 0.29 -1.88
N VAL A 56 -6.14 0.71 -0.83
CA VAL A 56 -7.62 0.47 -0.70
C VAL A 56 -8.47 1.65 -0.27
N GLU A 57 -9.74 1.59 -0.66
CA GLU A 57 -10.78 2.57 -0.28
C GLU A 57 -11.80 1.92 0.68
N LEU A 58 -12.03 2.52 1.84
CA LEU A 58 -12.92 1.92 2.88
C LEU A 58 -14.42 2.38 2.80
N GLN A 59 -15.15 2.12 3.89
CA GLN A 59 -16.57 2.55 4.09
C GLN A 59 -17.70 2.01 3.16
N PRO A 60 -17.59 0.77 2.62
CA PRO A 60 -18.71 0.31 1.76
C PRO A 60 -19.98 -0.15 2.48
N ASP A 61 -19.83 -0.70 3.68
CA ASP A 61 -20.94 -1.23 4.52
C ASP A 61 -20.50 -1.58 5.97
N ARG A 62 -19.31 -2.16 6.10
CA ARG A 62 -18.75 -2.64 7.41
C ARG A 62 -17.68 -1.79 8.08
N GLY A 63 -17.38 -0.67 7.46
CA GLY A 63 -16.35 0.27 7.93
C GLY A 63 -14.96 0.08 7.35
N GLU A 64 -14.16 -0.77 7.96
CA GLU A 64 -12.75 -1.05 7.52
C GLU A 64 -12.44 -2.53 7.21
N ASP A 65 -13.23 -3.45 7.76
CA ASP A 65 -13.14 -4.89 7.43
C ASP A 65 -13.56 -5.23 5.97
N ALA A 66 -14.20 -4.24 5.35
CA ALA A 66 -14.64 -4.31 3.96
C ALA A 66 -14.19 -3.04 3.19
N ILE A 67 -14.01 -3.18 1.89
CA ILE A 67 -13.53 -2.07 1.04
C ILE A 67 -14.34 -1.88 -0.27
N ALA A 68 -14.27 -0.67 -0.81
CA ALA A 68 -14.95 -0.30 -2.05
C ALA A 68 -14.09 -0.60 -3.32
N ALA A 69 -12.78 -0.44 -3.19
CA ALA A 69 -11.85 -0.68 -4.32
C ALA A 69 -10.39 -1.08 -3.91
N CYS A 70 -9.68 -1.77 -4.82
CA CYS A 70 -8.27 -2.21 -4.59
C CYS A 70 -7.28 -1.96 -5.77
N PHE A 71 -6.16 -1.32 -5.48
CA PHE A 71 -5.10 -1.08 -6.48
C PHE A 71 -3.69 -1.56 -6.08
N LEU A 72 -3.04 -2.30 -6.95
CA LEU A 72 -1.68 -2.84 -6.68
C LEU A 72 -0.58 -2.09 -7.43
N ILE A 73 0.44 -1.67 -6.68
CA ILE A 73 1.60 -0.92 -7.24
C ILE A 73 2.97 -1.45 -6.76
N ASN A 74 3.94 -1.49 -7.66
CA ASN A 74 5.32 -1.90 -7.34
C ASN A 74 6.06 -0.93 -6.34
N CYS A 75 6.00 0.36 -6.66
CA CYS A 75 6.66 1.47 -5.88
C CYS A 75 8.18 1.43 -5.72
N LEU A 76 8.83 0.50 -6.41
CA LEU A 76 10.29 0.39 -6.45
C LEU A 76 10.88 0.56 -7.87
N TYR A 77 12.03 1.23 -7.93
CA TYR A 77 12.77 1.49 -9.18
C TYR A 77 14.27 1.55 -8.87
N GLU A 78 15.06 0.76 -9.59
CA GLU A 78 16.52 0.58 -9.28
C GLU A 78 16.75 0.19 -7.81
N GLN A 79 15.81 -0.60 -7.29
CA GLN A 79 15.75 -1.05 -5.86
C GLN A 79 15.50 0.08 -4.83
N ASN A 80 15.22 1.27 -5.34
CA ASN A 80 14.90 2.42 -4.49
C ASN A 80 13.39 2.67 -4.30
N PHE A 81 13.04 3.28 -3.17
CA PHE A 81 11.63 3.57 -2.82
C PHE A 81 11.09 4.90 -3.42
N VAL A 82 10.76 4.84 -4.71
CA VAL A 82 10.28 6.00 -5.50
C VAL A 82 8.79 6.35 -5.29
N CYS A 83 8.23 5.71 -4.28
CA CYS A 83 6.85 5.88 -3.88
C CYS A 83 6.45 7.34 -3.43
N LYS A 84 5.36 7.86 -3.98
CA LYS A 84 4.88 9.25 -3.70
C LYS A 84 3.53 9.28 -2.97
N PHE A 85 3.38 10.24 -2.05
CA PHE A 85 2.19 10.29 -1.18
C PHE A 85 1.45 11.64 -1.01
N ALA A 86 0.20 11.53 -0.57
CA ALA A 86 -0.64 12.68 -0.29
C ALA A 86 -1.61 12.42 0.92
N PRO A 87 -2.05 13.50 1.63
CA PRO A 87 -2.98 13.27 2.74
C PRO A 87 -4.37 12.82 2.26
N ARG A 88 -5.06 12.03 3.08
CA ARG A 88 -6.38 11.44 2.70
C ARG A 88 -7.39 11.14 3.82
N GLU A 89 -8.61 10.90 3.38
CA GLU A 89 -9.73 10.49 4.24
C GLU A 89 -10.46 9.34 3.50
N GLY A 90 -10.75 8.27 4.21
CA GLY A 90 -11.35 7.08 3.60
C GLY A 90 -10.42 6.09 2.87
N PHE A 91 -9.10 6.25 2.98
CA PHE A 91 -8.10 5.35 2.32
C PHE A 91 -6.89 4.88 3.18
N ILE A 92 -6.42 3.68 2.88
CA ILE A 92 -5.12 3.16 3.41
C ILE A 92 -4.34 2.30 2.39
N ASN A 93 -3.11 1.96 2.72
CA ASN A 93 -2.32 1.04 1.87
C ASN A 93 -1.42 0.05 2.63
N TYR A 94 -1.48 -1.20 2.21
CA TYR A 94 -0.65 -2.25 2.81
C TYR A 94 0.75 -2.32 2.19
N LEU A 95 1.75 -2.38 3.06
CA LEU A 95 3.16 -2.46 2.69
C LEU A 95 3.73 -3.83 3.09
N THR A 96 4.75 -4.29 2.37
CA THR A 96 5.42 -5.58 2.72
C THR A 96 6.52 -5.37 3.76
N ARG A 97 6.98 -6.44 4.39
CA ARG A 97 8.11 -6.39 5.36
C ARG A 97 9.41 -5.78 4.78
N GLU A 98 9.53 -5.82 3.47
CA GLU A 98 10.66 -5.21 2.70
C GLU A 98 10.54 -3.66 2.52
N VAL A 99 9.34 -3.16 2.27
CA VAL A 99 9.11 -1.68 2.07
C VAL A 99 8.43 -0.91 3.20
N TYR A 100 7.85 -1.60 4.16
CA TYR A 100 7.23 -0.96 5.34
C TYR A 100 8.22 -0.16 6.21
N ARG A 101 9.47 -0.62 6.25
CA ARG A 101 10.53 0.11 7.00
C ARG A 101 10.81 1.50 6.45
N SER A 102 10.84 1.60 5.12
CA SER A 102 11.01 2.91 4.44
C SER A 102 9.78 3.80 4.55
N TYR A 103 8.60 3.20 4.46
CA TYR A 103 7.32 3.92 4.60
C TYR A 103 7.15 4.61 5.95
N ARG A 104 7.66 3.98 7.02
CA ARG A 104 7.66 4.59 8.36
C ARG A 104 8.71 5.70 8.55
N GLN A 105 9.85 5.58 7.90
CA GLN A 105 10.93 6.59 8.01
C GLN A 105 10.61 7.94 7.34
N LEU A 106 9.61 7.97 6.47
CA LEU A 106 9.18 9.22 5.82
C LEU A 106 7.91 9.86 6.47
N VAL A 107 7.37 9.18 7.47
CA VAL A 107 6.24 9.74 8.29
C VAL A 107 6.56 9.95 9.76
N ASP A 108 7.42 9.13 10.35
CA ASP A 108 7.80 9.29 11.77
C ASP A 108 8.73 10.51 12.04
N HIS A 109 9.58 10.85 11.07
CA HIS A 109 10.51 11.99 11.18
C HIS A 109 9.82 13.39 11.03
N HIS A 110 8.58 13.40 10.56
CA HIS A 110 7.79 14.64 10.36
C HIS A 110 6.86 14.96 11.57
N HIS A 111 6.77 14.01 12.49
CA HIS A 111 5.85 14.12 13.66
C HIS A 111 6.50 13.73 15.01
N HIS A 112 5.79 13.94 16.10
CA HIS A 112 6.27 13.63 17.48
C HIS A 112 6.36 12.12 17.88
N HIS A 113 7.02 11.32 17.04
CA HIS A 113 7.21 9.88 17.29
C HIS A 113 8.31 9.53 18.32
N HIS A 114 8.06 8.51 19.13
CA HIS A 114 8.98 8.01 20.19
C HIS A 114 9.14 6.47 20.22
N GLY A 1 2.80 -17.59 10.79
CA GLY A 1 3.52 -18.81 10.42
C GLY A 1 4.11 -18.67 9.06
N ALA A 2 4.15 -19.74 8.28
CA ALA A 2 4.66 -19.70 6.90
C ALA A 2 3.68 -19.02 5.86
N ASP A 3 2.60 -18.46 6.40
CA ASP A 3 1.55 -17.80 5.61
C ASP A 3 1.95 -16.53 4.82
N CYS A 4 1.54 -16.41 3.56
CA CYS A 4 1.85 -15.21 2.77
C CYS A 4 1.26 -13.91 3.36
N LEU A 5 0.12 -14.04 4.06
CA LEU A 5 -0.53 -12.91 4.75
C LEU A 5 0.14 -12.54 6.10
N ASN A 6 1.23 -13.22 6.43
CA ASN A 6 2.06 -12.88 7.60
C ASN A 6 3.41 -12.21 7.16
N SER A 7 3.52 -11.92 5.87
CA SER A 7 4.71 -11.24 5.26
C SER A 7 4.50 -9.76 4.91
N PHE A 8 3.37 -9.21 5.36
CA PHE A 8 2.96 -7.82 5.05
C PHE A 8 2.53 -6.98 6.31
N THR A 9 2.35 -5.66 6.16
CA THR A 9 1.99 -4.75 7.28
C THR A 9 1.26 -3.48 6.81
N ALA A 10 0.21 -3.08 7.51
CA ALA A 10 -0.52 -1.85 7.16
C ALA A 10 0.29 -0.53 7.42
N GLY A 11 0.23 0.42 6.48
CA GLY A 11 0.96 1.69 6.60
C GLY A 11 0.29 2.82 7.36
N VAL A 12 -0.68 2.47 8.21
CA VAL A 12 -1.55 3.38 9.05
C VAL A 12 -2.37 4.48 8.32
N PRO A 13 -3.57 4.81 8.85
CA PRO A 13 -4.35 5.83 8.14
C PRO A 13 -3.87 7.29 8.28
N GLY A 14 -4.33 8.11 7.36
CA GLY A 14 -3.98 9.54 7.31
C GLY A 14 -3.15 9.92 6.10
N PHE A 15 -2.31 8.99 5.64
CA PHE A 15 -1.47 9.18 4.44
C PHE A 15 -1.52 8.04 3.42
N VAL A 16 -1.84 8.36 2.17
CA VAL A 16 -1.84 7.36 1.07
C VAL A 16 -1.15 7.74 -0.23
N LEU A 17 -0.92 6.70 -1.04
CA LEU A 17 -0.24 6.80 -2.34
C LEU A 17 -0.87 7.68 -3.44
N ASP A 18 -0.03 8.55 -3.98
CA ASP A 18 -0.34 9.28 -5.23
C ASP A 18 0.27 8.46 -6.39
N THR A 19 -0.50 7.54 -6.93
CA THR A 19 0.06 6.57 -7.91
C THR A 19 0.50 7.11 -9.24
N GLN A 20 -0.21 8.07 -9.81
CA GLN A 20 0.21 8.67 -11.07
C GLN A 20 1.48 9.52 -10.88
N ALA A 21 1.79 9.80 -9.62
CA ALA A 21 3.00 10.57 -9.29
C ALA A 21 4.21 9.64 -9.06
N SER A 22 3.97 8.46 -8.50
CA SER A 22 5.05 7.49 -8.29
C SER A 22 5.38 6.71 -9.55
N VAL A 23 4.38 6.43 -10.37
CA VAL A 23 4.61 5.72 -11.67
C VAL A 23 5.33 6.61 -12.68
N SER A 24 5.22 7.91 -12.47
CA SER A 24 5.97 8.90 -13.24
C SER A 24 7.38 9.13 -12.66
N ASN A 25 7.62 8.54 -11.49
CA ASN A 25 8.90 8.58 -10.79
C ASN A 25 9.67 7.22 -10.84
N GLY A 26 9.00 6.19 -11.35
CA GLY A 26 9.59 4.85 -11.53
C GLY A 26 8.76 3.62 -11.11
N ALA A 27 7.71 3.83 -10.34
CA ALA A 27 6.78 2.77 -9.91
C ALA A 27 5.96 2.16 -11.07
N THR A 28 5.34 1.04 -10.77
CA THR A 28 4.46 0.38 -11.74
C THR A 28 3.11 -0.01 -11.17
N PHE A 29 2.07 0.45 -11.84
CA PHE A 29 0.70 0.05 -11.53
C PHE A 29 0.37 -1.29 -12.25
N LEU A 30 0.71 -2.38 -11.58
CA LEU A 30 0.62 -3.75 -12.16
C LEU A 30 -0.79 -4.37 -12.14
N GLU A 31 -1.41 -4.47 -10.96
CA GLU A 31 -2.77 -5.01 -10.82
C GLU A 31 -3.77 -4.01 -10.23
N SER A 32 -5.03 -4.16 -10.59
CA SER A 32 -6.10 -3.30 -10.01
C SER A 32 -7.41 -4.09 -9.74
N PRO A 33 -7.36 -5.08 -8.81
CA PRO A 33 -8.55 -5.93 -8.60
C PRO A 33 -9.76 -5.29 -7.92
N THR A 34 -10.93 -5.61 -8.46
CA THR A 34 -12.27 -5.10 -7.97
C THR A 34 -12.85 -5.85 -6.74
N VAL A 35 -11.95 -6.27 -5.87
CA VAL A 35 -12.33 -6.98 -4.61
C VAL A 35 -13.07 -6.09 -3.61
N ARG A 36 -13.77 -6.72 -2.67
CA ARG A 36 -14.65 -6.01 -1.70
C ARG A 36 -14.21 -6.06 -0.24
N ARG A 37 -13.03 -6.62 -0.01
CA ARG A 37 -12.46 -6.74 1.37
C ARG A 37 -10.99 -6.37 1.48
N GLY A 38 -10.61 -5.74 2.59
CA GLY A 38 -9.20 -5.34 2.78
C GLY A 38 -8.23 -6.52 2.68
N TRP A 39 -8.59 -7.63 3.30
CA TRP A 39 -7.81 -8.89 3.17
C TRP A 39 -7.76 -9.50 1.75
N ASP A 40 -8.81 -9.27 0.96
CA ASP A 40 -8.79 -9.71 -0.44
C ASP A 40 -7.79 -8.89 -1.30
N CYS A 41 -7.55 -7.65 -0.90
CA CYS A 41 -6.56 -6.79 -1.57
C CYS A 41 -5.10 -7.21 -1.25
N VAL A 42 -4.79 -7.47 0.02
CA VAL A 42 -3.43 -7.88 0.39
C VAL A 42 -3.01 -9.29 -0.07
N ARG A 43 -3.99 -10.21 -0.17
CA ARG A 43 -3.74 -11.57 -0.75
C ARG A 43 -3.54 -11.52 -2.25
N ALA A 44 -4.10 -10.50 -2.87
CA ALA A 44 -3.89 -10.24 -4.30
C ALA A 44 -2.44 -9.71 -4.55
N CYS A 45 -1.88 -8.98 -3.60
CA CYS A 45 -0.47 -8.54 -3.68
C CYS A 45 0.53 -9.73 -3.52
N CYS A 46 0.07 -10.82 -2.92
CA CYS A 46 0.86 -12.07 -2.84
C CYS A 46 0.96 -12.79 -4.20
N THR A 47 -0.13 -12.77 -4.98
CA THR A 47 -0.16 -13.42 -6.32
C THR A 47 0.41 -12.57 -7.45
N THR A 48 0.36 -11.25 -7.30
CA THR A 48 1.02 -10.32 -8.25
C THR A 48 2.50 -10.19 -7.93
N GLN A 49 3.32 -10.87 -8.70
CA GLN A 49 4.78 -11.02 -8.43
C GLN A 49 5.66 -9.83 -8.02
N ASN A 50 5.45 -8.69 -8.64
CA ASN A 50 6.22 -7.49 -8.35
C ASN A 50 5.45 -6.46 -7.51
N CYS A 51 4.37 -6.91 -6.89
CA CYS A 51 3.60 -6.03 -5.97
C CYS A 51 4.22 -5.90 -4.56
N ASN A 52 4.46 -4.65 -4.17
CA ASN A 52 4.98 -4.33 -2.83
C ASN A 52 4.04 -3.39 -2.01
N LEU A 53 3.06 -2.79 -2.69
CA LEU A 53 2.04 -1.97 -2.05
C LEU A 53 0.62 -2.29 -2.54
N ALA A 54 -0.28 -2.38 -1.58
CA ALA A 54 -1.70 -2.65 -1.80
C ALA A 54 -2.62 -1.49 -1.29
N LEU A 55 -3.00 -0.61 -2.22
CA LEU A 55 -3.82 0.59 -1.95
C LEU A 55 -5.33 0.26 -2.00
N VAL A 56 -6.10 0.77 -1.03
CA VAL A 56 -7.58 0.51 -0.98
C VAL A 56 -8.52 1.69 -0.75
N GLU A 57 -9.68 1.59 -1.40
CA GLU A 57 -10.78 2.56 -1.27
C GLU A 57 -11.79 2.12 -0.19
N LEU A 58 -11.86 2.89 0.88
CA LEU A 58 -12.63 2.53 2.10
C LEU A 58 -14.07 3.07 2.31
N GLN A 59 -14.65 2.62 3.43
CA GLN A 59 -16.00 3.01 3.91
C GLN A 59 -17.23 2.60 3.03
N PRO A 60 -17.21 1.36 2.47
CA PRO A 60 -18.35 0.89 1.65
C PRO A 60 -19.61 0.45 2.42
N ASP A 61 -19.40 -0.14 3.58
CA ASP A 61 -20.45 -0.72 4.42
C ASP A 61 -20.05 -0.85 5.92
N ARG A 62 -18.79 -1.23 6.16
CA ARG A 62 -18.29 -1.57 7.52
C ARG A 62 -17.00 -0.93 8.09
N GLY A 63 -16.13 -0.45 7.22
CA GLY A 63 -14.83 0.12 7.63
C GLY A 63 -13.73 -0.19 6.63
N GLU A 64 -12.79 -1.05 7.03
CA GLU A 64 -11.69 -1.52 6.13
C GLU A 64 -11.70 -3.05 5.90
N ASP A 65 -12.39 -3.79 6.76
CA ASP A 65 -12.64 -5.24 6.54
C ASP A 65 -13.44 -5.45 5.24
N ALA A 66 -14.15 -4.39 4.88
CA ALA A 66 -14.86 -4.28 3.62
C ALA A 66 -14.32 -3.02 2.90
N ILE A 67 -14.07 -3.12 1.61
CA ILE A 67 -13.57 -2.00 0.77
C ILE A 67 -14.35 -1.90 -0.54
N ALA A 68 -14.28 -0.76 -1.18
CA ALA A 68 -14.93 -0.50 -2.45
C ALA A 68 -14.08 -1.00 -3.67
N ALA A 69 -12.77 -0.78 -3.59
CA ALA A 69 -11.83 -1.19 -4.65
C ALA A 69 -10.35 -1.38 -4.16
N CYS A 70 -9.56 -2.12 -4.95
CA CYS A 70 -8.12 -2.36 -4.64
C CYS A 70 -7.13 -2.07 -5.81
N PHE A 71 -6.07 -1.34 -5.50
CA PHE A 71 -5.02 -0.97 -6.48
C PHE A 71 -3.59 -1.39 -6.04
N LEU A 72 -2.97 -2.28 -6.81
CA LEU A 72 -1.62 -2.80 -6.48
C LEU A 72 -0.50 -2.09 -7.26
N ILE A 73 0.49 -1.62 -6.52
CA ILE A 73 1.63 -0.86 -7.09
C ILE A 73 3.02 -1.38 -6.64
N ASN A 74 3.97 -1.45 -7.58
CA ASN A 74 5.35 -1.87 -7.25
C ASN A 74 6.09 -0.87 -6.31
N CYS A 75 5.97 0.41 -6.62
CA CYS A 75 6.58 1.55 -5.87
C CYS A 75 8.11 1.54 -5.75
N LEU A 76 8.75 0.64 -6.51
CA LEU A 76 10.21 0.48 -6.55
C LEU A 76 10.79 0.69 -7.97
N TYR A 77 11.94 1.33 -8.00
CA TYR A 77 12.71 1.62 -9.22
C TYR A 77 14.20 1.66 -8.93
N GLU A 78 14.97 0.85 -9.65
CA GLU A 78 16.42 0.66 -9.41
C GLU A 78 16.69 0.22 -7.94
N GLN A 79 15.75 -0.58 -7.43
CA GLN A 79 15.70 -1.08 -6.03
C GLN A 79 15.36 0.00 -4.96
N ASN A 80 15.07 1.22 -5.42
CA ASN A 80 14.74 2.34 -4.52
C ASN A 80 13.25 2.63 -4.37
N PHE A 81 12.89 3.21 -3.24
CA PHE A 81 11.48 3.51 -2.90
C PHE A 81 10.99 4.88 -3.42
N VAL A 82 10.68 4.90 -4.71
CA VAL A 82 10.22 6.13 -5.45
C VAL A 82 8.73 6.46 -5.23
N CYS A 83 8.16 5.85 -4.21
CA CYS A 83 6.77 5.99 -3.83
C CYS A 83 6.36 7.42 -3.34
N LYS A 84 5.23 7.92 -3.86
CA LYS A 84 4.72 9.29 -3.54
C LYS A 84 3.48 9.26 -2.67
N PHE A 85 3.35 10.24 -1.79
CA PHE A 85 2.21 10.29 -0.83
C PHE A 85 1.55 11.66 -0.57
N ALA A 86 0.31 11.60 -0.11
CA ALA A 86 -0.45 12.79 0.26
C ALA A 86 -1.47 12.52 1.41
N PRO A 87 -1.86 13.58 2.16
CA PRO A 87 -2.91 13.35 3.17
C PRO A 87 -4.27 13.10 2.52
N ARG A 88 -5.10 12.30 3.17
CA ARG A 88 -6.43 11.90 2.59
C ARG A 88 -7.65 11.83 3.53
N GLU A 89 -8.81 11.64 2.93
CA GLU A 89 -10.11 11.54 3.65
C GLU A 89 -10.53 10.15 4.23
N GLY A 90 -10.10 9.06 3.60
CA GLY A 90 -10.48 7.71 4.06
C GLY A 90 -9.63 6.51 3.62
N PHE A 91 -8.99 6.56 2.46
CA PHE A 91 -8.14 5.45 1.94
C PHE A 91 -7.00 4.95 2.87
N ILE A 92 -6.53 3.75 2.56
CA ILE A 92 -5.28 3.22 3.17
C ILE A 92 -4.45 2.42 2.20
N ASN A 93 -3.24 2.13 2.65
CA ASN A 93 -2.35 1.24 1.92
C ASN A 93 -1.53 0.26 2.80
N TYR A 94 -1.46 -0.97 2.35
CA TYR A 94 -0.67 -2.02 2.98
C TYR A 94 0.68 -2.20 2.25
N LEU A 95 1.71 -2.51 3.00
CA LEU A 95 3.07 -2.69 2.46
C LEU A 95 3.59 -4.08 2.79
N THR A 96 4.67 -4.50 2.15
CA THR A 96 5.30 -5.82 2.48
C THR A 96 6.48 -5.66 3.41
N ARG A 97 6.93 -6.76 3.99
CA ARG A 97 8.08 -6.79 4.93
C ARG A 97 9.38 -6.19 4.38
N GLU A 98 9.51 -6.17 3.07
CA GLU A 98 10.72 -5.65 2.41
C GLU A 98 10.67 -4.14 2.20
N VAL A 99 9.45 -3.66 2.00
CA VAL A 99 9.22 -2.23 1.66
C VAL A 99 8.56 -1.34 2.71
N TYR A 100 7.93 -1.95 3.72
CA TYR A 100 7.38 -1.21 4.88
C TYR A 100 8.50 -0.51 5.65
N ARG A 101 9.72 -1.05 5.54
CA ARG A 101 10.94 -0.46 6.14
C ARG A 101 11.21 0.97 5.62
N SER A 102 11.02 1.13 4.33
CA SER A 102 11.21 2.42 3.62
C SER A 102 10.02 3.36 3.73
N TYR A 103 8.83 2.80 3.86
CA TYR A 103 7.61 3.61 4.08
C TYR A 103 7.61 4.27 5.47
N ARG A 104 8.16 3.59 6.45
CA ARG A 104 8.25 4.15 7.83
C ARG A 104 9.39 5.14 8.03
N GLN A 105 10.49 5.00 7.32
CA GLN A 105 11.64 5.91 7.47
C GLN A 105 11.37 7.37 7.00
N LEU A 106 10.25 7.55 6.32
CA LEU A 106 9.84 8.87 5.77
C LEU A 106 8.58 9.50 6.45
N VAL A 107 7.98 8.76 7.37
CA VAL A 107 6.85 9.28 8.22
C VAL A 107 7.10 9.36 9.73
N ASP A 108 8.11 8.63 10.20
CA ASP A 108 8.47 8.63 11.62
C ASP A 108 9.51 9.71 12.07
N HIS A 109 9.40 10.08 13.33
CA HIS A 109 10.28 11.08 13.97
C HIS A 109 11.74 10.64 14.21
N HIS A 110 12.64 11.62 14.26
CA HIS A 110 14.08 11.39 14.52
C HIS A 110 14.53 11.95 15.89
N HIS A 111 15.78 11.70 16.27
CA HIS A 111 16.34 12.29 17.50
C HIS A 111 16.60 13.82 17.33
N HIS A 112 15.67 14.62 17.80
CA HIS A 112 15.75 16.09 17.65
C HIS A 112 16.93 16.76 18.40
N HIS A 113 17.44 17.83 17.81
CA HIS A 113 18.60 18.60 18.35
C HIS A 113 18.41 20.13 18.20
N HIS A 114 17.15 20.51 18.03
CA HIS A 114 16.73 21.88 17.69
C HIS A 114 15.28 22.21 18.15
#